data_1X4J
#
_entry.id   1X4J
#
loop_
_entity.id
_entity.type
_entity.pdbx_description
1 polymer 'RING finger protein 38'
2 non-polymer 'ZINC ION'
#
_entity_poly.entity_id   1
_entity_poly.type   'polypeptide(L)'
_entity_poly.pdbx_seq_one_letter_code
;GSSGSSGQLPSYRFNPNNHQSEQTLCVVCMCDFESRQLLRVLPCNHEFHAKCVDKWLKANRTCPICRADSGPSSG
;
_entity_poly.pdbx_strand_id   A
#
loop_
_chem_comp.id
_chem_comp.type
_chem_comp.name
_chem_comp.formula
ZN non-polymer 'ZINC ION' 'Zn 2'
#
# COMPACT_ATOMS: atom_id res chain seq x y z
N GLY A 1 8.23 -22.02 -1.67
CA GLY A 1 9.54 -22.06 -2.30
C GLY A 1 10.24 -20.72 -2.27
N SER A 2 10.39 -20.11 -3.45
CA SER A 2 11.05 -18.81 -3.56
C SER A 2 10.51 -17.84 -2.51
N SER A 3 11.41 -17.09 -1.87
CA SER A 3 11.03 -16.13 -0.86
C SER A 3 12.10 -15.06 -0.70
N GLY A 4 11.66 -13.84 -0.39
CA GLY A 4 12.59 -12.74 -0.21
C GLY A 4 11.90 -11.43 0.10
N SER A 5 12.27 -10.82 1.21
CA SER A 5 11.67 -9.55 1.63
C SER A 5 12.60 -8.78 2.56
N SER A 6 13.06 -7.63 2.09
CA SER A 6 13.97 -6.80 2.89
C SER A 6 13.25 -6.22 4.11
N GLY A 7 12.09 -5.62 3.87
CA GLY A 7 11.32 -5.04 4.95
C GLY A 7 10.61 -3.77 4.55
N GLN A 8 10.19 -3.69 3.28
CA GLN A 8 9.50 -2.52 2.77
C GLN A 8 8.53 -2.91 1.67
N LEU A 9 7.54 -2.04 1.43
CA LEU A 9 6.53 -2.30 0.41
C LEU A 9 7.02 -1.83 -0.97
N PRO A 10 6.55 -2.51 -2.02
CA PRO A 10 6.93 -2.18 -3.40
C PRO A 10 6.35 -0.86 -3.87
N SER A 11 7.21 0.01 -4.40
CA SER A 11 6.78 1.32 -4.88
C SER A 11 6.61 1.32 -6.39
N TYR A 12 5.45 1.76 -6.86
CA TYR A 12 5.17 1.81 -8.29
C TYR A 12 4.08 2.83 -8.59
N ARG A 13 4.13 3.40 -9.79
CA ARG A 13 3.14 4.39 -10.20
C ARG A 13 1.91 3.73 -10.81
N PHE A 14 0.73 4.12 -10.33
CA PHE A 14 -0.51 3.55 -10.82
C PHE A 14 -0.54 3.54 -12.35
N ASN A 15 -1.31 2.60 -12.91
CA ASN A 15 -1.42 2.48 -14.36
C ASN A 15 -2.88 2.45 -14.79
N PRO A 16 -3.32 3.51 -15.48
CA PRO A 16 -4.69 3.64 -15.97
C PRO A 16 -5.00 2.66 -17.10
N ASN A 17 -3.98 1.91 -17.51
CA ASN A 17 -4.14 0.93 -18.59
C ASN A 17 -4.30 -0.48 -18.03
N ASN A 18 -3.44 -0.83 -17.07
CA ASN A 18 -3.49 -2.14 -16.45
C ASN A 18 -3.90 -2.04 -14.99
N HIS A 19 -5.16 -2.35 -14.71
CA HIS A 19 -5.68 -2.30 -13.35
C HIS A 19 -5.17 -3.47 -12.52
N GLN A 20 -3.94 -3.35 -12.02
CA GLN A 20 -3.33 -4.41 -11.22
C GLN A 20 -4.36 -5.02 -10.26
N SER A 21 -5.26 -4.18 -9.75
CA SER A 21 -6.28 -4.63 -8.83
C SER A 21 -7.66 -4.13 -9.25
N GLU A 22 -8.58 -5.07 -9.42
CA GLU A 22 -9.94 -4.72 -9.83
C GLU A 22 -10.39 -3.41 -9.18
N GLN A 23 -10.21 -3.32 -7.86
CA GLN A 23 -10.59 -2.12 -7.12
C GLN A 23 -9.37 -1.46 -6.48
N THR A 24 -9.15 -0.20 -6.81
CA THR A 24 -8.01 0.54 -6.29
C THR A 24 -8.48 1.81 -5.58
N LEU A 25 -8.52 1.77 -4.25
CA LEU A 25 -8.95 2.91 -3.46
C LEU A 25 -8.13 3.03 -2.18
N CYS A 26 -8.03 4.24 -1.64
CA CYS A 26 -7.27 4.48 -0.43
C CYS A 26 -8.22 4.62 0.78
N VAL A 27 -8.23 3.60 1.63
CA VAL A 27 -9.09 3.62 2.80
C VAL A 27 -8.67 4.72 3.78
N VAL A 28 -7.42 5.15 3.66
CA VAL A 28 -6.89 6.21 4.52
C VAL A 28 -7.58 7.54 4.24
N CYS A 29 -7.44 8.02 3.01
CA CYS A 29 -8.05 9.29 2.60
C CYS A 29 -9.27 9.06 1.72
N MET A 30 -9.88 7.88 1.87
CA MET A 30 -11.05 7.53 1.09
C MET A 30 -10.99 8.15 -0.31
N CYS A 31 -9.81 8.14 -0.90
CA CYS A 31 -9.62 8.70 -2.24
C CYS A 31 -8.86 7.73 -3.13
N ASP A 32 -9.22 7.71 -4.41
CA ASP A 32 -8.57 6.83 -5.37
C ASP A 32 -7.17 7.33 -5.72
N PHE A 33 -6.35 6.45 -6.29
CA PHE A 33 -4.99 6.81 -6.66
C PHE A 33 -4.92 7.21 -8.13
N GLU A 34 -4.09 8.21 -8.42
CA GLU A 34 -3.93 8.69 -9.78
C GLU A 34 -2.69 8.09 -10.43
N SER A 35 -2.58 8.24 -11.75
CA SER A 35 -1.44 7.70 -12.49
C SER A 35 -0.20 8.55 -12.26
N ARG A 36 0.96 7.92 -12.40
CA ARG A 36 2.23 8.61 -12.20
C ARG A 36 2.35 9.13 -10.76
N GLN A 37 1.89 8.33 -9.82
CA GLN A 37 1.94 8.71 -8.40
C GLN A 37 2.54 7.59 -7.56
N LEU A 38 3.37 7.97 -6.59
CA LEU A 38 4.00 6.99 -5.71
C LEU A 38 2.98 6.34 -4.78
N LEU A 39 2.58 5.12 -5.12
CA LEU A 39 1.60 4.39 -4.31
C LEU A 39 2.24 3.17 -3.65
N ARG A 40 1.47 2.49 -2.80
CA ARG A 40 1.97 1.30 -2.12
C ARG A 40 0.89 0.22 -2.08
N VAL A 41 1.32 -1.02 -1.85
CA VAL A 41 0.40 -2.15 -1.79
C VAL A 41 0.70 -3.03 -0.58
N LEU A 42 -0.22 -3.07 0.37
CA LEU A 42 -0.05 -3.89 1.57
C LEU A 42 0.08 -5.37 1.21
N PRO A 43 0.68 -6.15 2.13
CA PRO A 43 0.87 -7.58 1.92
C PRO A 43 -0.44 -8.37 1.98
N CYS A 44 -1.55 -7.63 2.12
CA CYS A 44 -2.86 -8.25 2.18
C CYS A 44 -3.65 -8.00 0.90
N ASN A 45 -2.95 -7.56 -0.14
CA ASN A 45 -3.59 -7.27 -1.43
C ASN A 45 -4.46 -6.02 -1.34
N HIS A 46 -3.86 -4.93 -0.84
CA HIS A 46 -4.58 -3.67 -0.71
C HIS A 46 -3.71 -2.51 -1.16
N GLU A 47 -4.30 -1.58 -1.91
CA GLU A 47 -3.59 -0.41 -2.42
C GLU A 47 -3.69 0.75 -1.43
N PHE A 48 -2.61 1.53 -1.34
CA PHE A 48 -2.59 2.68 -0.43
C PHE A 48 -1.67 3.77 -0.98
N HIS A 49 -1.70 4.93 -0.32
CA HIS A 49 -0.86 6.06 -0.74
C HIS A 49 0.46 6.07 0.01
N ALA A 50 1.56 6.08 -0.73
CA ALA A 50 2.89 6.08 -0.14
C ALA A 50 2.97 7.07 1.02
N LYS A 51 2.12 8.09 0.98
CA LYS A 51 2.08 9.11 2.03
C LYS A 51 1.11 8.72 3.14
N CYS A 52 -0.11 8.37 2.75
CA CYS A 52 -1.13 7.97 3.70
C CYS A 52 -0.65 6.82 4.57
N VAL A 53 -0.50 5.65 3.95
CA VAL A 53 -0.04 4.46 4.65
C VAL A 53 1.15 4.78 5.56
N ASP A 54 1.97 5.73 5.13
CA ASP A 54 3.15 6.13 5.89
C ASP A 54 2.74 6.79 7.20
N LYS A 55 1.65 7.53 7.17
CA LYS A 55 1.15 8.21 8.36
C LYS A 55 0.37 7.25 9.26
N TRP A 56 -0.32 6.30 8.63
CA TRP A 56 -1.10 5.32 9.38
C TRP A 56 -0.19 4.33 10.10
N LEU A 57 0.62 3.61 9.33
CA LEU A 57 1.53 2.63 9.89
C LEU A 57 2.22 3.19 11.14
N LYS A 58 2.62 4.45 11.08
CA LYS A 58 3.29 5.09 12.21
C LYS A 58 2.45 4.97 13.48
N ALA A 59 1.14 5.16 13.34
CA ALA A 59 0.24 5.07 14.47
C ALA A 59 -0.13 3.61 14.77
N ASN A 60 -0.47 2.87 13.71
CA ASN A 60 -0.84 1.47 13.87
C ASN A 60 -0.17 0.61 12.80
N ARG A 61 0.66 -0.33 13.24
CA ARG A 61 1.37 -1.21 12.32
C ARG A 61 0.44 -2.30 11.78
N THR A 62 -0.71 -1.87 11.26
CA THR A 62 -1.68 -2.81 10.71
C THR A 62 -2.43 -2.20 9.54
N CYS A 63 -3.24 -3.02 8.87
CA CYS A 63 -4.01 -2.56 7.72
C CYS A 63 -5.34 -1.94 8.17
N PRO A 64 -5.54 -0.66 7.83
CA PRO A 64 -6.76 0.06 8.18
C PRO A 64 -7.99 -0.43 7.41
N ILE A 65 -7.80 -1.52 6.67
CA ILE A 65 -8.88 -2.10 5.88
C ILE A 65 -9.31 -3.46 6.44
N CYS A 66 -8.40 -4.43 6.38
CA CYS A 66 -8.68 -5.77 6.87
C CYS A 66 -7.92 -6.03 8.17
N ARG A 67 -7.56 -4.96 8.88
CA ARG A 67 -6.83 -5.08 10.13
C ARG A 67 -5.85 -6.24 10.08
N ALA A 68 -5.34 -6.53 8.88
CA ALA A 68 -4.39 -7.62 8.70
C ALA A 68 -2.96 -7.17 9.02
N ASP A 69 -2.42 -7.68 10.11
CA ASP A 69 -1.06 -7.33 10.53
C ASP A 69 -0.12 -7.33 9.34
N SER A 70 0.37 -6.16 8.98
CA SER A 70 1.29 -6.02 7.85
C SER A 70 2.57 -6.80 8.10
N GLY A 71 3.18 -6.58 9.26
CA GLY A 71 4.40 -7.27 9.60
C GLY A 71 5.54 -6.32 9.91
N PRO A 72 6.44 -6.11 8.93
CA PRO A 72 7.59 -5.22 9.08
C PRO A 72 7.17 -3.75 9.16
N SER A 73 8.10 -2.90 9.61
CA SER A 73 7.84 -1.48 9.73
C SER A 73 9.10 -0.67 9.47
N SER A 74 8.96 0.40 8.68
CA SER A 74 10.09 1.25 8.35
C SER A 74 10.58 2.01 9.58
N GLY A 75 9.63 2.48 10.39
CA GLY A 75 9.99 3.21 11.59
C GLY A 75 8.91 3.15 12.65
ZN ZN B . -4.64 8.26 0.35
ZN ZN C . -5.65 -5.25 4.11
N GLY A 1 19.97 -17.17 -8.54
CA GLY A 1 18.96 -16.32 -9.15
C GLY A 1 18.65 -15.09 -8.32
N SER A 2 17.38 -14.93 -7.95
CA SER A 2 16.96 -13.78 -7.16
C SER A 2 17.79 -13.67 -5.89
N SER A 3 18.84 -12.85 -5.95
CA SER A 3 19.71 -12.65 -4.80
C SER A 3 18.92 -12.66 -3.49
N GLY A 4 17.89 -11.82 -3.43
CA GLY A 4 17.07 -11.75 -2.24
C GLY A 4 15.61 -11.43 -2.56
N SER A 5 15.40 -10.33 -3.27
CA SER A 5 14.04 -9.92 -3.63
C SER A 5 13.17 -9.80 -2.40
N SER A 6 13.70 -9.17 -1.34
CA SER A 6 12.97 -8.99 -0.10
C SER A 6 13.58 -7.88 0.74
N GLY A 7 12.72 -7.07 1.34
CA GLY A 7 13.19 -5.97 2.17
C GLY A 7 12.25 -4.78 2.14
N GLN A 8 11.77 -4.44 0.96
CA GLN A 8 10.85 -3.31 0.80
C GLN A 8 9.83 -3.58 -0.29
N LEU A 9 8.58 -3.23 -0.02
CA LEU A 9 7.50 -3.43 -0.98
C LEU A 9 7.82 -2.76 -2.31
N PRO A 10 7.24 -3.28 -3.41
CA PRO A 10 7.45 -2.74 -4.75
C PRO A 10 6.78 -1.37 -4.93
N SER A 11 7.45 -0.49 -5.68
CA SER A 11 6.92 0.85 -5.93
C SER A 11 6.54 1.02 -7.39
N TYR A 12 5.38 1.60 -7.63
CA TYR A 12 4.88 1.82 -8.98
C TYR A 12 3.99 3.05 -9.04
N ARG A 13 3.97 3.70 -10.21
CA ARG A 13 3.16 4.89 -10.40
C ARG A 13 1.83 4.54 -11.04
N PHE A 14 0.73 5.00 -10.42
CA PHE A 14 -0.61 4.72 -10.93
C PHE A 14 -0.69 5.01 -12.42
N ASN A 15 -1.40 4.15 -13.15
CA ASN A 15 -1.55 4.30 -14.59
C ASN A 15 -2.99 4.06 -15.01
N PRO A 16 -3.67 5.12 -15.47
CA PRO A 16 -5.06 5.04 -15.92
C PRO A 16 -5.21 4.26 -17.22
N ASN A 17 -4.09 3.75 -17.73
CA ASN A 17 -4.11 2.98 -18.97
C ASN A 17 -4.60 1.56 -18.72
N ASN A 18 -4.11 0.94 -17.66
CA ASN A 18 -4.51 -0.42 -17.31
C ASN A 18 -3.96 -0.82 -15.95
N HIS A 19 -4.81 -1.43 -15.13
CA HIS A 19 -4.41 -1.86 -13.80
C HIS A 19 -5.01 -3.23 -13.47
N GLN A 20 -4.19 -4.11 -12.92
CA GLN A 20 -4.64 -5.46 -12.56
C GLN A 20 -6.01 -5.40 -11.89
N SER A 21 -6.07 -4.82 -10.70
CA SER A 21 -7.31 -4.71 -9.95
C SER A 21 -7.96 -3.35 -10.18
N GLU A 22 -9.27 -3.36 -10.41
CA GLU A 22 -10.01 -2.11 -10.64
C GLU A 22 -10.54 -1.56 -9.33
N GLN A 23 -10.13 -2.15 -8.21
CA GLN A 23 -10.57 -1.70 -6.90
C GLN A 23 -9.49 -0.86 -6.22
N THR A 24 -8.89 0.04 -6.99
CA THR A 24 -7.84 0.90 -6.46
C THR A 24 -8.43 2.06 -5.67
N LEU A 25 -8.42 1.93 -4.35
CA LEU A 25 -8.95 2.97 -3.47
C LEU A 25 -8.11 3.09 -2.20
N CYS A 26 -8.05 4.31 -1.66
CA CYS A 26 -7.29 4.56 -0.44
C CYS A 26 -8.22 4.66 0.78
N VAL A 27 -8.29 3.57 1.55
CA VAL A 27 -9.13 3.54 2.73
C VAL A 27 -8.75 4.64 3.72
N VAL A 28 -7.45 4.93 3.79
CA VAL A 28 -6.95 5.95 4.70
C VAL A 28 -7.70 7.27 4.50
N CYS A 29 -7.60 7.84 3.31
CA CYS A 29 -8.26 9.09 2.99
C CYS A 29 -9.44 8.87 2.04
N MET A 30 -9.94 7.62 2.02
CA MET A 30 -11.07 7.28 1.15
C MET A 30 -11.01 8.06 -0.15
N CYS A 31 -9.86 8.01 -0.82
CA CYS A 31 -9.68 8.72 -2.09
C CYS A 31 -8.87 7.88 -3.07
N ASP A 32 -9.36 7.80 -4.30
CA ASP A 32 -8.67 7.04 -5.34
C ASP A 32 -7.31 7.64 -5.67
N PHE A 33 -6.35 6.78 -5.99
CA PHE A 33 -5.01 7.22 -6.32
C PHE A 33 -4.95 7.78 -7.75
N GLU A 34 -4.39 8.99 -7.88
CA GLU A 34 -4.28 9.62 -9.19
C GLU A 34 -3.04 9.14 -9.93
N SER A 35 -2.92 9.52 -11.19
CA SER A 35 -1.79 9.13 -12.02
C SER A 35 -0.53 9.89 -11.61
N ARG A 36 0.62 9.35 -11.99
CA ARG A 36 1.90 9.98 -11.65
C ARG A 36 2.06 10.14 -10.15
N GLN A 37 1.74 9.08 -9.41
CA GLN A 37 1.84 9.11 -7.95
C GLN A 37 2.28 7.74 -7.42
N LEU A 38 3.24 7.75 -6.51
CA LEU A 38 3.74 6.51 -5.93
C LEU A 38 2.73 5.93 -4.95
N LEU A 39 2.41 4.64 -5.14
CA LEU A 39 1.46 3.96 -4.27
C LEU A 39 2.09 2.75 -3.60
N ARG A 40 1.71 2.49 -2.36
CA ARG A 40 2.24 1.35 -1.61
C ARG A 40 1.19 0.27 -1.46
N VAL A 41 1.51 -0.94 -1.94
CA VAL A 41 0.58 -2.06 -1.84
C VAL A 41 0.88 -2.92 -0.62
N LEU A 42 -0.06 -2.96 0.31
CA LEU A 42 0.09 -3.74 1.53
C LEU A 42 0.28 -5.22 1.21
N PRO A 43 0.88 -5.96 2.16
CA PRO A 43 1.13 -7.39 2.00
C PRO A 43 -0.15 -8.21 2.03
N CYS A 44 -1.29 -7.52 2.09
CA CYS A 44 -2.59 -8.19 2.13
C CYS A 44 -3.36 -7.95 0.84
N ASN A 45 -2.65 -7.48 -0.19
CA ASN A 45 -3.27 -7.22 -1.48
C ASN A 45 -4.18 -5.99 -1.41
N HIS A 46 -3.64 -4.89 -0.89
CA HIS A 46 -4.40 -3.65 -0.77
C HIS A 46 -3.55 -2.45 -1.19
N GLU A 47 -4.13 -1.58 -2.01
CA GLU A 47 -3.44 -0.40 -2.49
C GLU A 47 -3.68 0.78 -1.55
N PHE A 48 -2.66 1.63 -1.42
CA PHE A 48 -2.76 2.80 -0.55
C PHE A 48 -1.88 3.94 -1.06
N HIS A 49 -1.85 5.05 -0.33
CA HIS A 49 -1.05 6.20 -0.71
C HIS A 49 0.29 6.19 -0.01
N ALA A 50 1.37 6.17 -0.79
CA ALA A 50 2.72 6.16 -0.23
C ALA A 50 2.85 7.14 0.92
N LYS A 51 1.99 8.15 0.93
CA LYS A 51 2.01 9.16 1.98
C LYS A 51 1.06 8.78 3.12
N CYS A 52 -0.17 8.44 2.77
CA CYS A 52 -1.16 8.05 3.76
C CYS A 52 -0.68 6.86 4.59
N VAL A 53 -0.59 5.70 3.93
CA VAL A 53 -0.13 4.48 4.60
C VAL A 53 1.12 4.75 5.43
N ASP A 54 1.91 5.72 5.00
CA ASP A 54 3.14 6.07 5.70
C ASP A 54 2.82 6.72 7.06
N LYS A 55 1.76 7.51 7.09
CA LYS A 55 1.35 8.18 8.32
C LYS A 55 0.50 7.26 9.18
N TRP A 56 -0.16 6.31 8.55
CA TRP A 56 -1.01 5.36 9.26
C TRP A 56 -0.17 4.33 10.01
N LEU A 57 0.66 3.61 9.28
CA LEU A 57 1.52 2.59 9.87
C LEU A 57 2.15 3.10 11.16
N LYS A 58 2.57 4.37 11.14
CA LYS A 58 3.19 4.98 12.31
C LYS A 58 2.31 4.82 13.55
N ALA A 59 1.03 5.15 13.42
CA ALA A 59 0.09 5.04 14.51
C ALA A 59 -0.28 3.58 14.78
N ASN A 60 -0.57 2.84 13.71
CA ASN A 60 -0.93 1.45 13.83
C ASN A 60 -0.23 0.61 12.77
N ARG A 61 0.59 -0.33 13.21
CA ARG A 61 1.33 -1.20 12.29
C ARG A 61 0.42 -2.28 11.72
N THR A 62 -0.75 -1.86 11.23
CA THR A 62 -1.72 -2.80 10.66
C THR A 62 -2.43 -2.18 9.47
N CYS A 63 -3.22 -3.00 8.77
CA CYS A 63 -3.96 -2.53 7.61
C CYS A 63 -5.28 -1.90 8.02
N PRO A 64 -5.49 -0.64 7.61
CA PRO A 64 -6.72 0.10 7.93
C PRO A 64 -7.93 -0.45 7.20
N ILE A 65 -7.76 -1.59 6.54
CA ILE A 65 -8.84 -2.20 5.79
C ILE A 65 -9.21 -3.56 6.40
N CYS A 66 -8.32 -4.54 6.23
CA CYS A 66 -8.55 -5.88 6.75
C CYS A 66 -7.81 -6.08 8.07
N ARG A 67 -7.51 -4.97 8.75
CA ARG A 67 -6.80 -5.03 10.02
C ARG A 67 -5.72 -6.11 9.99
N ALA A 68 -5.23 -6.41 8.79
CA ALA A 68 -4.20 -7.42 8.63
C ALA A 68 -2.83 -6.88 9.04
N ASP A 69 -2.17 -7.58 9.96
CA ASP A 69 -0.86 -7.18 10.44
C ASP A 69 0.15 -7.14 9.30
N SER A 70 0.61 -5.94 8.95
CA SER A 70 1.58 -5.78 7.87
C SER A 70 2.88 -6.51 8.20
N GLY A 71 3.42 -6.25 9.38
CA GLY A 71 4.65 -6.88 9.79
C GLY A 71 5.61 -5.92 10.45
N PRO A 72 6.38 -6.41 11.44
CA PRO A 72 7.35 -5.60 12.17
C PRO A 72 8.55 -5.20 11.31
N SER A 73 8.98 -3.95 11.43
CA SER A 73 10.11 -3.46 10.67
C SER A 73 11.27 -3.07 11.58
N SER A 74 11.52 -3.91 12.58
CA SER A 74 12.60 -3.66 13.54
C SER A 74 12.43 -2.29 14.20
N GLY A 75 11.20 -2.00 14.63
CA GLY A 75 10.91 -0.73 15.27
C GLY A 75 9.45 -0.57 15.62
ZN ZN B . -4.78 8.46 0.50
ZN ZN C . -5.51 -5.26 4.01
N GLY A 1 14.28 -16.67 -3.52
CA GLY A 1 15.52 -16.56 -2.77
C GLY A 1 15.41 -17.15 -1.38
N SER A 2 16.03 -18.31 -1.19
CA SER A 2 15.99 -18.99 0.11
C SER A 2 17.05 -18.42 1.05
N SER A 3 17.18 -17.09 1.04
CA SER A 3 18.16 -16.42 1.89
C SER A 3 17.96 -14.90 1.85
N GLY A 4 17.51 -14.35 2.97
CA GLY A 4 17.29 -12.91 3.04
C GLY A 4 15.87 -12.53 2.70
N SER A 5 15.33 -11.55 3.42
CA SER A 5 13.96 -11.08 3.19
C SER A 5 13.94 -9.90 2.25
N SER A 6 12.85 -9.77 1.49
CA SER A 6 12.71 -8.67 0.54
C SER A 6 13.18 -7.35 1.16
N GLY A 7 12.79 -7.12 2.40
CA GLY A 7 13.18 -5.90 3.09
C GLY A 7 12.10 -4.84 3.03
N GLN A 8 12.08 -4.07 1.94
CA GLN A 8 11.08 -3.01 1.77
C GLN A 8 10.01 -3.43 0.76
N LEU A 9 8.97 -2.60 0.65
CA LEU A 9 7.88 -2.89 -0.27
C LEU A 9 8.21 -2.41 -1.69
N PRO A 10 7.60 -3.04 -2.69
CA PRO A 10 7.81 -2.69 -4.10
C PRO A 10 7.22 -1.34 -4.46
N SER A 11 7.92 -0.60 -5.32
CA SER A 11 7.46 0.72 -5.73
C SER A 11 7.06 0.71 -7.21
N TYR A 12 5.92 1.30 -7.51
CA TYR A 12 5.42 1.36 -8.88
C TYR A 12 4.41 2.49 -9.05
N ARG A 13 4.27 2.97 -10.28
CA ARG A 13 3.33 4.05 -10.58
C ARG A 13 2.04 3.50 -11.18
N PHE A 14 0.92 3.83 -10.55
CA PHE A 14 -0.39 3.38 -11.01
C PHE A 14 -0.60 3.75 -12.48
N ASN A 15 -0.98 2.75 -13.28
CA ASN A 15 -1.22 2.97 -14.71
C ASN A 15 -2.70 2.84 -15.04
N PRO A 16 -3.27 3.91 -15.60
CA PRO A 16 -4.69 3.95 -15.99
C PRO A 16 -4.99 3.03 -17.17
N ASN A 17 -3.98 2.31 -17.64
CA ASN A 17 -4.14 1.40 -18.76
C ASN A 17 -4.77 0.09 -18.31
N ASN A 18 -4.13 -0.58 -17.36
CA ASN A 18 -4.63 -1.85 -16.84
C ASN A 18 -4.08 -2.11 -15.44
N HIS A 19 -4.96 -2.57 -14.55
CA HIS A 19 -4.57 -2.87 -13.18
C HIS A 19 -4.98 -4.28 -12.79
N GLN A 20 -4.62 -4.69 -11.58
CA GLN A 20 -4.96 -6.02 -11.09
C GLN A 20 -6.33 -6.03 -10.41
N SER A 21 -6.70 -4.89 -9.82
CA SER A 21 -7.98 -4.78 -9.14
C SER A 21 -8.82 -3.67 -9.76
N GLU A 22 -10.03 -3.49 -9.23
CA GLU A 22 -10.94 -2.46 -9.74
C GLU A 22 -11.35 -1.51 -8.63
N GLN A 23 -11.43 -2.03 -7.41
CA GLN A 23 -11.82 -1.23 -6.25
C GLN A 23 -10.61 -0.52 -5.64
N THR A 24 -9.70 -0.08 -6.50
CA THR A 24 -8.48 0.59 -6.05
C THR A 24 -8.81 1.93 -5.39
N LEU A 25 -8.82 1.95 -4.07
CA LEU A 25 -9.11 3.16 -3.32
C LEU A 25 -8.24 3.26 -2.07
N CYS A 26 -8.05 4.49 -1.58
CA CYS A 26 -7.23 4.71 -0.39
C CYS A 26 -8.11 4.81 0.85
N VAL A 27 -8.35 3.67 1.49
CA VAL A 27 -9.16 3.61 2.69
C VAL A 27 -8.76 4.69 3.68
N VAL A 28 -7.47 5.01 3.69
CA VAL A 28 -6.94 6.04 4.60
C VAL A 28 -7.67 7.37 4.39
N CYS A 29 -7.46 7.97 3.23
CA CYS A 29 -8.08 9.24 2.91
C CYS A 29 -9.31 9.05 2.02
N MET A 30 -9.89 7.85 2.08
CA MET A 30 -11.07 7.53 1.28
C MET A 30 -10.99 8.20 -0.09
N CYS A 31 -9.85 8.06 -0.75
CA CYS A 31 -9.66 8.66 -2.07
C CYS A 31 -8.93 7.69 -3.00
N ASP A 32 -9.28 7.75 -4.28
CA ASP A 32 -8.66 6.88 -5.28
C ASP A 32 -7.25 7.33 -5.60
N PHE A 33 -6.49 6.47 -6.26
CA PHE A 33 -5.11 6.78 -6.62
C PHE A 33 -5.03 7.33 -8.04
N GLU A 34 -4.40 8.49 -8.17
CA GLU A 34 -4.26 9.13 -9.48
C GLU A 34 -3.13 8.49 -10.28
N SER A 35 -2.99 8.92 -11.54
CA SER A 35 -1.95 8.39 -12.40
C SER A 35 -0.61 9.06 -12.14
N ARG A 36 0.47 8.32 -12.34
CA ARG A 36 1.81 8.85 -12.12
C ARG A 36 2.00 9.28 -10.66
N GLN A 37 1.63 8.41 -9.74
CA GLN A 37 1.75 8.70 -8.31
C GLN A 37 2.31 7.49 -7.56
N LEU A 38 3.20 7.76 -6.62
CA LEU A 38 3.81 6.70 -5.82
C LEU A 38 2.79 6.10 -4.85
N LEU A 39 2.56 4.80 -5.00
CA LEU A 39 1.61 4.10 -4.12
C LEU A 39 2.30 2.95 -3.40
N ARG A 40 1.64 2.44 -2.36
CA ARG A 40 2.17 1.33 -1.58
C ARG A 40 1.14 0.21 -1.43
N VAL A 41 1.53 -0.99 -1.85
CA VAL A 41 0.64 -2.15 -1.76
C VAL A 41 0.91 -2.96 -0.50
N LEU A 42 -0.08 -3.00 0.39
CA LEU A 42 0.06 -3.74 1.63
C LEU A 42 0.25 -5.24 1.37
N PRO A 43 0.81 -5.96 2.35
CA PRO A 43 1.05 -7.40 2.24
C PRO A 43 -0.24 -8.20 2.26
N CYS A 44 -1.37 -7.50 2.21
CA CYS A 44 -2.68 -8.16 2.23
C CYS A 44 -3.40 -7.97 0.90
N ASN A 45 -2.65 -7.50 -0.11
CA ASN A 45 -3.21 -7.27 -1.43
C ASN A 45 -4.12 -6.05 -1.45
N HIS A 46 -3.62 -4.94 -0.88
CA HIS A 46 -4.37 -3.70 -0.83
C HIS A 46 -3.50 -2.52 -1.24
N GLU A 47 -4.07 -1.62 -2.04
CA GLU A 47 -3.35 -0.44 -2.51
C GLU A 47 -3.58 0.75 -1.57
N PHE A 48 -2.57 1.59 -1.43
CA PHE A 48 -2.66 2.76 -0.56
C PHE A 48 -1.76 3.88 -1.07
N HIS A 49 -1.82 5.02 -0.40
CA HIS A 49 -1.01 6.18 -0.78
C HIS A 49 0.30 6.20 -0.01
N ALA A 50 1.41 6.05 -0.74
CA ALA A 50 2.74 6.05 -0.13
C ALA A 50 2.83 7.09 0.97
N LYS A 51 2.06 8.17 0.85
CA LYS A 51 2.05 9.24 1.84
C LYS A 51 1.10 8.90 2.98
N CYS A 52 -0.12 8.49 2.63
CA CYS A 52 -1.12 8.14 3.63
C CYS A 52 -0.67 6.95 4.47
N VAL A 53 -0.62 5.77 3.84
CA VAL A 53 -0.19 4.56 4.53
C VAL A 53 1.00 4.83 5.43
N ASP A 54 1.93 5.64 4.95
CA ASP A 54 3.13 5.98 5.71
C ASP A 54 2.76 6.53 7.09
N LYS A 55 1.82 7.47 7.11
CA LYS A 55 1.38 8.08 8.36
C LYS A 55 0.60 7.08 9.21
N TRP A 56 -0.36 6.40 8.59
CA TRP A 56 -1.17 5.41 9.29
C TRP A 56 -0.28 4.36 9.97
N LEU A 57 0.51 3.66 9.15
CA LEU A 57 1.41 2.63 9.67
C LEU A 57 2.10 3.10 10.95
N LYS A 58 2.51 4.36 10.97
CA LYS A 58 3.18 4.93 12.13
C LYS A 58 2.32 4.79 13.37
N ALA A 59 1.04 5.11 13.25
CA ALA A 59 0.11 5.01 14.37
C ALA A 59 -0.25 3.55 14.66
N ASN A 60 -0.58 2.80 13.61
CA ASN A 60 -0.94 1.40 13.76
C ASN A 60 -0.24 0.55 12.70
N ARG A 61 0.46 -0.49 13.16
CA ARG A 61 1.19 -1.38 12.27
C ARG A 61 0.24 -2.41 11.65
N THR A 62 -0.93 -1.94 11.21
CA THR A 62 -1.92 -2.82 10.61
C THR A 62 -2.61 -2.14 9.43
N CYS A 63 -3.31 -2.95 8.62
CA CYS A 63 -4.01 -2.42 7.45
C CYS A 63 -5.32 -1.75 7.86
N PRO A 64 -5.50 -0.49 7.45
CA PRO A 64 -6.71 0.28 7.77
C PRO A 64 -7.93 -0.24 7.03
N ILE A 65 -7.80 -1.41 6.41
CA ILE A 65 -8.91 -2.02 5.68
C ILE A 65 -9.30 -3.36 6.30
N CYS A 66 -8.37 -4.30 6.28
CA CYS A 66 -8.61 -5.62 6.84
C CYS A 66 -7.80 -5.84 8.11
N ARG A 67 -7.39 -4.75 8.73
CA ARG A 67 -6.60 -4.81 9.95
C ARG A 67 -5.71 -6.06 9.97
N ALA A 68 -5.14 -6.37 8.81
CA ALA A 68 -4.26 -7.53 8.69
C ALA A 68 -2.83 -7.17 9.04
N ASP A 69 -2.35 -7.68 10.16
CA ASP A 69 -0.99 -7.42 10.61
C ASP A 69 -0.03 -7.34 9.43
N SER A 70 0.64 -6.21 9.30
CA SER A 70 1.59 -6.01 8.20
C SER A 70 2.80 -6.92 8.36
N GLY A 71 3.26 -7.09 9.59
CA GLY A 71 4.40 -7.94 9.85
C GLY A 71 4.73 -8.03 11.33
N PRO A 72 5.50 -9.07 11.69
CA PRO A 72 5.90 -9.30 13.09
C PRO A 72 6.90 -8.26 13.58
N SER A 73 7.27 -7.34 12.70
CA SER A 73 8.22 -6.28 13.04
C SER A 73 7.52 -4.94 13.20
N SER A 74 8.20 -4.00 13.85
CA SER A 74 7.64 -2.67 14.06
C SER A 74 8.14 -1.69 13.01
N GLY A 75 9.44 -1.70 12.76
CA GLY A 75 10.02 -0.81 11.78
C GLY A 75 11.44 -0.41 12.12
ZN ZN B . -4.71 8.56 0.35
ZN ZN C . -5.68 -5.10 3.97
N GLY A 1 15.99 -4.55 -12.95
CA GLY A 1 16.67 -4.56 -11.68
C GLY A 1 16.17 -5.68 -10.77
N SER A 2 16.99 -6.71 -10.59
CA SER A 2 16.62 -7.84 -9.74
C SER A 2 17.55 -7.95 -8.54
N SER A 3 17.89 -6.81 -7.95
CA SER A 3 18.78 -6.77 -6.80
C SER A 3 18.27 -5.80 -5.74
N GLY A 4 17.73 -6.34 -4.65
CA GLY A 4 17.21 -5.51 -3.58
C GLY A 4 15.70 -5.42 -3.60
N SER A 5 15.04 -6.58 -3.57
CA SER A 5 13.59 -6.63 -3.58
C SER A 5 13.02 -6.70 -2.17
N SER A 6 13.49 -7.70 -1.42
CA SER A 6 13.03 -7.89 -0.04
C SER A 6 13.54 -6.77 0.86
N GLY A 7 12.76 -6.45 1.89
CA GLY A 7 13.14 -5.40 2.81
C GLY A 7 12.24 -4.19 2.72
N GLN A 8 11.86 -3.83 1.50
CA GLN A 8 10.99 -2.69 1.27
C GLN A 8 9.88 -3.02 0.28
N LEU A 9 8.71 -2.42 0.48
CA LEU A 9 7.57 -2.66 -0.40
C LEU A 9 7.90 -2.30 -1.85
N PRO A 10 7.21 -2.93 -2.80
CA PRO A 10 7.40 -2.69 -4.23
C PRO A 10 6.91 -1.31 -4.65
N SER A 11 7.74 -0.59 -5.40
CA SER A 11 7.39 0.75 -5.87
C SER A 11 6.92 0.70 -7.32
N TYR A 12 5.77 1.31 -7.57
CA TYR A 12 5.20 1.34 -8.92
C TYR A 12 4.27 2.54 -9.08
N ARG A 13 4.26 3.11 -10.28
CA ARG A 13 3.41 4.26 -10.57
C ARG A 13 2.06 3.82 -11.11
N PHE A 14 0.99 4.21 -10.43
CA PHE A 14 -0.36 3.85 -10.84
C PHE A 14 -0.56 4.10 -12.34
N ASN A 15 -1.24 3.18 -13.00
CA ASN A 15 -1.50 3.29 -14.43
C ASN A 15 -2.99 3.16 -14.73
N PRO A 16 -3.58 4.23 -15.29
CA PRO A 16 -5.00 4.25 -15.65
C PRO A 16 -5.34 3.33 -16.82
N ASN A 17 -4.33 2.60 -17.29
CA ASN A 17 -4.50 1.69 -18.41
C ASN A 17 -4.63 0.24 -17.90
N ASN A 18 -3.76 -0.13 -16.98
CA ASN A 18 -3.77 -1.48 -16.42
C ASN A 18 -3.55 -1.45 -14.91
N HIS A 19 -4.01 -2.49 -14.23
CA HIS A 19 -3.86 -2.57 -12.78
C HIS A 19 -3.82 -4.03 -12.32
N GLN A 20 -3.10 -4.29 -11.23
CA GLN A 20 -2.98 -5.64 -10.70
C GLN A 20 -4.31 -6.13 -10.14
N SER A 21 -4.96 -5.29 -9.33
CA SER A 21 -6.24 -5.63 -8.74
C SER A 21 -7.39 -5.01 -9.51
N GLU A 22 -8.61 -5.31 -9.10
CA GLU A 22 -9.80 -4.78 -9.76
C GLU A 22 -10.21 -3.45 -9.14
N GLN A 23 -10.23 -3.39 -7.82
CA GLN A 23 -10.61 -2.17 -7.11
C GLN A 23 -9.39 -1.54 -6.45
N THR A 24 -9.14 -0.27 -6.79
CA THR A 24 -8.00 0.46 -6.22
C THR A 24 -8.46 1.74 -5.54
N LEU A 25 -8.53 1.71 -4.22
CA LEU A 25 -8.96 2.88 -3.44
C LEU A 25 -8.15 2.99 -2.15
N CYS A 26 -8.01 4.21 -1.64
CA CYS A 26 -7.28 4.45 -0.41
C CYS A 26 -8.23 4.57 0.78
N VAL A 27 -8.28 3.52 1.59
CA VAL A 27 -9.15 3.51 2.77
C VAL A 27 -8.78 4.62 3.74
N VAL A 28 -7.51 5.04 3.70
CA VAL A 28 -7.02 6.09 4.57
C VAL A 28 -7.76 7.40 4.31
N CYS A 29 -7.54 7.97 3.12
CA CYS A 29 -8.18 9.23 2.74
C CYS A 29 -9.42 8.97 1.90
N MET A 30 -9.90 7.73 1.92
CA MET A 30 -11.08 7.35 1.15
C MET A 30 -11.13 8.09 -0.18
N CYS A 31 -10.03 8.02 -0.93
CA CYS A 31 -9.94 8.69 -2.23
C CYS A 31 -9.20 7.82 -3.23
N ASP A 32 -9.54 7.97 -4.50
CA ASP A 32 -8.91 7.20 -5.57
C ASP A 32 -7.51 7.72 -5.86
N PHE A 33 -6.59 6.80 -6.11
CA PHE A 33 -5.20 7.17 -6.39
C PHE A 33 -5.09 7.81 -7.77
N GLU A 34 -4.44 8.96 -7.83
CA GLU A 34 -4.26 9.68 -9.09
C GLU A 34 -3.13 9.06 -9.91
N SER A 35 -3.22 9.21 -11.23
CA SER A 35 -2.21 8.67 -12.12
C SER A 35 -0.86 9.35 -11.91
N ARG A 36 0.22 8.62 -12.18
CA ARG A 36 1.56 9.16 -12.02
C ARG A 36 1.82 9.56 -10.57
N GLN A 37 1.62 8.61 -9.65
CA GLN A 37 1.83 8.86 -8.23
C GLN A 37 2.37 7.62 -7.54
N LEU A 38 3.35 7.81 -6.66
CA LEU A 38 3.95 6.71 -5.93
C LEU A 38 2.97 6.14 -4.90
N LEU A 39 2.59 4.88 -5.08
CA LEU A 39 1.66 4.22 -4.17
C LEU A 39 2.31 2.99 -3.54
N ARG A 40 1.73 2.53 -2.43
CA ARG A 40 2.25 1.37 -1.72
C ARG A 40 1.14 0.34 -1.50
N VAL A 41 1.36 -0.87 -2.01
CA VAL A 41 0.38 -1.95 -1.87
C VAL A 41 0.73 -2.85 -0.69
N LEU A 42 -0.17 -2.92 0.29
CA LEU A 42 0.04 -3.75 1.47
C LEU A 42 0.20 -5.22 1.08
N PRO A 43 0.85 -6.00 1.96
CA PRO A 43 1.08 -7.42 1.73
C PRO A 43 -0.21 -8.24 1.82
N CYS A 44 -1.33 -7.55 2.00
CA CYS A 44 -2.63 -8.20 2.09
C CYS A 44 -3.44 -8.00 0.81
N ASN A 45 -2.77 -7.52 -0.23
CA ASN A 45 -3.42 -7.27 -1.52
C ASN A 45 -4.31 -6.04 -1.45
N HIS A 46 -3.77 -4.96 -0.87
CA HIS A 46 -4.51 -3.71 -0.75
C HIS A 46 -3.66 -2.53 -1.23
N GLU A 47 -4.29 -1.59 -1.91
CA GLU A 47 -3.60 -0.41 -2.42
C GLU A 47 -3.69 0.74 -1.43
N PHE A 48 -2.62 1.51 -1.32
CA PHE A 48 -2.59 2.65 -0.41
C PHE A 48 -1.65 3.74 -0.95
N HIS A 49 -1.76 4.93 -0.37
CA HIS A 49 -0.93 6.06 -0.78
C HIS A 49 0.43 6.03 -0.07
N ALA A 50 1.49 6.19 -0.84
CA ALA A 50 2.84 6.18 -0.29
C ALA A 50 2.95 7.11 0.92
N LYS A 51 2.10 8.13 0.94
CA LYS A 51 2.09 9.09 2.04
C LYS A 51 1.15 8.65 3.15
N CYS A 52 -0.11 8.39 2.79
CA CYS A 52 -1.11 7.96 3.75
C CYS A 52 -0.59 6.79 4.59
N VAL A 53 -0.49 5.62 3.96
CA VAL A 53 0.00 4.43 4.65
C VAL A 53 1.18 4.76 5.56
N ASP A 54 2.11 5.56 5.04
CA ASP A 54 3.29 5.96 5.80
C ASP A 54 2.89 6.53 7.16
N LYS A 55 1.92 7.44 7.14
CA LYS A 55 1.45 8.08 8.37
C LYS A 55 0.69 7.09 9.24
N TRP A 56 -0.28 6.40 8.64
CA TRP A 56 -1.07 5.41 9.36
C TRP A 56 -0.19 4.40 10.07
N LEU A 57 0.64 3.70 9.31
CA LEU A 57 1.54 2.70 9.87
C LEU A 57 2.18 3.21 11.15
N LYS A 58 2.56 4.49 11.16
CA LYS A 58 3.18 5.10 12.33
C LYS A 58 2.29 4.94 13.56
N ALA A 59 1.00 5.20 13.39
CA ALA A 59 0.04 5.10 14.49
C ALA A 59 -0.33 3.63 14.74
N ASN A 60 -0.63 2.91 13.67
CA ASN A 60 -1.00 1.51 13.78
C ASN A 60 -0.25 0.66 12.75
N ARG A 61 0.56 -0.28 13.24
CA ARG A 61 1.34 -1.15 12.38
C ARG A 61 0.46 -2.25 11.80
N THR A 62 -0.69 -1.87 11.24
CA THR A 62 -1.61 -2.83 10.65
C THR A 62 -2.39 -2.21 9.50
N CYS A 63 -3.11 -3.05 8.76
CA CYS A 63 -3.90 -2.59 7.63
C CYS A 63 -5.24 -2.01 8.10
N PRO A 64 -5.48 -0.73 7.78
CA PRO A 64 -6.71 -0.04 8.15
C PRO A 64 -7.93 -0.56 7.40
N ILE A 65 -7.73 -1.65 6.65
CA ILE A 65 -8.81 -2.25 5.88
C ILE A 65 -9.18 -3.63 6.43
N CYS A 66 -8.22 -4.55 6.38
CA CYS A 66 -8.45 -5.90 6.87
C CYS A 66 -7.65 -6.15 8.15
N ARG A 67 -7.32 -5.07 8.86
CA ARG A 67 -6.57 -5.17 10.10
C ARG A 67 -5.51 -6.27 10.01
N ALA A 68 -5.05 -6.54 8.79
CA ALA A 68 -4.04 -7.56 8.56
C ALA A 68 -2.64 -7.03 8.86
N ASP A 69 -2.05 -7.49 9.95
CA ASP A 69 -0.73 -7.06 10.36
C ASP A 69 0.24 -7.12 9.18
N SER A 70 0.97 -6.02 8.97
CA SER A 70 1.92 -5.93 7.87
C SER A 70 3.23 -6.62 8.23
N GLY A 71 3.12 -7.78 8.86
CA GLY A 71 4.31 -8.52 9.25
C GLY A 71 5.39 -7.63 9.80
N PRO A 72 6.48 -7.46 9.03
CA PRO A 72 7.61 -6.62 9.42
C PRO A 72 7.26 -5.14 9.42
N SER A 73 7.00 -4.60 10.61
CA SER A 73 6.65 -3.19 10.74
C SER A 73 7.32 -2.58 11.97
N SER A 74 7.78 -1.34 11.83
CA SER A 74 8.45 -0.65 12.92
C SER A 74 8.39 0.87 12.72
N GLY A 75 8.81 1.61 13.74
CA GLY A 75 8.79 3.06 13.65
C GLY A 75 9.16 3.56 12.28
ZN ZN B . -4.67 8.24 0.43
ZN ZN C . -5.53 -5.26 3.99
N GLY A 1 15.94 -3.52 -7.16
CA GLY A 1 15.65 -4.44 -8.24
C GLY A 1 14.16 -4.71 -8.39
N SER A 2 13.81 -5.90 -8.84
CA SER A 2 12.41 -6.27 -9.04
C SER A 2 11.84 -6.92 -7.78
N SER A 3 12.45 -8.03 -7.37
CA SER A 3 12.00 -8.75 -6.17
C SER A 3 13.01 -8.60 -5.04
N GLY A 4 12.52 -8.22 -3.87
CA GLY A 4 13.39 -8.05 -2.72
C GLY A 4 12.67 -8.29 -1.41
N SER A 5 11.59 -7.55 -1.19
CA SER A 5 10.81 -7.67 0.04
C SER A 5 11.73 -7.84 1.25
N SER A 6 12.82 -7.09 1.27
CA SER A 6 13.78 -7.17 2.36
C SER A 6 13.27 -6.41 3.58
N GLY A 7 12.83 -5.17 3.37
CA GLY A 7 12.32 -4.36 4.46
C GLY A 7 11.47 -3.21 3.97
N GLN A 8 11.81 -2.66 2.82
CA GLN A 8 11.08 -1.54 2.24
C GLN A 8 10.09 -2.03 1.19
N LEU A 9 8.81 -1.74 1.40
CA LEU A 9 7.77 -2.15 0.46
C LEU A 9 8.14 -1.77 -0.96
N PRO A 10 7.57 -2.49 -1.94
CA PRO A 10 7.83 -2.24 -3.37
C PRO A 10 7.22 -0.92 -3.84
N SER A 11 8.07 0.02 -4.22
CA SER A 11 7.61 1.32 -4.70
C SER A 11 7.42 1.30 -6.21
N TYR A 12 6.26 1.78 -6.65
CA TYR A 12 5.95 1.83 -8.08
C TYR A 12 4.85 2.85 -8.37
N ARG A 13 4.79 3.30 -9.62
CA ARG A 13 3.78 4.28 -10.02
C ARG A 13 2.49 3.59 -10.44
N PHE A 14 1.36 4.18 -10.06
CA PHE A 14 0.06 3.61 -10.40
C PHE A 14 0.00 3.22 -11.87
N ASN A 15 -0.22 1.93 -12.13
CA ASN A 15 -0.29 1.43 -13.49
C ASN A 15 -1.75 1.15 -13.89
N PRO A 16 -2.31 2.05 -14.71
CA PRO A 16 -3.69 1.92 -15.19
C PRO A 16 -3.87 0.76 -16.16
N ASN A 17 -2.80 0.00 -16.37
CA ASN A 17 -2.84 -1.14 -17.27
C ASN A 17 -3.25 -2.41 -16.54
N ASN A 18 -2.64 -2.63 -15.37
CA ASN A 18 -2.95 -3.81 -14.57
C ASN A 18 -4.00 -3.49 -13.51
N HIS A 19 -4.90 -2.58 -13.84
CA HIS A 19 -5.96 -2.18 -12.91
C HIS A 19 -7.13 -3.16 -12.99
N GLN A 20 -6.83 -4.44 -12.85
CA GLN A 20 -7.85 -5.49 -12.89
C GLN A 20 -8.94 -5.22 -11.87
N SER A 21 -8.55 -4.68 -10.71
CA SER A 21 -9.49 -4.37 -9.65
C SER A 21 -10.01 -2.94 -9.78
N GLU A 22 -11.34 -2.81 -9.86
CA GLU A 22 -11.96 -1.50 -9.99
C GLU A 22 -12.37 -0.95 -8.62
N GLN A 23 -11.82 -1.55 -7.57
CA GLN A 23 -12.13 -1.12 -6.21
C GLN A 23 -10.89 -0.52 -5.53
N THR A 24 -9.91 -0.14 -6.34
CA THR A 24 -8.69 0.45 -5.83
C THR A 24 -8.94 1.85 -5.29
N LEU A 25 -9.05 1.97 -3.97
CA LEU A 25 -9.28 3.26 -3.33
C LEU A 25 -8.54 3.35 -2.00
N CYS A 26 -7.99 4.53 -1.73
CA CYS A 26 -7.25 4.75 -0.49
C CYS A 26 -8.20 4.81 0.71
N VAL A 27 -8.33 3.69 1.40
CA VAL A 27 -9.20 3.61 2.57
C VAL A 27 -8.87 4.70 3.59
N VAL A 28 -7.59 5.05 3.67
CA VAL A 28 -7.14 6.08 4.59
C VAL A 28 -7.87 7.40 4.34
N CYS A 29 -7.61 8.01 3.20
CA CYS A 29 -8.24 9.27 2.84
C CYS A 29 -9.43 9.04 1.91
N MET A 30 -9.99 7.84 1.97
CA MET A 30 -11.14 7.50 1.13
C MET A 30 -11.05 8.19 -0.22
N CYS A 31 -9.89 8.12 -0.85
CA CYS A 31 -9.68 8.74 -2.15
C CYS A 31 -9.05 7.76 -3.14
N ASP A 32 -9.57 7.75 -4.37
CA ASP A 32 -9.06 6.85 -5.39
C ASP A 32 -7.59 7.16 -5.71
N PHE A 33 -6.99 6.33 -6.55
CA PHE A 33 -5.59 6.51 -6.94
C PHE A 33 -5.48 7.08 -8.34
N GLU A 34 -4.47 7.92 -8.54
CA GLU A 34 -4.24 8.54 -9.84
C GLU A 34 -3.00 7.97 -10.52
N SER A 35 -3.08 7.79 -11.83
CA SER A 35 -1.96 7.25 -12.59
C SER A 35 -0.70 8.08 -12.37
N ARG A 36 0.46 7.44 -12.51
CA ARG A 36 1.73 8.11 -12.32
C ARG A 36 1.87 8.65 -10.89
N GLN A 37 1.71 7.76 -9.92
CA GLN A 37 1.80 8.14 -8.51
C GLN A 37 2.42 7.02 -7.68
N LEU A 38 3.33 7.39 -6.79
CA LEU A 38 3.99 6.41 -5.93
C LEU A 38 3.05 5.88 -4.87
N LEU A 39 2.53 4.67 -5.09
CA LEU A 39 1.61 4.05 -4.14
C LEU A 39 2.23 2.81 -3.51
N ARG A 40 1.87 2.54 -2.26
CA ARG A 40 2.40 1.39 -1.54
C ARG A 40 1.31 0.31 -1.39
N VAL A 41 1.60 -0.88 -1.89
CA VAL A 41 0.66 -1.99 -1.81
C VAL A 41 0.93 -2.85 -0.57
N LEU A 42 -0.02 -2.85 0.36
CA LEU A 42 0.12 -3.64 1.59
C LEU A 42 0.29 -5.12 1.28
N PRO A 43 0.86 -5.86 2.24
CA PRO A 43 1.08 -7.30 2.09
C PRO A 43 -0.22 -8.10 2.10
N CYS A 44 -1.34 -7.39 2.10
CA CYS A 44 -2.66 -8.03 2.12
C CYS A 44 -3.40 -7.75 0.81
N ASN A 45 -2.66 -7.43 -0.23
CA ASN A 45 -3.26 -7.15 -1.54
C ASN A 45 -4.15 -5.91 -1.46
N HIS A 46 -3.60 -4.81 -0.97
CA HIS A 46 -4.35 -3.57 -0.84
C HIS A 46 -3.50 -2.37 -1.26
N GLU A 47 -4.09 -1.47 -2.03
CA GLU A 47 -3.39 -0.28 -2.51
C GLU A 47 -3.57 0.88 -1.55
N PHE A 48 -2.52 1.68 -1.40
CA PHE A 48 -2.56 2.84 -0.51
C PHE A 48 -1.65 3.95 -1.01
N HIS A 49 -1.77 5.13 -0.41
CA HIS A 49 -0.95 6.28 -0.79
C HIS A 49 0.37 6.27 -0.04
N ALA A 50 1.47 6.23 -0.79
CA ALA A 50 2.80 6.23 -0.18
C ALA A 50 2.87 7.20 1.00
N LYS A 51 2.04 8.24 0.95
CA LYS A 51 2.01 9.24 2.01
C LYS A 51 1.05 8.82 3.12
N CYS A 52 -0.14 8.39 2.74
CA CYS A 52 -1.15 7.97 3.71
C CYS A 52 -0.65 6.77 4.52
N VAL A 53 -0.64 5.60 3.88
CA VAL A 53 -0.19 4.39 4.54
C VAL A 53 1.00 4.67 5.47
N ASP A 54 1.91 5.52 5.02
CA ASP A 54 3.09 5.87 5.80
C ASP A 54 2.67 6.42 7.16
N LYS A 55 1.69 7.30 7.17
CA LYS A 55 1.20 7.90 8.41
C LYS A 55 0.43 6.88 9.24
N TRP A 56 -0.42 6.11 8.57
CA TRP A 56 -1.22 5.10 9.26
C TRP A 56 -0.33 4.05 9.91
N LEU A 57 0.76 3.70 9.23
CA LEU A 57 1.70 2.71 9.76
C LEU A 57 2.42 3.23 10.99
N LYS A 58 2.52 4.56 11.09
CA LYS A 58 3.19 5.19 12.22
C LYS A 58 2.38 5.03 13.50
N ALA A 59 1.07 5.23 13.39
CA ALA A 59 0.17 5.12 14.53
C ALA A 59 -0.24 3.66 14.75
N ASN A 60 -0.59 2.98 13.66
CA ASN A 60 -1.01 1.58 13.74
C ASN A 60 -0.28 0.74 12.70
N ARG A 61 0.40 -0.30 13.16
CA ARG A 61 1.14 -1.19 12.27
C ARG A 61 0.22 -2.23 11.65
N THR A 62 -1.00 -1.81 11.31
CA THR A 62 -1.97 -2.72 10.71
C THR A 62 -2.60 -2.10 9.48
N CYS A 63 -3.44 -2.87 8.80
CA CYS A 63 -4.12 -2.39 7.60
C CYS A 63 -5.45 -1.74 7.94
N PRO A 64 -5.63 -0.49 7.51
CA PRO A 64 -6.86 0.28 7.76
C PRO A 64 -8.05 -0.27 6.97
N ILE A 65 -7.87 -1.43 6.37
CA ILE A 65 -8.92 -2.06 5.58
C ILE A 65 -9.31 -3.41 6.16
N CYS A 66 -8.37 -4.36 6.14
CA CYS A 66 -8.61 -5.69 6.66
C CYS A 66 -7.81 -5.93 7.95
N ARG A 67 -7.39 -4.84 8.57
CA ARG A 67 -6.62 -4.92 9.81
C ARG A 67 -5.68 -6.12 9.78
N ALA A 68 -5.23 -6.48 8.59
CA ALA A 68 -4.32 -7.61 8.43
C ALA A 68 -2.89 -7.22 8.81
N ASP A 69 -2.46 -7.68 9.98
CA ASP A 69 -1.12 -7.38 10.46
C ASP A 69 -0.12 -7.33 9.31
N SER A 70 0.36 -6.12 9.00
CA SER A 70 1.31 -5.94 7.92
C SER A 70 2.71 -6.39 8.34
N GLY A 71 3.12 -5.99 9.53
CA GLY A 71 4.43 -6.36 10.03
C GLY A 71 4.43 -6.67 11.51
N PRO A 72 5.32 -7.57 11.94
CA PRO A 72 5.44 -7.97 13.35
C PRO A 72 5.99 -6.85 14.22
N SER A 73 5.56 -6.82 15.47
CA SER A 73 6.00 -5.80 16.41
C SER A 73 7.17 -6.31 17.26
N SER A 74 8.20 -5.48 17.41
CA SER A 74 9.37 -5.84 18.18
C SER A 74 9.58 -4.87 19.34
N GLY A 75 9.29 -5.32 20.55
CA GLY A 75 9.45 -4.49 21.72
C GLY A 75 8.15 -3.85 22.16
ZN ZN B . -4.67 8.54 0.42
ZN ZN C . -5.55 -5.14 3.98
N GLY A 1 11.83 -6.73 -14.13
CA GLY A 1 11.83 -5.42 -13.51
C GLY A 1 12.81 -5.31 -12.36
N SER A 2 12.57 -6.06 -11.30
CA SER A 2 13.44 -6.04 -10.13
C SER A 2 14.37 -7.25 -10.13
N SER A 3 15.27 -7.29 -9.16
CA SER A 3 16.23 -8.39 -9.05
C SER A 3 15.76 -9.42 -8.03
N GLY A 4 15.52 -8.96 -6.80
CA GLY A 4 15.07 -9.86 -5.75
C GLY A 4 15.75 -9.59 -4.43
N SER A 5 15.14 -8.72 -3.61
CA SER A 5 15.70 -8.37 -2.31
C SER A 5 14.61 -7.89 -1.36
N SER A 6 14.70 -8.30 -0.10
CA SER A 6 13.73 -7.91 0.90
C SER A 6 14.12 -6.60 1.57
N GLY A 7 13.20 -6.04 2.34
CA GLY A 7 13.46 -4.79 3.02
C GLY A 7 12.21 -3.94 3.21
N GLN A 8 11.79 -3.28 2.14
CA GLN A 8 10.60 -2.43 2.19
C GLN A 8 9.62 -2.82 1.09
N LEU A 9 8.34 -2.54 1.33
CA LEU A 9 7.29 -2.87 0.37
C LEU A 9 7.65 -2.34 -1.02
N PRO A 10 7.09 -2.97 -2.06
CA PRO A 10 7.33 -2.59 -3.45
C PRO A 10 6.71 -1.24 -3.80
N SER A 11 7.54 -0.31 -4.26
CA SER A 11 7.06 1.02 -4.63
C SER A 11 6.89 1.14 -6.14
N TYR A 12 5.72 1.60 -6.55
CA TYR A 12 5.42 1.75 -7.97
C TYR A 12 4.25 2.73 -8.18
N ARG A 13 4.28 3.44 -9.30
CA ARG A 13 3.24 4.41 -9.62
C ARG A 13 2.10 3.74 -10.38
N PHE A 14 0.87 4.05 -9.98
CA PHE A 14 -0.31 3.48 -10.61
C PHE A 14 -0.25 3.65 -12.12
N ASN A 15 -0.77 2.66 -12.85
CA ASN A 15 -0.78 2.71 -14.31
C ASN A 15 -2.19 2.57 -14.86
N PRO A 16 -2.69 3.61 -15.53
CA PRO A 16 -4.03 3.62 -16.11
C PRO A 16 -4.15 2.68 -17.31
N ASN A 17 -3.00 2.29 -17.86
CA ASN A 17 -2.98 1.38 -19.00
C ASN A 17 -3.17 -0.07 -18.56
N ASN A 18 -2.45 -0.46 -17.51
CA ASN A 18 -2.53 -1.82 -16.99
C ASN A 18 -2.17 -1.85 -15.51
N HIS A 19 -3.07 -2.40 -14.70
CA HIS A 19 -2.85 -2.50 -13.26
C HIS A 19 -2.80 -3.96 -12.82
N GLN A 20 -2.53 -4.17 -11.54
CA GLN A 20 -2.46 -5.52 -10.98
C GLN A 20 -3.81 -5.94 -10.40
N SER A 21 -4.36 -5.10 -9.52
CA SER A 21 -5.64 -5.39 -8.89
C SER A 21 -6.79 -4.78 -9.68
N GLU A 22 -8.02 -5.10 -9.29
CA GLU A 22 -9.19 -4.57 -9.96
C GLU A 22 -9.70 -3.31 -9.28
N GLN A 23 -9.72 -3.34 -7.95
CA GLN A 23 -10.19 -2.20 -7.16
C GLN A 23 -9.03 -1.52 -6.44
N THR A 24 -8.83 -0.24 -6.73
CA THR A 24 -7.75 0.52 -6.10
C THR A 24 -8.29 1.77 -5.42
N LEU A 25 -8.41 1.72 -4.10
CA LEU A 25 -8.90 2.86 -3.32
C LEU A 25 -8.16 2.98 -2.00
N CYS A 26 -7.92 4.22 -1.58
CA CYS A 26 -7.21 4.48 -0.34
C CYS A 26 -8.19 4.59 0.84
N VAL A 27 -8.23 3.56 1.67
CA VAL A 27 -9.13 3.54 2.82
C VAL A 27 -8.77 4.65 3.81
N VAL A 28 -7.53 5.12 3.74
CA VAL A 28 -7.06 6.18 4.63
C VAL A 28 -7.80 7.49 4.36
N CYS A 29 -7.60 8.03 3.16
CA CYS A 29 -8.25 9.28 2.78
C CYS A 29 -9.46 9.01 1.88
N MET A 30 -9.89 7.76 1.83
CA MET A 30 -11.04 7.37 1.02
C MET A 30 -11.03 8.12 -0.32
N CYS A 31 -9.93 8.01 -1.03
CA CYS A 31 -9.79 8.68 -2.33
C CYS A 31 -9.16 7.74 -3.36
N ASP A 32 -9.52 7.95 -4.62
CA ASP A 32 -8.99 7.12 -5.70
C ASP A 32 -7.60 7.60 -6.12
N PHE A 33 -6.61 6.73 -5.96
CA PHE A 33 -5.24 7.06 -6.31
C PHE A 33 -5.17 7.70 -7.70
N GLU A 34 -4.16 8.53 -7.92
CA GLU A 34 -3.98 9.20 -9.20
C GLU A 34 -3.46 8.23 -10.25
N SER A 35 -3.16 8.76 -11.44
CA SER A 35 -2.65 7.94 -12.54
C SER A 35 -1.13 7.99 -12.59
N ARG A 36 -0.56 9.04 -12.01
CA ARG A 36 0.89 9.21 -11.99
C ARG A 36 1.38 9.59 -10.59
N GLN A 37 1.27 8.66 -9.66
CA GLN A 37 1.70 8.90 -8.29
C GLN A 37 2.17 7.62 -7.62
N LEU A 38 3.21 7.71 -6.81
CA LEU A 38 3.75 6.55 -6.11
C LEU A 38 2.76 6.03 -5.07
N LEU A 39 2.45 4.74 -5.16
CA LEU A 39 1.51 4.12 -4.23
C LEU A 39 2.13 2.87 -3.60
N ARG A 40 1.73 2.59 -2.36
CA ARG A 40 2.24 1.43 -1.64
C ARG A 40 1.15 0.38 -1.45
N VAL A 41 1.41 -0.83 -1.94
CA VAL A 41 0.44 -1.92 -1.83
C VAL A 41 0.77 -2.82 -0.63
N LEU A 42 -0.16 -2.89 0.32
CA LEU A 42 0.02 -3.70 1.52
C LEU A 42 0.21 -5.17 1.14
N PRO A 43 0.81 -5.94 2.05
CA PRO A 43 1.06 -7.37 1.85
C PRO A 43 -0.23 -8.20 1.86
N CYS A 44 -1.36 -7.51 1.94
CA CYS A 44 -2.66 -8.17 1.96
C CYS A 44 -3.46 -7.85 0.70
N ASN A 45 -2.75 -7.51 -0.36
CA ASN A 45 -3.39 -7.17 -1.63
C ASN A 45 -4.28 -5.94 -1.49
N HIS A 46 -3.71 -4.87 -0.94
CA HIS A 46 -4.45 -3.63 -0.75
C HIS A 46 -3.62 -2.42 -1.20
N GLU A 47 -4.23 -1.54 -1.98
CA GLU A 47 -3.55 -0.35 -2.47
C GLU A 47 -3.68 0.80 -1.48
N PHE A 48 -2.64 1.62 -1.39
CA PHE A 48 -2.65 2.77 -0.47
C PHE A 48 -1.78 3.89 -1.02
N HIS A 49 -1.73 5.00 -0.29
CA HIS A 49 -0.94 6.16 -0.70
C HIS A 49 0.41 6.17 0.02
N ALA A 50 1.49 6.24 -0.76
CA ALA A 50 2.83 6.27 -0.19
C ALA A 50 2.92 7.23 1.00
N LYS A 51 2.08 8.26 0.97
CA LYS A 51 2.07 9.25 2.04
C LYS A 51 1.13 8.82 3.16
N CYS A 52 -0.12 8.52 2.81
CA CYS A 52 -1.11 8.09 3.79
C CYS A 52 -0.60 6.90 4.60
N VAL A 53 -0.53 5.74 3.97
CA VAL A 53 -0.06 4.53 4.62
C VAL A 53 1.13 4.83 5.54
N ASP A 54 2.09 5.58 5.02
CA ASP A 54 3.27 5.94 5.78
C ASP A 54 2.90 6.46 7.16
N LYS A 55 2.00 7.45 7.18
CA LYS A 55 1.55 8.04 8.44
C LYS A 55 0.77 7.03 9.27
N TRP A 56 -0.08 6.25 8.60
CA TRP A 56 -0.88 5.24 9.28
C TRP A 56 0.01 4.27 10.05
N LEU A 57 0.85 3.55 9.33
CA LEU A 57 1.75 2.59 9.94
C LEU A 57 2.36 3.15 11.22
N LYS A 58 2.48 4.46 11.28
CA LYS A 58 3.04 5.13 12.46
C LYS A 58 2.13 4.96 13.67
N ALA A 59 0.83 5.15 13.46
CA ALA A 59 -0.14 5.01 14.53
C ALA A 59 -0.55 3.55 14.72
N ASN A 60 -0.79 2.86 13.61
CA ASN A 60 -1.19 1.45 13.65
C ASN A 60 -0.31 0.61 12.73
N ARG A 61 0.46 -0.30 13.33
CA ARG A 61 1.33 -1.17 12.55
C ARG A 61 0.55 -2.30 11.89
N THR A 62 -0.57 -1.95 11.27
CA THR A 62 -1.41 -2.93 10.60
C THR A 62 -2.15 -2.31 9.42
N CYS A 63 -3.02 -3.09 8.80
CA CYS A 63 -3.80 -2.63 7.66
C CYS A 63 -5.11 -2.00 8.11
N PRO A 64 -5.33 -0.73 7.71
CA PRO A 64 -6.55 0.01 8.07
C PRO A 64 -7.78 -0.54 7.35
N ILE A 65 -7.61 -1.64 6.64
CA ILE A 65 -8.72 -2.27 5.91
C ILE A 65 -9.07 -3.62 6.51
N CYS A 66 -8.21 -4.60 6.30
CA CYS A 66 -8.43 -5.95 6.83
C CYS A 66 -7.65 -6.15 8.13
N ARG A 67 -6.98 -5.11 8.59
CA ARG A 67 -6.20 -5.18 9.82
C ARG A 67 -5.56 -6.55 9.98
N ALA A 68 -5.12 -7.13 8.87
CA ALA A 68 -4.48 -8.44 8.89
C ALA A 68 -3.08 -8.37 9.47
N ASP A 69 -2.17 -7.78 8.72
CA ASP A 69 -0.78 -7.64 9.16
C ASP A 69 0.04 -6.84 8.15
N SER A 70 0.86 -5.93 8.65
CA SER A 70 1.70 -5.10 7.79
C SER A 70 3.15 -5.13 8.25
N GLY A 71 3.61 -6.31 8.67
CA GLY A 71 4.98 -6.45 9.13
C GLY A 71 5.49 -7.87 9.00
N PRO A 72 6.79 -8.02 8.76
CA PRO A 72 7.43 -9.33 8.61
C PRO A 72 7.49 -10.10 9.94
N SER A 73 7.96 -9.43 10.98
CA SER A 73 8.08 -10.05 12.30
C SER A 73 7.11 -9.41 13.28
N SER A 74 6.86 -10.09 14.40
CA SER A 74 5.95 -9.59 15.42
C SER A 74 6.59 -8.44 16.19
N GLY A 75 7.83 -8.64 16.62
CA GLY A 75 8.54 -7.62 17.36
C GLY A 75 9.00 -6.47 16.48
ZN ZN B . -4.70 8.33 0.51
ZN ZN C . -5.36 -5.33 4.15
N GLY A 1 5.34 -19.32 -8.66
CA GLY A 1 6.35 -18.28 -8.73
C GLY A 1 6.64 -17.66 -7.39
N SER A 2 7.35 -18.40 -6.54
CA SER A 2 7.69 -17.91 -5.21
C SER A 2 8.97 -17.07 -5.24
N SER A 3 9.06 -16.10 -4.34
CA SER A 3 10.23 -15.22 -4.28
C SER A 3 10.51 -14.80 -2.84
N GLY A 4 11.80 -14.81 -2.47
CA GLY A 4 12.17 -14.44 -1.12
C GLY A 4 12.83 -13.07 -1.07
N SER A 5 12.27 -12.12 -1.80
CA SER A 5 12.81 -10.76 -1.84
C SER A 5 12.08 -9.86 -0.84
N SER A 6 12.57 -9.86 0.40
CA SER A 6 11.97 -9.04 1.45
C SER A 6 12.80 -7.79 1.72
N GLY A 7 12.16 -6.74 2.19
CA GLY A 7 12.86 -5.51 2.49
C GLY A 7 11.95 -4.31 2.50
N GLN A 8 11.64 -3.79 1.32
CA GLN A 8 10.77 -2.62 1.19
C GLN A 8 9.56 -2.94 0.31
N LEU A 9 8.43 -2.32 0.63
CA LEU A 9 7.21 -2.54 -0.14
C LEU A 9 7.42 -2.19 -1.61
N PRO A 10 6.63 -2.83 -2.49
CA PRO A 10 6.72 -2.60 -3.94
C PRO A 10 6.20 -1.22 -4.33
N SER A 11 6.91 -0.57 -5.26
CA SER A 11 6.53 0.76 -5.72
C SER A 11 6.19 0.74 -7.20
N TYR A 12 5.10 1.41 -7.57
CA TYR A 12 4.67 1.47 -8.95
C TYR A 12 3.74 2.66 -9.19
N ARG A 13 3.84 3.24 -10.38
CA ARG A 13 3.02 4.40 -10.73
C ARG A 13 1.68 3.95 -11.32
N PHE A 14 0.61 4.64 -10.93
CA PHE A 14 -0.73 4.31 -11.41
C PHE A 14 -0.82 4.52 -12.93
N ASN A 15 -1.15 3.45 -13.64
CA ASN A 15 -1.27 3.51 -15.10
C ASN A 15 -2.73 3.68 -15.51
N PRO A 16 -3.09 4.92 -15.89
CA PRO A 16 -4.45 5.25 -16.32
C PRO A 16 -4.80 4.62 -17.66
N ASN A 17 -3.87 3.83 -18.21
CA ASN A 17 -4.08 3.18 -19.49
C ASN A 17 -4.80 1.85 -19.31
N ASN A 18 -4.32 1.05 -18.37
CA ASN A 18 -4.92 -0.25 -18.10
C ASN A 18 -4.27 -0.90 -16.88
N HIS A 19 -5.10 -1.22 -15.88
CA HIS A 19 -4.61 -1.85 -14.66
C HIS A 19 -5.08 -3.30 -14.56
N GLN A 20 -4.57 -4.02 -13.57
CA GLN A 20 -4.94 -5.41 -13.37
C GLN A 20 -6.27 -5.52 -12.65
N SER A 21 -6.55 -4.58 -11.75
CA SER A 21 -7.79 -4.57 -10.99
C SER A 21 -8.51 -3.23 -11.14
N GLU A 22 -9.69 -3.12 -10.53
CA GLU A 22 -10.46 -1.90 -10.60
C GLU A 22 -10.90 -1.46 -9.20
N GLN A 23 -10.36 -2.11 -8.18
CA GLN A 23 -10.68 -1.79 -6.80
C GLN A 23 -9.57 -0.98 -6.15
N THR A 24 -9.01 -0.04 -6.89
CA THR A 24 -7.94 0.80 -6.40
C THR A 24 -8.49 2.00 -5.62
N LEU A 25 -8.48 1.89 -4.30
CA LEU A 25 -8.97 2.97 -3.45
C LEU A 25 -8.13 3.08 -2.17
N CYS A 26 -7.97 4.31 -1.69
CA CYS A 26 -7.20 4.56 -0.48
C CYS A 26 -8.11 4.72 0.73
N VAL A 27 -8.25 3.65 1.51
CA VAL A 27 -9.09 3.68 2.70
C VAL A 27 -8.69 4.82 3.64
N VAL A 28 -7.39 5.10 3.68
CA VAL A 28 -6.87 6.16 4.54
C VAL A 28 -7.62 7.47 4.31
N CYS A 29 -7.49 8.02 3.11
CA CYS A 29 -8.14 9.26 2.75
C CYS A 29 -9.36 9.00 1.86
N MET A 30 -9.87 7.77 1.89
CA MET A 30 -11.02 7.40 1.10
C MET A 30 -11.03 8.13 -0.24
N CYS A 31 -9.92 8.00 -0.98
CA CYS A 31 -9.80 8.65 -2.28
C CYS A 31 -9.04 7.75 -3.26
N ASP A 32 -9.41 7.84 -4.53
CA ASP A 32 -8.77 7.04 -5.57
C ASP A 32 -7.41 7.61 -5.94
N PHE A 33 -6.41 6.74 -6.04
CA PHE A 33 -5.06 7.17 -6.39
C PHE A 33 -5.03 7.85 -7.76
N GLU A 34 -4.26 8.93 -7.85
CA GLU A 34 -4.15 9.67 -9.10
C GLU A 34 -3.06 9.08 -9.99
N SER A 35 -2.92 9.64 -11.19
CA SER A 35 -1.92 9.16 -12.14
C SER A 35 -0.55 9.78 -11.83
N ARG A 36 0.51 9.01 -12.08
CA ARG A 36 1.86 9.48 -11.84
C ARG A 36 2.07 9.79 -10.36
N GLN A 37 1.61 8.89 -9.49
CA GLN A 37 1.75 9.07 -8.06
C GLN A 37 2.25 7.79 -7.39
N LEU A 38 3.18 7.95 -6.46
CA LEU A 38 3.74 6.80 -5.75
C LEU A 38 2.68 6.13 -4.88
N LEU A 39 2.43 4.86 -5.15
CA LEU A 39 1.44 4.09 -4.40
C LEU A 39 2.09 2.90 -3.71
N ARG A 40 1.60 2.56 -2.52
CA ARG A 40 2.13 1.44 -1.76
C ARG A 40 1.05 0.39 -1.52
N VAL A 41 1.31 -0.83 -1.98
CA VAL A 41 0.36 -1.93 -1.81
C VAL A 41 0.74 -2.80 -0.62
N LEU A 42 -0.14 -2.84 0.38
CA LEU A 42 0.08 -3.64 1.57
C LEU A 42 0.26 -5.12 1.22
N PRO A 43 0.90 -5.87 2.12
CA PRO A 43 1.15 -7.30 1.93
C PRO A 43 -0.15 -8.12 2.02
N CYS A 44 -1.27 -7.43 2.13
CA CYS A 44 -2.57 -8.09 2.23
C CYS A 44 -3.40 -7.85 0.96
N ASN A 45 -2.72 -7.56 -0.14
CA ASN A 45 -3.39 -7.30 -1.41
C ASN A 45 -4.28 -6.08 -1.31
N HIS A 46 -3.71 -4.97 -0.83
CA HIS A 46 -4.45 -3.72 -0.69
C HIS A 46 -3.60 -2.53 -1.14
N GLU A 47 -4.19 -1.67 -1.96
CA GLU A 47 -3.49 -0.49 -2.46
C GLU A 47 -3.66 0.69 -1.51
N PHE A 48 -2.62 1.50 -1.39
CA PHE A 48 -2.64 2.66 -0.51
C PHE A 48 -1.74 3.78 -1.05
N HIS A 49 -1.78 4.93 -0.38
CA HIS A 49 -0.96 6.06 -0.79
C HIS A 49 0.40 6.05 -0.09
N ALA A 50 1.46 5.91 -0.86
CA ALA A 50 2.81 5.89 -0.31
C ALA A 50 2.96 6.91 0.80
N LYS A 51 2.14 7.95 0.77
CA LYS A 51 2.19 9.00 1.77
C LYS A 51 1.24 8.69 2.93
N CYS A 52 0.01 8.34 2.59
CA CYS A 52 -1.00 8.01 3.60
C CYS A 52 -0.54 6.84 4.46
N VAL A 53 -0.51 5.65 3.87
CA VAL A 53 -0.10 4.44 4.57
C VAL A 53 1.14 4.71 5.42
N ASP A 54 2.00 5.60 4.95
CA ASP A 54 3.21 5.95 5.67
C ASP A 54 2.90 6.40 7.09
N LYS A 55 1.96 7.33 7.21
CA LYS A 55 1.56 7.84 8.52
C LYS A 55 0.78 6.80 9.30
N TRP A 56 -0.36 6.38 8.76
CA TRP A 56 -1.20 5.38 9.41
C TRP A 56 -0.35 4.34 10.14
N LEU A 57 0.64 3.81 9.44
CA LEU A 57 1.54 2.81 10.02
C LEU A 57 2.19 3.33 11.30
N LYS A 58 2.61 4.59 11.28
CA LYS A 58 3.23 5.21 12.44
C LYS A 58 2.37 5.05 13.68
N ALA A 59 1.04 5.10 13.48
CA ALA A 59 0.11 4.95 14.59
C ALA A 59 -0.23 3.49 14.83
N ASN A 60 -0.55 2.77 13.76
CA ASN A 60 -0.90 1.36 13.85
C ASN A 60 -0.17 0.54 12.80
N ARG A 61 0.64 -0.42 13.25
CA ARG A 61 1.39 -1.26 12.34
C ARG A 61 0.50 -2.33 11.71
N THR A 62 -0.67 -1.90 11.23
CA THR A 62 -1.62 -2.82 10.61
C THR A 62 -2.28 -2.17 9.39
N CYS A 63 -3.19 -2.91 8.77
CA CYS A 63 -3.90 -2.41 7.59
C CYS A 63 -5.21 -1.73 7.99
N PRO A 64 -5.40 -0.49 7.52
CA PRO A 64 -6.61 0.29 7.82
C PRO A 64 -7.85 -0.27 7.12
N ILE A 65 -7.70 -1.46 6.54
CA ILE A 65 -8.81 -2.10 5.84
C ILE A 65 -9.16 -3.44 6.48
N CYS A 66 -8.23 -4.39 6.39
CA CYS A 66 -8.44 -5.72 6.96
C CYS A 66 -7.67 -5.87 8.27
N ARG A 67 -7.06 -4.78 8.72
CA ARG A 67 -6.29 -4.80 9.96
C ARG A 67 -5.59 -6.14 10.15
N ALA A 68 -5.06 -6.68 9.06
CA ALA A 68 -4.37 -7.97 9.11
C ALA A 68 -2.95 -7.81 9.62
N ASP A 69 -2.07 -7.26 8.76
CA ASP A 69 -0.68 -7.06 9.12
C ASP A 69 0.07 -6.33 8.00
N SER A 70 1.14 -5.65 8.37
CA SER A 70 1.93 -4.90 7.40
C SER A 70 3.42 -5.25 7.53
N GLY A 71 3.86 -5.51 8.75
CA GLY A 71 5.24 -5.86 8.99
C GLY A 71 6.11 -4.64 9.28
N PRO A 72 7.03 -4.79 10.24
CA PRO A 72 7.92 -3.70 10.64
C PRO A 72 8.97 -3.38 9.58
N SER A 73 8.67 -2.39 8.75
CA SER A 73 9.58 -1.99 7.68
C SER A 73 10.91 -1.49 8.25
N SER A 74 12.00 -2.07 7.74
CA SER A 74 13.33 -1.69 8.21
C SER A 74 13.95 -0.65 7.29
N GLY A 75 13.87 0.62 7.69
CA GLY A 75 14.43 1.69 6.89
C GLY A 75 13.38 2.72 6.49
ZN ZN B . -4.63 8.41 0.37
ZN ZN C . -5.46 -5.17 4.15
N GLY A 1 12.07 -10.94 -13.82
CA GLY A 1 12.09 -10.12 -12.63
C GLY A 1 11.77 -10.90 -11.38
N SER A 2 12.80 -11.32 -10.65
CA SER A 2 12.62 -12.08 -9.43
C SER A 2 13.19 -11.34 -8.22
N SER A 3 12.32 -10.93 -7.32
CA SER A 3 12.74 -10.20 -6.12
C SER A 3 11.77 -10.43 -4.97
N GLY A 4 12.25 -10.25 -3.75
CA GLY A 4 11.41 -10.44 -2.59
C GLY A 4 11.96 -9.76 -1.35
N SER A 5 12.07 -8.44 -1.40
CA SER A 5 12.60 -7.68 -0.28
C SER A 5 11.56 -7.54 0.83
N SER A 6 11.92 -7.99 2.03
CA SER A 6 11.02 -7.93 3.17
C SER A 6 11.22 -6.64 3.95
N GLY A 7 10.20 -5.79 3.96
CA GLY A 7 10.27 -4.53 4.67
C GLY A 7 10.13 -3.33 3.75
N GLN A 8 10.76 -3.40 2.59
CA GLN A 8 10.69 -2.31 1.62
C GLN A 8 9.71 -2.64 0.50
N LEU A 9 8.48 -2.13 0.64
CA LEU A 9 7.45 -2.37 -0.36
C LEU A 9 7.93 -1.99 -1.75
N PRO A 10 7.34 -2.62 -2.77
CA PRO A 10 7.70 -2.35 -4.17
C PRO A 10 7.25 -0.96 -4.64
N SER A 11 8.14 -0.26 -5.32
CA SER A 11 7.83 1.08 -5.82
C SER A 11 7.23 1.01 -7.21
N TYR A 12 6.11 1.70 -7.40
CA TYR A 12 5.42 1.73 -8.69
C TYR A 12 4.50 2.95 -8.80
N ARG A 13 4.25 3.37 -10.02
CA ARG A 13 3.39 4.53 -10.27
C ARG A 13 2.02 4.09 -10.79
N PHE A 14 0.97 4.55 -10.13
CA PHE A 14 -0.39 4.20 -10.52
C PHE A 14 -0.58 4.35 -12.04
N ASN A 15 -1.36 3.45 -12.63
CA ASN A 15 -1.62 3.49 -14.05
C ASN A 15 -3.09 3.24 -14.35
N PRO A 16 -3.74 4.22 -14.98
CA PRO A 16 -5.16 4.13 -15.34
C PRO A 16 -5.42 3.11 -16.44
N ASN A 17 -4.38 2.40 -16.84
CA ASN A 17 -4.49 1.39 -17.89
C ASN A 17 -4.56 0.00 -17.29
N ASN A 18 -3.58 -0.35 -16.46
CA ASN A 18 -3.54 -1.66 -15.81
C ASN A 18 -3.12 -1.54 -14.36
N HIS A 19 -3.81 -2.24 -13.48
CA HIS A 19 -3.50 -2.22 -12.06
C HIS A 19 -3.59 -3.62 -11.45
N GLN A 20 -3.22 -3.73 -10.18
CA GLN A 20 -3.26 -5.02 -9.50
C GLN A 20 -4.67 -5.58 -9.46
N SER A 21 -5.58 -4.87 -8.79
CA SER A 21 -6.96 -5.31 -8.68
C SER A 21 -7.87 -4.42 -9.52
N GLU A 22 -9.16 -4.74 -9.52
CA GLU A 22 -10.14 -3.97 -10.30
C GLU A 22 -10.59 -2.74 -9.52
N GLN A 23 -10.45 -2.79 -8.20
CA GLN A 23 -10.84 -1.68 -7.35
C GLN A 23 -9.61 -0.99 -6.74
N THR A 24 -9.50 0.31 -6.97
CA THR A 24 -8.38 1.09 -6.46
C THR A 24 -8.86 2.28 -5.63
N LEU A 25 -8.82 2.13 -4.32
CA LEU A 25 -9.25 3.20 -3.42
C LEU A 25 -8.37 3.26 -2.18
N CYS A 26 -8.15 4.47 -1.66
CA CYS A 26 -7.33 4.66 -0.47
C CYS A 26 -8.19 4.72 0.78
N VAL A 27 -8.29 3.60 1.48
CA VAL A 27 -9.08 3.52 2.70
C VAL A 27 -8.68 4.62 3.68
N VAL A 28 -7.40 4.97 3.67
CA VAL A 28 -6.89 6.00 4.56
C VAL A 28 -7.63 7.32 4.37
N CYS A 29 -7.51 7.89 3.19
CA CYS A 29 -8.18 9.15 2.87
C CYS A 29 -9.37 8.92 1.95
N MET A 30 -9.92 7.71 1.99
CA MET A 30 -11.07 7.36 1.17
C MET A 30 -11.02 8.11 -0.16
N CYS A 31 -9.85 8.13 -0.79
CA CYS A 31 -9.69 8.82 -2.07
C CYS A 31 -9.00 7.92 -3.08
N ASP A 32 -9.53 7.88 -4.29
CA ASP A 32 -8.97 7.06 -5.36
C ASP A 32 -7.63 7.61 -5.82
N PHE A 33 -6.62 6.75 -5.88
CA PHE A 33 -5.29 7.16 -6.30
C PHE A 33 -5.32 7.74 -7.72
N GLU A 34 -4.43 8.68 -7.99
CA GLU A 34 -4.36 9.32 -9.30
C GLU A 34 -3.14 8.82 -10.07
N SER A 35 -3.16 9.02 -11.39
CA SER A 35 -2.07 8.60 -12.25
C SER A 35 -0.80 9.39 -11.95
N ARG A 36 0.35 8.79 -12.25
CA ARG A 36 1.63 9.44 -12.01
C ARG A 36 1.83 9.72 -10.52
N GLN A 37 1.60 8.70 -9.69
CA GLN A 37 1.75 8.84 -8.25
C GLN A 37 2.21 7.53 -7.62
N LEU A 38 3.24 7.62 -6.79
CA LEU A 38 3.79 6.44 -6.12
C LEU A 38 2.82 5.93 -5.05
N LEU A 39 2.48 4.64 -5.14
CA LEU A 39 1.57 4.03 -4.19
C LEU A 39 2.22 2.83 -3.51
N ARG A 40 1.79 2.54 -2.29
CA ARG A 40 2.33 1.41 -1.53
C ARG A 40 1.28 0.34 -1.33
N VAL A 41 1.58 -0.87 -1.79
CA VAL A 41 0.65 -1.99 -1.66
C VAL A 41 0.99 -2.85 -0.46
N LEU A 42 0.00 -3.08 0.40
CA LEU A 42 0.19 -3.88 1.60
C LEU A 42 0.33 -5.37 1.24
N PRO A 43 0.94 -6.14 2.15
CA PRO A 43 1.14 -7.58 1.96
C PRO A 43 -0.17 -8.36 2.03
N CYS A 44 -1.28 -7.64 2.12
CA CYS A 44 -2.58 -8.28 2.19
C CYS A 44 -3.37 -8.03 0.91
N ASN A 45 -2.69 -7.54 -0.12
CA ASN A 45 -3.33 -7.26 -1.40
C ASN A 45 -4.21 -6.02 -1.32
N HIS A 46 -3.62 -4.91 -0.87
CA HIS A 46 -4.35 -3.65 -0.74
C HIS A 46 -3.48 -2.48 -1.17
N GLU A 47 -4.08 -1.56 -1.94
CA GLU A 47 -3.36 -0.40 -2.43
C GLU A 47 -3.54 0.79 -1.47
N PHE A 48 -2.50 1.60 -1.34
CA PHE A 48 -2.55 2.77 -0.47
C PHE A 48 -1.64 3.87 -0.99
N HIS A 49 -1.77 5.06 -0.40
CA HIS A 49 -0.96 6.21 -0.82
C HIS A 49 0.39 6.20 -0.10
N ALA A 50 1.46 6.16 -0.88
CA ALA A 50 2.81 6.15 -0.31
C ALA A 50 2.91 7.09 0.88
N LYS A 51 2.12 8.16 0.86
CA LYS A 51 2.12 9.13 1.96
C LYS A 51 1.17 8.69 3.07
N CYS A 52 -0.06 8.41 2.70
CA CYS A 52 -1.08 7.99 3.67
C CYS A 52 -0.58 6.78 4.47
N VAL A 53 -0.46 5.64 3.80
CA VAL A 53 0.00 4.42 4.44
C VAL A 53 1.17 4.69 5.37
N ASP A 54 1.93 5.74 5.05
CA ASP A 54 3.09 6.11 5.87
C ASP A 54 2.65 6.68 7.21
N LYS A 55 1.60 7.49 7.19
CA LYS A 55 1.07 8.10 8.40
C LYS A 55 0.31 7.09 9.25
N TRP A 56 -0.36 6.16 8.57
CA TRP A 56 -1.13 5.12 9.26
C TRP A 56 -0.21 4.17 10.01
N LEU A 57 0.64 3.46 9.28
CA LEU A 57 1.58 2.52 9.89
C LEU A 57 2.22 3.11 11.14
N LYS A 58 2.59 4.38 11.07
CA LYS A 58 3.20 5.06 12.20
C LYS A 58 2.32 4.97 13.44
N ALA A 59 1.02 5.17 13.25
CA ALA A 59 0.07 5.10 14.36
C ALA A 59 -0.25 3.64 14.70
N ASN A 60 -0.55 2.85 13.68
CA ASN A 60 -0.88 1.45 13.88
C ASN A 60 -0.18 0.57 12.86
N ARG A 61 0.62 -0.38 13.35
CA ARG A 61 1.37 -1.28 12.49
C ARG A 61 0.45 -2.35 11.90
N THR A 62 -0.67 -1.90 11.32
CA THR A 62 -1.63 -2.82 10.72
C THR A 62 -2.30 -2.20 9.49
N CYS A 63 -3.11 -2.98 8.81
CA CYS A 63 -3.81 -2.51 7.62
C CYS A 63 -5.12 -1.83 7.99
N PRO A 64 -5.29 -0.59 7.52
CA PRO A 64 -6.50 0.20 7.79
C PRO A 64 -7.72 -0.35 7.07
N ILE A 65 -7.58 -1.54 6.48
CA ILE A 65 -8.68 -2.17 5.76
C ILE A 65 -9.06 -3.49 6.39
N CYS A 66 -8.17 -4.49 6.27
CA CYS A 66 -8.41 -5.80 6.83
C CYS A 66 -7.64 -5.99 8.14
N ARG A 67 -7.29 -4.87 8.77
CA ARG A 67 -6.55 -4.92 10.03
C ARG A 67 -5.53 -6.04 10.02
N ALA A 68 -5.06 -6.40 8.83
CA ALA A 68 -4.07 -7.47 8.68
C ALA A 68 -2.67 -6.96 8.99
N ASP A 69 -2.15 -7.34 10.15
CA ASP A 69 -0.81 -6.92 10.56
C ASP A 69 0.18 -7.07 9.41
N SER A 70 0.68 -5.95 8.91
CA SER A 70 1.63 -5.95 7.81
C SER A 70 2.85 -6.82 8.15
N GLY A 71 3.44 -6.56 9.33
CA GLY A 71 4.60 -7.32 9.75
C GLY A 71 5.82 -6.45 9.94
N PRO A 72 5.95 -5.87 11.14
CA PRO A 72 7.08 -4.99 11.49
C PRO A 72 8.39 -5.76 11.60
N SER A 73 9.48 -5.04 11.82
CA SER A 73 10.79 -5.65 11.95
C SER A 73 11.48 -5.20 13.23
N SER A 74 11.77 -6.17 14.11
CA SER A 74 12.41 -5.88 15.39
C SER A 74 13.87 -6.35 15.37
N GLY A 75 14.77 -5.42 15.07
CA GLY A 75 16.19 -5.76 15.03
C GLY A 75 16.73 -6.14 16.40
ZN ZN B . -4.68 8.45 0.41
ZN ZN C . -5.38 -5.27 4.10
N GLY A 1 17.99 -19.41 -10.51
CA GLY A 1 17.64 -18.00 -10.53
C GLY A 1 16.49 -17.68 -9.60
N SER A 2 16.58 -18.16 -8.37
CA SER A 2 15.54 -17.92 -7.37
C SER A 2 15.72 -16.56 -6.71
N SER A 3 16.05 -15.56 -7.51
CA SER A 3 16.26 -14.21 -7.01
C SER A 3 14.99 -13.37 -7.15
N GLY A 4 14.68 -12.59 -6.12
CA GLY A 4 13.49 -11.75 -6.15
C GLY A 4 13.70 -10.43 -5.45
N SER A 5 12.68 -9.96 -4.75
CA SER A 5 12.76 -8.69 -4.03
C SER A 5 12.82 -8.91 -2.52
N SER A 6 13.81 -8.32 -1.88
CA SER A 6 13.99 -8.45 -0.44
C SER A 6 14.23 -7.09 0.21
N GLY A 7 13.23 -6.60 0.94
CA GLY A 7 13.35 -5.31 1.60
C GLY A 7 12.01 -4.74 2.00
N GLN A 8 11.79 -3.46 1.68
CA GLN A 8 10.55 -2.79 2.03
C GLN A 8 9.54 -2.91 0.89
N LEU A 9 8.33 -2.41 1.12
CA LEU A 9 7.29 -2.45 0.11
C LEU A 9 7.79 -1.95 -1.24
N PRO A 10 7.18 -2.43 -2.33
CA PRO A 10 7.55 -2.04 -3.69
C PRO A 10 7.17 -0.60 -4.00
N SER A 11 7.51 -0.15 -5.21
CA SER A 11 7.20 1.21 -5.63
C SER A 11 6.91 1.27 -7.12
N TYR A 12 5.72 1.74 -7.47
CA TYR A 12 5.31 1.84 -8.87
C TYR A 12 4.20 2.87 -9.04
N ARG A 13 4.14 3.47 -10.23
CA ARG A 13 3.12 4.47 -10.53
C ARG A 13 1.83 3.82 -11.03
N PHE A 14 0.73 4.10 -10.35
CA PHE A 14 -0.56 3.54 -10.72
C PHE A 14 -0.81 3.70 -12.22
N ASN A 15 -1.55 2.75 -12.80
CA ASN A 15 -1.86 2.79 -14.22
C ASN A 15 -3.35 2.62 -14.46
N PRO A 16 -3.99 3.68 -14.97
CA PRO A 16 -5.43 3.68 -15.24
C PRO A 16 -5.79 2.79 -16.43
N ASN A 17 -4.90 2.75 -17.42
CA ASN A 17 -5.12 1.93 -18.61
C ASN A 17 -5.23 0.45 -18.24
N ASN A 18 -4.29 -0.02 -17.41
CA ASN A 18 -4.28 -1.41 -16.98
C ASN A 18 -3.92 -1.52 -15.51
N HIS A 19 -4.93 -1.83 -14.68
CA HIS A 19 -4.72 -1.97 -13.24
C HIS A 19 -4.91 -3.41 -12.80
N GLN A 20 -4.67 -3.68 -11.52
CA GLN A 20 -4.82 -5.01 -10.98
C GLN A 20 -6.23 -5.25 -10.47
N SER A 21 -6.65 -4.45 -9.50
CA SER A 21 -7.99 -4.58 -8.92
C SER A 21 -8.96 -3.60 -9.59
N GLU A 22 -10.21 -3.67 -9.19
CA GLU A 22 -11.25 -2.78 -9.74
C GLU A 22 -11.70 -1.76 -8.70
N GLN A 23 -11.42 -2.05 -7.43
CA GLN A 23 -11.81 -1.17 -6.34
C GLN A 23 -10.58 -0.54 -5.69
N THR A 24 -9.58 -0.21 -6.51
CA THR A 24 -8.35 0.39 -6.00
C THR A 24 -8.61 1.78 -5.44
N LEU A 25 -8.70 1.87 -4.12
CA LEU A 25 -8.95 3.15 -3.46
C LEU A 25 -8.18 3.24 -2.14
N CYS A 26 -7.90 4.46 -1.71
CA CYS A 26 -7.16 4.69 -0.47
C CYS A 26 -8.12 4.73 0.73
N VAL A 27 -8.28 3.59 1.39
CA VAL A 27 -9.16 3.51 2.55
C VAL A 27 -8.83 4.58 3.57
N VAL A 28 -7.55 4.91 3.68
CA VAL A 28 -7.10 5.93 4.62
C VAL A 28 -7.85 7.24 4.43
N CYS A 29 -7.61 7.89 3.29
CA CYS A 29 -8.27 9.15 2.97
C CYS A 29 -9.43 8.93 2.00
N MET A 30 -9.99 7.73 2.04
CA MET A 30 -11.11 7.39 1.15
C MET A 30 -11.01 8.14 -0.16
N CYS A 31 -9.83 8.15 -0.75
CA CYS A 31 -9.60 8.84 -2.02
C CYS A 31 -9.05 7.87 -3.07
N ASP A 32 -9.41 8.09 -4.32
CA ASP A 32 -8.95 7.25 -5.41
C ASP A 32 -7.55 7.64 -5.85
N PHE A 33 -6.65 6.65 -5.88
CA PHE A 33 -5.27 6.89 -6.27
C PHE A 33 -5.20 7.56 -7.65
N GLU A 34 -4.33 8.55 -7.78
CA GLU A 34 -4.18 9.27 -9.04
C GLU A 34 -3.68 8.33 -10.13
N SER A 35 -3.39 8.89 -11.31
CA SER A 35 -2.92 8.11 -12.44
C SER A 35 -1.39 8.12 -12.51
N ARG A 36 -0.79 9.13 -11.89
CA ARG A 36 0.66 9.26 -11.89
C ARG A 36 1.17 9.61 -10.49
N GLN A 37 1.14 8.62 -9.59
CA GLN A 37 1.59 8.82 -8.22
C GLN A 37 2.07 7.51 -7.61
N LEU A 38 3.13 7.58 -6.82
CA LEU A 38 3.69 6.39 -6.18
C LEU A 38 2.76 5.89 -5.09
N LEU A 39 2.36 4.62 -5.20
CA LEU A 39 1.47 4.01 -4.22
C LEU A 39 2.11 2.77 -3.61
N ARG A 40 1.84 2.54 -2.33
CA ARG A 40 2.38 1.38 -1.63
C ARG A 40 1.30 0.32 -1.41
N VAL A 41 1.54 -0.88 -1.92
CA VAL A 41 0.60 -1.97 -1.77
C VAL A 41 0.93 -2.83 -0.56
N LEU A 42 -0.01 -2.89 0.39
CA LEU A 42 0.18 -3.68 1.60
C LEU A 42 0.37 -5.16 1.27
N PRO A 43 0.97 -5.91 2.20
CA PRO A 43 1.23 -7.34 2.03
C PRO A 43 -0.07 -8.16 2.08
N CYS A 44 -1.20 -7.47 2.13
CA CYS A 44 -2.50 -8.13 2.18
C CYS A 44 -3.29 -7.89 0.90
N ASN A 45 -2.57 -7.54 -0.16
CA ASN A 45 -3.20 -7.27 -1.45
C ASN A 45 -4.11 -6.04 -1.37
N HIS A 46 -3.55 -4.95 -0.88
CA HIS A 46 -4.30 -3.70 -0.75
C HIS A 46 -3.46 -2.50 -1.17
N GLU A 47 -4.06 -1.60 -1.93
CA GLU A 47 -3.36 -0.41 -2.41
C GLU A 47 -3.57 0.76 -1.45
N PHE A 48 -2.54 1.59 -1.31
CA PHE A 48 -2.62 2.74 -0.43
C PHE A 48 -1.70 3.87 -0.93
N HIS A 49 -1.86 5.05 -0.35
CA HIS A 49 -1.06 6.21 -0.73
C HIS A 49 0.28 6.20 -0.01
N ALA A 50 1.36 6.13 -0.78
CA ALA A 50 2.71 6.12 -0.21
C ALA A 50 2.80 7.04 1.01
N LYS A 51 2.09 8.17 0.94
CA LYS A 51 2.09 9.14 2.02
C LYS A 51 1.15 8.71 3.14
N CYS A 52 -0.12 8.48 2.79
CA CYS A 52 -1.12 8.06 3.75
C CYS A 52 -0.65 6.83 4.53
N VAL A 53 -0.59 5.70 3.85
CA VAL A 53 -0.16 4.45 4.48
C VAL A 53 1.01 4.70 5.44
N ASP A 54 1.96 5.51 5.02
CA ASP A 54 3.12 5.83 5.84
C ASP A 54 2.69 6.41 7.19
N LYS A 55 1.69 7.29 7.15
CA LYS A 55 1.19 7.91 8.38
C LYS A 55 0.39 6.91 9.20
N TRP A 56 -0.39 6.08 8.53
CA TRP A 56 -1.21 5.07 9.20
C TRP A 56 -0.33 4.05 9.91
N LEU A 57 0.76 3.66 9.25
CA LEU A 57 1.68 2.68 9.82
C LEU A 57 2.36 3.24 11.08
N LYS A 58 2.50 4.55 11.12
CA LYS A 58 3.13 5.22 12.26
C LYS A 58 2.29 5.05 13.52
N ALA A 59 0.98 5.26 13.39
CA ALA A 59 0.07 5.13 14.51
C ALA A 59 -0.31 3.67 14.75
N ASN A 60 -0.66 2.97 13.67
CA ASN A 60 -1.05 1.56 13.76
C ASN A 60 -0.29 0.72 12.74
N ARG A 61 0.46 -0.26 13.23
CA ARG A 61 1.24 -1.13 12.36
C ARG A 61 0.36 -2.22 11.75
N THR A 62 -0.77 -1.80 11.20
CA THR A 62 -1.70 -2.75 10.57
C THR A 62 -2.39 -2.12 9.36
N CYS A 63 -3.22 -2.91 8.69
CA CYS A 63 -3.94 -2.44 7.52
C CYS A 63 -5.27 -1.79 7.91
N PRO A 64 -5.48 -0.55 7.45
CA PRO A 64 -6.71 0.20 7.75
C PRO A 64 -7.92 -0.37 7.02
N ILE A 65 -7.74 -1.54 6.41
CA ILE A 65 -8.83 -2.19 5.69
C ILE A 65 -9.18 -3.54 6.32
N CYS A 66 -8.25 -4.47 6.25
CA CYS A 66 -8.46 -5.81 6.81
C CYS A 66 -7.69 -5.96 8.12
N ARG A 67 -7.38 -4.84 8.76
CA ARG A 67 -6.66 -4.86 10.03
C ARG A 67 -5.57 -5.95 10.02
N ALA A 68 -5.09 -6.29 8.83
CA ALA A 68 -4.06 -7.31 8.68
C ALA A 68 -2.69 -6.74 9.00
N ASP A 69 -2.07 -7.26 10.06
CA ASP A 69 -0.75 -6.81 10.47
C ASP A 69 0.17 -6.66 9.26
N SER A 70 0.78 -5.47 9.13
CA SER A 70 1.68 -5.20 8.01
C SER A 70 3.09 -5.68 8.33
N GLY A 71 3.20 -6.88 8.88
CA GLY A 71 4.50 -7.42 9.21
C GLY A 71 5.58 -6.98 8.27
N PRO A 72 6.32 -5.92 8.64
CA PRO A 72 7.40 -5.38 7.83
C PRO A 72 8.60 -6.31 7.77
N SER A 73 9.52 -6.03 6.85
CA SER A 73 10.72 -6.84 6.67
C SER A 73 11.49 -6.95 7.98
N SER A 74 11.70 -5.82 8.64
CA SER A 74 12.43 -5.78 9.90
C SER A 74 11.47 -5.84 11.08
N GLY A 75 11.33 -7.03 11.65
CA GLY A 75 10.44 -7.20 12.79
C GLY A 75 9.90 -8.61 12.90
ZN ZN B . -4.73 8.55 0.49
ZN ZN C . -5.43 -5.23 4.05
N GLY A 1 26.80 -15.46 2.34
CA GLY A 1 26.78 -14.01 2.30
C GLY A 1 25.42 -13.44 2.65
N SER A 2 25.05 -12.36 1.97
CA SER A 2 23.77 -11.70 2.22
C SER A 2 22.83 -11.90 1.04
N SER A 3 21.74 -12.63 1.26
CA SER A 3 20.76 -12.89 0.21
C SER A 3 19.60 -11.91 0.30
N GLY A 4 18.76 -11.90 -0.73
CA GLY A 4 17.61 -11.01 -0.75
C GLY A 4 16.62 -11.32 0.34
N SER A 5 16.61 -10.50 1.38
CA SER A 5 15.70 -10.70 2.51
C SER A 5 14.48 -9.79 2.38
N SER A 6 13.34 -10.37 2.05
CA SER A 6 12.10 -9.62 1.89
C SER A 6 12.02 -8.49 2.92
N GLY A 7 11.77 -7.28 2.43
CA GLY A 7 11.66 -6.13 3.32
C GLY A 7 11.16 -4.90 2.60
N GLN A 8 11.63 -4.69 1.38
CA GLN A 8 11.23 -3.53 0.60
C GLN A 8 10.07 -3.88 -0.34
N LEU A 9 8.91 -3.29 -0.10
CA LEU A 9 7.73 -3.53 -0.92
C LEU A 9 7.93 -2.99 -2.34
N PRO A 10 7.22 -3.59 -3.31
CA PRO A 10 7.29 -3.19 -4.71
C PRO A 10 6.66 -1.82 -4.95
N SER A 11 7.39 -0.94 -5.63
CA SER A 11 6.90 0.40 -5.92
C SER A 11 6.49 0.52 -7.39
N TYR A 12 5.23 0.85 -7.62
CA TYR A 12 4.71 0.99 -8.98
C TYR A 12 3.62 2.04 -9.03
N ARG A 13 3.39 2.60 -10.22
CA ARG A 13 2.37 3.62 -10.41
C ARG A 13 1.06 3.00 -10.86
N PHE A 14 -0.03 3.40 -10.20
CA PHE A 14 -1.35 2.87 -10.53
C PHE A 14 -1.68 3.11 -12.00
N ASN A 15 -2.28 2.12 -12.63
CA ASN A 15 -2.65 2.22 -14.04
C ASN A 15 -4.17 2.34 -14.20
N PRO A 16 -4.62 3.50 -14.68
CA PRO A 16 -6.05 3.76 -14.89
C PRO A 16 -6.63 2.95 -16.04
N ASN A 17 -5.79 2.10 -16.64
CA ASN A 17 -6.22 1.27 -17.76
C ASN A 17 -6.14 -0.21 -17.39
N ASN A 18 -4.95 -0.67 -17.03
CA ASN A 18 -4.73 -2.06 -16.65
C ASN A 18 -5.67 -2.46 -15.52
N HIS A 19 -5.65 -1.70 -14.43
CA HIS A 19 -6.50 -1.98 -13.29
C HIS A 19 -7.86 -2.49 -13.73
N GLN A 20 -8.13 -3.76 -13.44
CA GLN A 20 -9.41 -4.36 -13.80
C GLN A 20 -10.53 -3.89 -12.89
N SER A 21 -10.40 -4.17 -11.60
CA SER A 21 -11.40 -3.76 -10.62
C SER A 21 -11.30 -2.27 -10.32
N GLU A 22 -12.33 -1.74 -9.66
CA GLU A 22 -12.36 -0.32 -9.31
C GLU A 22 -12.47 -0.13 -7.81
N GLN A 23 -12.46 -1.24 -7.07
CA GLN A 23 -12.55 -1.20 -5.62
C GLN A 23 -11.25 -0.69 -5.00
N THR A 24 -10.22 -0.58 -5.83
CA THR A 24 -8.92 -0.11 -5.37
C THR A 24 -8.97 1.37 -5.00
N LEU A 25 -9.07 1.65 -3.71
CA LEU A 25 -9.14 3.03 -3.23
C LEU A 25 -8.39 3.18 -1.91
N CYS A 26 -7.80 4.35 -1.69
CA CYS A 26 -7.05 4.62 -0.47
C CYS A 26 -8.00 4.73 0.73
N VAL A 27 -8.10 3.64 1.48
CA VAL A 27 -8.96 3.61 2.67
C VAL A 27 -8.56 4.69 3.67
N VAL A 28 -7.30 5.12 3.59
CA VAL A 28 -6.79 6.15 4.49
C VAL A 28 -7.51 7.47 4.27
N CYS A 29 -7.32 8.06 3.09
CA CYS A 29 -7.93 9.33 2.75
C CYS A 29 -9.18 9.12 1.92
N MET A 30 -9.74 7.90 1.98
CA MET A 30 -10.94 7.57 1.23
C MET A 30 -10.92 8.24 -0.15
N CYS A 31 -9.72 8.36 -0.72
CA CYS A 31 -9.57 8.99 -2.03
C CYS A 31 -9.08 7.97 -3.06
N ASP A 32 -9.59 8.08 -4.27
CA ASP A 32 -9.20 7.17 -5.35
C ASP A 32 -7.68 7.20 -5.57
N PHE A 33 -7.21 6.35 -6.47
CA PHE A 33 -5.79 6.28 -6.78
C PHE A 33 -5.48 6.94 -8.11
N GLU A 34 -4.84 8.10 -8.07
CA GLU A 34 -4.49 8.83 -9.28
C GLU A 34 -3.50 8.04 -10.12
N SER A 35 -3.18 8.57 -11.31
CA SER A 35 -2.25 7.91 -12.21
C SER A 35 -0.81 8.36 -11.94
N ARG A 36 0.15 7.68 -12.54
CA ARG A 36 1.55 8.01 -12.36
C ARG A 36 1.81 8.53 -10.95
N GLN A 37 1.39 7.75 -9.95
CA GLN A 37 1.58 8.14 -8.56
C GLN A 37 2.20 6.99 -7.76
N LEU A 38 3.13 7.34 -6.88
CA LEU A 38 3.80 6.35 -6.04
C LEU A 38 2.87 5.83 -4.95
N LEU A 39 2.35 4.62 -5.15
CA LEU A 39 1.45 4.00 -4.19
C LEU A 39 2.08 2.76 -3.57
N ARG A 40 1.76 2.51 -2.30
CA ARG A 40 2.29 1.35 -1.59
C ARG A 40 1.23 0.26 -1.46
N VAL A 41 1.54 -0.92 -1.98
CA VAL A 41 0.61 -2.04 -1.91
C VAL A 41 0.91 -2.94 -0.71
N LEU A 42 0.03 -2.88 0.29
CA LEU A 42 0.20 -3.68 1.50
C LEU A 42 0.34 -5.16 1.15
N PRO A 43 0.93 -5.93 2.08
CA PRO A 43 1.13 -7.38 1.90
C PRO A 43 -0.18 -8.15 1.94
N CYS A 44 -1.29 -7.43 2.02
CA CYS A 44 -2.60 -8.06 2.07
C CYS A 44 -3.38 -7.79 0.78
N ASN A 45 -2.65 -7.49 -0.29
CA ASN A 45 -3.28 -7.21 -1.57
C ASN A 45 -4.15 -5.95 -1.50
N HIS A 46 -3.58 -4.88 -0.94
CA HIS A 46 -4.30 -3.63 -0.80
C HIS A 46 -3.43 -2.45 -1.24
N GLU A 47 -4.03 -1.52 -1.98
CA GLU A 47 -3.30 -0.35 -2.46
C GLU A 47 -3.43 0.81 -1.49
N PHE A 48 -2.37 1.60 -1.36
CA PHE A 48 -2.38 2.74 -0.46
C PHE A 48 -1.44 3.84 -0.97
N HIS A 49 -1.57 5.03 -0.40
CA HIS A 49 -0.73 6.17 -0.79
C HIS A 49 0.58 6.17 -0.01
N ALA A 50 1.70 6.16 -0.72
CA ALA A 50 3.01 6.19 -0.10
C ALA A 50 3.05 7.19 1.05
N LYS A 51 2.25 8.23 0.95
CA LYS A 51 2.20 9.27 1.98
C LYS A 51 1.22 8.89 3.09
N CYS A 52 0.00 8.52 2.68
CA CYS A 52 -1.03 8.13 3.64
C CYS A 52 -0.58 6.92 4.46
N VAL A 53 -0.49 5.76 3.81
CA VAL A 53 -0.08 4.54 4.49
C VAL A 53 1.04 4.82 5.48
N ASP A 54 1.95 5.70 5.11
CA ASP A 54 3.07 6.06 5.98
C ASP A 54 2.58 6.61 7.31
N LYS A 55 1.63 7.54 7.25
CA LYS A 55 1.07 8.14 8.44
C LYS A 55 0.32 7.11 9.28
N TRP A 56 -0.42 6.24 8.61
CA TRP A 56 -1.18 5.20 9.29
C TRP A 56 -0.25 4.21 9.99
N LEU A 57 0.53 3.49 9.21
CA LEU A 57 1.47 2.50 9.75
C LEU A 57 2.18 3.06 10.98
N LYS A 58 2.41 4.37 11.00
CA LYS A 58 3.07 5.03 12.11
C LYS A 58 2.22 4.94 13.38
N ALA A 59 0.91 5.14 13.22
CA ALA A 59 -0.01 5.08 14.35
C ALA A 59 -0.39 3.64 14.67
N ASN A 60 -0.73 2.88 13.64
CA ASN A 60 -1.12 1.48 13.80
C ASN A 60 -0.36 0.58 12.83
N ARG A 61 0.34 -0.40 13.37
CA ARG A 61 1.11 -1.33 12.56
C ARG A 61 0.21 -2.39 11.93
N THR A 62 -0.90 -1.93 11.34
CA THR A 62 -1.84 -2.84 10.71
C THR A 62 -2.50 -2.19 9.49
N CYS A 63 -3.29 -2.96 8.76
CA CYS A 63 -3.99 -2.45 7.58
C CYS A 63 -5.32 -1.81 7.96
N PRO A 64 -5.51 -0.55 7.56
CA PRO A 64 -6.73 0.20 7.85
C PRO A 64 -7.93 -0.33 7.05
N ILE A 65 -7.74 -1.47 6.40
CA ILE A 65 -8.80 -2.08 5.60
C ILE A 65 -9.21 -3.43 6.18
N CYS A 66 -8.25 -4.36 6.20
CA CYS A 66 -8.51 -5.70 6.72
C CYS A 66 -7.78 -5.91 8.04
N ARG A 67 -7.47 -4.81 8.73
CA ARG A 67 -6.77 -4.89 10.00
C ARG A 67 -5.75 -6.03 10.01
N ALA A 68 -5.21 -6.34 8.83
CA ALA A 68 -4.23 -7.40 8.70
C ALA A 68 -2.82 -6.87 8.95
N ASP A 69 -2.13 -7.49 9.91
CA ASP A 69 -0.77 -7.07 10.26
C ASP A 69 0.08 -6.95 9.00
N SER A 70 0.86 -5.87 8.93
CA SER A 70 1.72 -5.63 7.77
C SER A 70 3.07 -6.31 7.96
N GLY A 71 3.60 -6.25 9.18
CA GLY A 71 4.88 -6.87 9.47
C GLY A 71 5.51 -6.34 10.74
N PRO A 72 5.76 -7.24 11.70
CA PRO A 72 6.36 -6.88 12.98
C PRO A 72 7.83 -6.48 12.84
N SER A 73 8.31 -6.48 11.61
CA SER A 73 9.71 -6.12 11.34
C SER A 73 10.18 -5.02 12.30
N SER A 74 11.21 -5.33 13.08
CA SER A 74 11.75 -4.38 14.04
C SER A 74 12.28 -3.14 13.34
N GLY A 75 12.84 -3.33 12.15
CA GLY A 75 13.38 -2.21 11.38
C GLY A 75 14.77 -2.49 10.85
ZN ZN B . -4.48 8.46 0.25
ZN ZN C . -5.44 -5.14 3.99
N GLY A 1 16.15 -7.05 -5.97
CA GLY A 1 16.12 -7.85 -4.77
C GLY A 1 14.73 -8.00 -4.20
N SER A 2 13.91 -8.82 -4.86
CA SER A 2 12.54 -9.06 -4.43
C SER A 2 12.30 -10.53 -4.16
N SER A 3 12.67 -10.99 -2.97
CA SER A 3 12.49 -12.39 -2.60
C SER A 3 11.48 -12.52 -1.47
N GLY A 4 10.39 -11.76 -1.56
CA GLY A 4 9.36 -11.82 -0.54
C GLY A 4 9.40 -10.62 0.38
N SER A 5 9.48 -9.43 -0.20
CA SER A 5 9.53 -8.20 0.58
C SER A 5 10.79 -8.16 1.46
N SER A 6 11.90 -8.63 0.90
CA SER A 6 13.16 -8.66 1.63
C SER A 6 13.80 -7.27 1.66
N GLY A 7 13.65 -6.54 0.55
CA GLY A 7 14.22 -5.21 0.47
C GLY A 7 13.19 -4.12 0.74
N GLN A 8 12.28 -3.92 -0.19
CA GLN A 8 11.24 -2.90 -0.05
C GLN A 8 10.11 -3.12 -1.05
N LEU A 9 8.88 -3.05 -0.57
CA LEU A 9 7.71 -3.25 -1.42
C LEU A 9 7.95 -2.67 -2.81
N PRO A 10 7.24 -3.22 -3.81
CA PRO A 10 7.35 -2.76 -5.19
C PRO A 10 6.76 -1.37 -5.41
N SER A 11 7.36 -0.62 -6.32
CA SER A 11 6.90 0.74 -6.62
C SER A 11 6.24 0.79 -7.99
N TYR A 12 5.01 1.31 -8.02
CA TYR A 12 4.26 1.42 -9.28
C TYR A 12 3.49 2.73 -9.33
N ARG A 13 3.20 3.19 -10.54
CA ARG A 13 2.46 4.44 -10.73
C ARG A 13 1.03 4.15 -11.18
N PHE A 14 0.09 4.92 -10.64
CA PHE A 14 -1.32 4.75 -10.98
C PHE A 14 -1.56 5.02 -12.46
N ASN A 15 -2.20 4.07 -13.13
CA ASN A 15 -2.49 4.20 -14.55
C ASN A 15 -3.96 3.93 -14.84
N PRO A 16 -4.73 5.01 -15.08
CA PRO A 16 -6.17 4.92 -15.37
C PRO A 16 -6.44 4.29 -16.74
N ASN A 17 -5.38 4.08 -17.51
CA ASN A 17 -5.51 3.50 -18.83
C ASN A 17 -5.44 1.98 -18.77
N ASN A 18 -4.48 1.47 -18.01
CA ASN A 18 -4.31 0.03 -17.86
C ASN A 18 -4.08 -0.35 -16.39
N HIS A 19 -4.68 -1.47 -15.98
CA HIS A 19 -4.53 -1.93 -14.61
C HIS A 19 -5.06 -3.36 -14.46
N GLN A 20 -4.80 -3.97 -13.31
CA GLN A 20 -5.25 -5.33 -13.06
C GLN A 20 -6.66 -5.34 -12.47
N SER A 21 -6.94 -4.39 -11.58
CA SER A 21 -8.25 -4.30 -10.95
C SER A 21 -8.83 -2.90 -11.11
N GLU A 22 -10.07 -2.72 -10.66
CA GLU A 22 -10.73 -1.42 -10.75
C GLU A 22 -11.15 -0.92 -9.37
N GLN A 23 -10.75 -1.65 -8.34
CA GLN A 23 -11.08 -1.28 -6.97
C GLN A 23 -9.96 -0.46 -6.34
N THR A 24 -9.44 0.50 -7.10
CA THR A 24 -8.36 1.35 -6.61
C THR A 24 -8.90 2.45 -5.72
N LEU A 25 -8.79 2.26 -4.41
CA LEU A 25 -9.27 3.23 -3.44
C LEU A 25 -8.36 3.28 -2.22
N CYS A 26 -8.22 4.47 -1.63
CA CYS A 26 -7.38 4.64 -0.46
C CYS A 26 -8.23 4.72 0.81
N VAL A 27 -8.52 3.57 1.40
CA VAL A 27 -9.32 3.50 2.61
C VAL A 27 -8.93 4.60 3.59
N VAL A 28 -7.65 4.91 3.63
CA VAL A 28 -7.14 5.94 4.52
C VAL A 28 -7.87 7.26 4.31
N CYS A 29 -7.68 7.85 3.13
CA CYS A 29 -8.32 9.12 2.78
C CYS A 29 -9.50 8.89 1.86
N MET A 30 -10.04 7.67 1.86
CA MET A 30 -11.18 7.34 1.02
C MET A 30 -11.14 8.12 -0.28
N CYS A 31 -9.98 8.11 -0.94
CA CYS A 31 -9.82 8.83 -2.20
C CYS A 31 -9.04 7.98 -3.20
N ASP A 32 -9.54 7.93 -4.43
CA ASP A 32 -8.90 7.15 -5.48
C ASP A 32 -7.55 7.75 -5.86
N PHE A 33 -6.49 6.96 -5.69
CA PHE A 33 -5.14 7.41 -5.99
C PHE A 33 -5.13 8.24 -7.28
N GLU A 34 -4.12 9.11 -7.39
CA GLU A 34 -3.99 9.98 -8.56
C GLU A 34 -2.97 9.42 -9.53
N SER A 35 -3.02 9.88 -10.78
CA SER A 35 -2.10 9.42 -11.80
C SER A 35 -0.72 10.05 -11.61
N ARG A 36 0.32 9.33 -12.00
CA ARG A 36 1.68 9.82 -11.88
C ARG A 36 2.04 10.07 -10.41
N GLN A 37 1.78 9.09 -9.57
CA GLN A 37 2.06 9.20 -8.14
C GLN A 37 2.52 7.87 -7.57
N LEU A 38 3.43 7.93 -6.61
CA LEU A 38 3.96 6.74 -5.97
C LEU A 38 2.97 6.15 -4.98
N LEU A 39 2.76 4.84 -5.04
CA LEU A 39 1.83 4.16 -4.15
C LEU A 39 2.48 2.94 -3.51
N ARG A 40 1.91 2.48 -2.40
CA ARG A 40 2.43 1.32 -1.69
C ARG A 40 1.32 0.30 -1.44
N VAL A 41 1.52 -0.92 -1.94
CA VAL A 41 0.55 -1.99 -1.77
C VAL A 41 0.87 -2.84 -0.54
N LEU A 42 -0.03 -2.84 0.43
CA LEU A 42 0.16 -3.61 1.65
C LEU A 42 0.34 -5.09 1.33
N PRO A 43 0.96 -5.83 2.27
CA PRO A 43 1.21 -7.26 2.11
C PRO A 43 -0.08 -8.08 2.20
N CYS A 44 -1.21 -7.39 2.28
CA CYS A 44 -2.50 -8.05 2.35
C CYS A 44 -3.27 -7.90 1.04
N ASN A 45 -2.57 -7.44 0.00
CA ASN A 45 -3.18 -7.25 -1.31
C ASN A 45 -4.08 -6.02 -1.32
N HIS A 46 -3.65 -4.97 -0.62
CA HIS A 46 -4.40 -3.74 -0.54
C HIS A 46 -3.55 -2.55 -0.97
N GLU A 47 -4.10 -1.71 -1.85
CA GLU A 47 -3.38 -0.55 -2.35
C GLU A 47 -3.62 0.66 -1.45
N PHE A 48 -2.61 1.50 -1.30
CA PHE A 48 -2.70 2.69 -0.48
C PHE A 48 -1.79 3.79 -0.99
N HIS A 49 -1.88 4.97 -0.37
CA HIS A 49 -1.05 6.10 -0.77
C HIS A 49 0.30 6.07 -0.07
N ALA A 50 1.38 6.14 -0.85
CA ALA A 50 2.72 6.11 -0.31
C ALA A 50 2.83 6.99 0.94
N LYS A 51 2.01 8.04 0.99
CA LYS A 51 2.02 8.95 2.12
C LYS A 51 1.04 8.49 3.20
N CYS A 52 -0.22 8.32 2.81
CA CYS A 52 -1.26 7.88 3.74
C CYS A 52 -0.80 6.66 4.53
N VAL A 53 -0.62 5.55 3.82
CA VAL A 53 -0.18 4.30 4.45
C VAL A 53 0.98 4.56 5.41
N ASP A 54 1.92 5.39 4.99
CA ASP A 54 3.08 5.72 5.81
C ASP A 54 2.66 6.32 7.14
N LYS A 55 1.66 7.21 7.09
CA LYS A 55 1.16 7.85 8.30
C LYS A 55 0.37 6.87 9.16
N TRP A 56 -0.45 6.05 8.51
CA TRP A 56 -1.25 5.06 9.21
C TRP A 56 -0.38 4.03 9.91
N LEU A 57 0.76 3.71 9.28
CA LEU A 57 1.69 2.74 9.84
C LEU A 57 2.43 3.32 11.04
N LYS A 58 2.58 4.64 11.05
CA LYS A 58 3.27 5.32 12.14
C LYS A 58 2.53 5.12 13.46
N ALA A 59 1.22 5.32 13.43
CA ALA A 59 0.40 5.16 14.63
C ALA A 59 -0.22 3.77 14.68
N ASN A 60 -0.77 3.32 13.56
CA ASN A 60 -1.39 2.00 13.47
C ASN A 60 -0.54 1.05 12.66
N ARG A 61 0.16 0.15 13.34
CA ARG A 61 1.01 -0.83 12.67
C ARG A 61 0.18 -1.95 12.05
N THR A 62 -0.86 -1.57 11.33
CA THR A 62 -1.74 -2.55 10.68
C THR A 62 -2.43 -1.95 9.47
N CYS A 63 -3.25 -2.76 8.80
CA CYS A 63 -3.98 -2.31 7.61
C CYS A 63 -5.31 -1.67 8.01
N PRO A 64 -5.55 -0.45 7.53
CA PRO A 64 -6.78 0.29 7.82
C PRO A 64 -7.99 -0.32 7.12
N ILE A 65 -7.81 -1.50 6.55
CA ILE A 65 -8.89 -2.20 5.85
C ILE A 65 -9.20 -3.54 6.52
N CYS A 66 -8.25 -4.46 6.43
CA CYS A 66 -8.42 -5.79 7.02
C CYS A 66 -7.65 -5.90 8.33
N ARG A 67 -7.37 -4.76 8.95
CA ARG A 67 -6.62 -4.74 10.20
C ARG A 67 -5.51 -5.76 10.19
N ALA A 68 -5.03 -6.13 9.00
CA ALA A 68 -3.97 -7.10 8.85
C ALA A 68 -2.68 -6.60 9.50
N ASP A 69 -1.63 -7.41 9.42
CA ASP A 69 -0.34 -7.06 10.01
C ASP A 69 0.68 -6.77 8.92
N SER A 70 1.09 -5.51 8.81
CA SER A 70 2.07 -5.09 7.81
C SER A 70 3.44 -5.69 8.11
N GLY A 71 3.77 -5.79 9.39
CA GLY A 71 5.05 -6.33 9.79
C GLY A 71 5.91 -5.33 10.54
N PRO A 72 6.81 -5.84 11.39
CA PRO A 72 7.71 -4.99 12.18
C PRO A 72 8.76 -4.30 11.32
N SER A 73 9.45 -5.08 10.50
CA SER A 73 10.49 -4.54 9.63
C SER A 73 10.10 -3.17 9.09
N SER A 74 8.93 -3.10 8.47
CA SER A 74 8.43 -1.84 7.91
C SER A 74 8.20 -0.81 9.02
N GLY A 75 7.59 -1.26 10.11
CA GLY A 75 7.32 -0.36 11.22
C GLY A 75 5.87 0.06 11.27
ZN ZN B . -4.75 8.41 0.36
ZN ZN C . -5.47 -5.17 4.21
N GLY A 1 16.67 -19.11 -9.41
CA GLY A 1 16.09 -17.87 -8.95
C GLY A 1 17.00 -17.12 -7.98
N SER A 2 16.75 -15.83 -7.83
CA SER A 2 17.55 -15.00 -6.93
C SER A 2 16.97 -15.00 -5.53
N SER A 3 17.74 -14.47 -4.58
CA SER A 3 17.29 -14.41 -3.19
C SER A 3 15.95 -13.70 -3.07
N GLY A 4 15.12 -14.18 -2.15
CA GLY A 4 13.80 -13.58 -1.96
C GLY A 4 13.88 -12.08 -1.74
N SER A 5 12.74 -11.46 -1.44
CA SER A 5 12.68 -10.03 -1.21
C SER A 5 12.16 -9.72 0.19
N SER A 6 13.05 -9.25 1.05
CA SER A 6 12.69 -8.92 2.43
C SER A 6 13.22 -7.55 2.81
N GLY A 7 12.48 -6.50 2.44
CA GLY A 7 12.88 -5.15 2.76
C GLY A 7 11.73 -4.17 2.72
N GLN A 8 11.68 -3.36 1.67
CA GLN A 8 10.62 -2.37 1.52
C GLN A 8 9.56 -2.85 0.51
N LEU A 9 8.53 -2.05 0.33
CA LEU A 9 7.45 -2.39 -0.61
C LEU A 9 7.77 -1.90 -2.01
N PRO A 10 7.21 -2.57 -3.02
CA PRO A 10 7.42 -2.21 -4.43
C PRO A 10 6.74 -0.90 -4.79
N SER A 11 7.44 -0.07 -5.55
CA SER A 11 6.91 1.23 -5.97
C SER A 11 6.43 1.18 -7.42
N TYR A 12 5.27 1.76 -7.68
CA TYR A 12 4.70 1.78 -9.02
C TYR A 12 3.67 2.90 -9.17
N ARG A 13 3.52 3.40 -10.38
CA ARG A 13 2.58 4.48 -10.65
C ARG A 13 1.20 3.92 -10.99
N PHE A 14 0.16 4.69 -10.69
CA PHE A 14 -1.21 4.27 -10.97
C PHE A 14 -1.51 4.32 -12.46
N ASN A 15 -2.16 3.28 -12.98
CA ASN A 15 -2.50 3.21 -14.39
C ASN A 15 -3.98 2.87 -14.58
N PRO A 16 -4.78 3.90 -14.87
CA PRO A 16 -6.23 3.73 -15.08
C PRO A 16 -6.55 2.99 -16.37
N ASN A 17 -5.51 2.44 -16.99
CA ASN A 17 -5.68 1.69 -18.23
C ASN A 17 -5.28 0.23 -18.06
N ASN A 18 -4.17 0.01 -17.37
CA ASN A 18 -3.67 -1.34 -17.13
C ASN A 18 -4.38 -1.98 -15.94
N HIS A 19 -4.45 -1.23 -14.83
CA HIS A 19 -5.10 -1.72 -13.62
C HIS A 19 -6.28 -2.63 -13.97
N GLN A 20 -6.25 -3.85 -13.45
CA GLN A 20 -7.32 -4.82 -13.70
C GLN A 20 -8.49 -4.59 -12.74
N SER A 21 -8.17 -4.47 -11.46
CA SER A 21 -9.20 -4.27 -10.44
C SER A 21 -9.73 -2.84 -10.48
N GLU A 22 -10.94 -2.65 -9.96
CA GLU A 22 -11.57 -1.33 -9.95
C GLU A 22 -11.93 -0.93 -8.53
N GLN A 23 -11.37 -1.63 -7.55
CA GLN A 23 -11.63 -1.34 -6.15
C GLN A 23 -10.42 -0.71 -5.48
N THR A 24 -9.47 -0.27 -6.30
CA THR A 24 -8.26 0.37 -5.79
C THR A 24 -8.53 1.76 -5.24
N LEU A 25 -8.65 1.87 -3.93
CA LEU A 25 -8.91 3.14 -3.28
C LEU A 25 -8.16 3.26 -1.96
N CYS A 26 -7.74 4.47 -1.63
CA CYS A 26 -7.01 4.72 -0.39
C CYS A 26 -7.95 4.80 0.80
N VAL A 27 -8.18 3.65 1.43
CA VAL A 27 -9.07 3.59 2.59
C VAL A 27 -8.73 4.66 3.61
N VAL A 28 -7.47 5.09 3.61
CA VAL A 28 -7.01 6.12 4.53
C VAL A 28 -7.75 7.43 4.31
N CYS A 29 -7.51 8.05 3.16
CA CYS A 29 -8.17 9.31 2.83
C CYS A 29 -9.37 9.08 1.91
N MET A 30 -9.88 7.86 1.93
CA MET A 30 -11.04 7.50 1.10
C MET A 30 -11.01 8.26 -0.22
N CYS A 31 -9.91 8.13 -0.94
CA CYS A 31 -9.75 8.79 -2.23
C CYS A 31 -9.23 7.83 -3.29
N ASP A 32 -9.67 8.02 -4.53
CA ASP A 32 -9.26 7.17 -5.63
C ASP A 32 -7.88 7.57 -6.14
N PHE A 33 -6.87 6.77 -5.83
CA PHE A 33 -5.51 7.04 -6.26
C PHE A 33 -5.49 7.74 -7.61
N GLU A 34 -4.60 8.72 -7.76
CA GLU A 34 -4.49 9.46 -9.01
C GLU A 34 -3.32 8.96 -9.84
N SER A 35 -3.45 9.06 -11.16
CA SER A 35 -2.41 8.60 -12.07
C SER A 35 -1.07 9.28 -11.74
N ARG A 36 0.01 8.70 -12.25
CA ARG A 36 1.34 9.24 -12.00
C ARG A 36 1.54 9.58 -10.53
N GLN A 37 1.28 8.60 -9.66
CA GLN A 37 1.42 8.80 -8.23
C GLN A 37 1.95 7.55 -7.56
N LEU A 38 2.96 7.71 -6.70
CA LEU A 38 3.55 6.59 -5.99
C LEU A 38 2.57 5.99 -4.98
N LEU A 39 2.34 4.69 -5.08
CA LEU A 39 1.43 4.00 -4.17
C LEU A 39 2.11 2.81 -3.52
N ARG A 40 1.69 2.49 -2.29
CA ARG A 40 2.26 1.37 -1.56
C ARG A 40 1.22 0.26 -1.38
N VAL A 41 1.54 -0.93 -1.87
CA VAL A 41 0.64 -2.07 -1.76
C VAL A 41 0.96 -2.91 -0.51
N LEU A 42 0.02 -2.95 0.41
CA LEU A 42 0.19 -3.71 1.65
C LEU A 42 0.37 -5.20 1.35
N PRO A 43 0.97 -5.93 2.30
CA PRO A 43 1.21 -7.36 2.17
C PRO A 43 -0.07 -8.17 2.23
N CYS A 44 -1.20 -7.48 2.25
CA CYS A 44 -2.51 -8.13 2.31
C CYS A 44 -3.28 -7.94 1.02
N ASN A 45 -2.58 -7.45 -0.01
CA ASN A 45 -3.20 -7.21 -1.31
C ASN A 45 -4.11 -5.98 -1.28
N HIS A 46 -3.56 -4.87 -0.82
CA HIS A 46 -4.32 -3.62 -0.73
C HIS A 46 -3.47 -2.43 -1.17
N GLU A 47 -4.07 -1.53 -1.95
CA GLU A 47 -3.38 -0.36 -2.43
C GLU A 47 -3.54 0.82 -1.46
N PHE A 48 -2.51 1.64 -1.37
CA PHE A 48 -2.53 2.80 -0.48
C PHE A 48 -1.64 3.91 -1.00
N HIS A 49 -1.71 5.07 -0.36
CA HIS A 49 -0.90 6.22 -0.76
C HIS A 49 0.44 6.22 -0.05
N ALA A 50 1.52 6.08 -0.82
CA ALA A 50 2.86 6.07 -0.26
C ALA A 50 2.99 7.04 0.90
N LYS A 51 2.19 8.11 0.87
CA LYS A 51 2.21 9.11 1.92
C LYS A 51 1.27 8.73 3.06
N CYS A 52 0.04 8.35 2.72
CA CYS A 52 -0.93 7.96 3.72
C CYS A 52 -0.45 6.75 4.51
N VAL A 53 -0.42 5.58 3.86
CA VAL A 53 0.01 4.36 4.50
C VAL A 53 1.17 4.63 5.47
N ASP A 54 2.06 5.53 5.07
CA ASP A 54 3.20 5.88 5.90
C ASP A 54 2.75 6.47 7.24
N LYS A 55 1.83 7.43 7.18
CA LYS A 55 1.32 8.06 8.39
C LYS A 55 0.53 7.07 9.23
N TRP A 56 -0.31 6.27 8.57
CA TRP A 56 -1.12 5.28 9.26
C TRP A 56 -0.25 4.26 9.98
N LEU A 57 0.60 3.57 9.22
CA LEU A 57 1.49 2.56 9.79
C LEU A 57 2.16 3.08 11.06
N LYS A 58 2.46 4.37 11.07
CA LYS A 58 3.09 5.00 12.22
C LYS A 58 2.20 4.92 13.45
N ALA A 59 0.90 5.13 13.25
CA ALA A 59 -0.06 5.08 14.35
C ALA A 59 -0.46 3.64 14.65
N ASN A 60 -0.79 2.89 13.61
CA ASN A 60 -1.20 1.49 13.76
C ASN A 60 -0.41 0.58 12.82
N ARG A 61 0.19 -0.46 13.38
CA ARG A 61 0.98 -1.40 12.59
C ARG A 61 0.07 -2.43 11.92
N THR A 62 -1.12 -2.00 11.51
CA THR A 62 -2.07 -2.89 10.86
C THR A 62 -2.67 -2.23 9.62
N CYS A 63 -3.48 -2.99 8.88
CA CYS A 63 -4.11 -2.49 7.68
C CYS A 63 -5.47 -1.85 7.99
N PRO A 64 -5.63 -0.59 7.56
CA PRO A 64 -6.87 0.16 7.79
C PRO A 64 -8.04 -0.38 6.98
N ILE A 65 -7.83 -1.54 6.36
CA ILE A 65 -8.87 -2.17 5.55
C ILE A 65 -9.26 -3.53 6.12
N CYS A 66 -8.28 -4.42 6.25
CA CYS A 66 -8.51 -5.75 6.78
C CYS A 66 -7.80 -5.94 8.12
N ARG A 67 -7.48 -4.83 8.77
CA ARG A 67 -6.80 -4.88 10.06
C ARG A 67 -5.75 -5.99 10.08
N ALA A 68 -5.25 -6.34 8.90
CA ALA A 68 -4.24 -7.39 8.78
C ALA A 68 -2.86 -6.86 9.15
N ASP A 69 -2.18 -7.60 10.03
CA ASP A 69 -0.83 -7.21 10.46
C ASP A 69 0.08 -6.97 9.27
N SER A 70 0.63 -5.76 9.19
CA SER A 70 1.53 -5.41 8.09
C SER A 70 2.95 -5.88 8.37
N GLY A 71 3.08 -7.12 8.83
CA GLY A 71 4.39 -7.67 9.13
C GLY A 71 4.99 -7.09 10.39
N PRO A 72 6.33 -7.06 10.45
CA PRO A 72 7.05 -6.54 11.62
C PRO A 72 6.92 -5.02 11.74
N SER A 73 7.54 -4.46 12.77
CA SER A 73 7.49 -3.02 13.00
C SER A 73 8.65 -2.31 12.31
N SER A 74 8.37 -1.77 11.13
CA SER A 74 9.39 -1.06 10.35
C SER A 74 8.94 0.36 10.04
N GLY A 75 9.78 1.34 10.39
CA GLY A 75 9.45 2.72 10.14
C GLY A 75 9.04 3.47 11.40
ZN ZN B . -4.54 8.58 0.51
ZN ZN C . -5.42 -5.20 4.07
N GLY A 1 21.46 -13.66 4.88
CA GLY A 1 22.09 -13.94 3.61
C GLY A 1 22.19 -12.71 2.73
N SER A 2 23.40 -12.39 2.30
CA SER A 2 23.63 -11.22 1.45
C SER A 2 22.93 -11.40 0.10
N SER A 3 22.17 -10.39 -0.30
CA SER A 3 21.45 -10.42 -1.57
C SER A 3 20.31 -11.44 -1.51
N GLY A 4 19.57 -11.43 -0.40
CA GLY A 4 18.46 -12.35 -0.25
C GLY A 4 17.13 -11.71 -0.57
N SER A 5 16.78 -10.67 0.18
CA SER A 5 15.52 -9.97 -0.03
C SER A 5 15.75 -8.64 -0.74
N SER A 6 14.69 -8.12 -1.38
CA SER A 6 14.78 -6.87 -2.10
C SER A 6 15.11 -5.72 -1.15
N GLY A 7 14.28 -5.55 -0.12
CA GLY A 7 14.50 -4.49 0.85
C GLY A 7 13.23 -3.72 1.14
N GLN A 8 12.57 -3.24 0.08
CA GLN A 8 11.34 -2.48 0.23
C GLN A 8 10.32 -2.89 -0.82
N LEU A 9 9.04 -2.80 -0.46
CA LEU A 9 7.96 -3.16 -1.36
C LEU A 9 8.20 -2.60 -2.76
N PRO A 10 7.59 -3.24 -3.77
CA PRO A 10 7.73 -2.82 -5.17
C PRO A 10 7.04 -1.50 -5.45
N SER A 11 7.83 -0.49 -5.84
CA SER A 11 7.29 0.83 -6.14
C SER A 11 6.93 0.94 -7.61
N TYR A 12 5.72 1.41 -7.88
CA TYR A 12 5.23 1.58 -9.25
C TYR A 12 4.13 2.62 -9.32
N ARG A 13 3.99 3.25 -10.49
CA ARG A 13 2.97 4.27 -10.68
C ARG A 13 1.65 3.63 -11.13
N PHE A 14 0.57 4.00 -10.44
CA PHE A 14 -0.75 3.47 -10.77
C PHE A 14 -1.08 3.68 -12.25
N ASN A 15 -1.48 2.61 -12.91
CA ASN A 15 -1.83 2.68 -14.33
C ASN A 15 -3.31 2.36 -14.55
N PRO A 16 -4.05 3.35 -15.05
CA PRO A 16 -5.49 3.21 -15.31
C PRO A 16 -5.76 2.28 -16.50
N ASN A 17 -4.70 1.69 -17.04
CA ASN A 17 -4.83 0.78 -18.18
C ASN A 17 -4.91 -0.67 -17.70
N ASN A 18 -4.13 -0.99 -16.67
CA ASN A 18 -4.11 -2.34 -16.12
C ASN A 18 -3.61 -2.34 -14.68
N HIS A 19 -4.45 -2.82 -13.77
CA HIS A 19 -4.10 -2.88 -12.35
C HIS A 19 -4.59 -4.18 -11.73
N GLN A 20 -3.68 -4.87 -11.04
CA GLN A 20 -4.03 -6.13 -10.38
C GLN A 20 -5.47 -6.10 -9.87
N SER A 21 -5.78 -5.11 -9.04
CA SER A 21 -7.12 -4.98 -8.49
C SER A 21 -7.87 -3.83 -9.15
N GLU A 22 -9.20 -3.91 -9.14
CA GLU A 22 -10.03 -2.88 -9.74
C GLU A 22 -10.55 -1.91 -8.67
N GLN A 23 -10.63 -2.39 -7.44
CA GLN A 23 -11.10 -1.56 -6.33
C GLN A 23 -9.95 -0.78 -5.70
N THR A 24 -9.06 -0.26 -6.54
CA THR A 24 -7.91 0.50 -6.08
C THR A 24 -8.36 1.80 -5.42
N LEU A 25 -8.39 1.82 -4.09
CA LEU A 25 -8.79 3.00 -3.34
C LEU A 25 -7.96 3.15 -2.07
N CYS A 26 -7.87 4.37 -1.56
CA CYS A 26 -7.11 4.65 -0.35
C CYS A 26 -8.03 4.69 0.87
N VAL A 27 -8.31 3.52 1.43
CA VAL A 27 -9.18 3.42 2.60
C VAL A 27 -8.82 4.49 3.64
N VAL A 28 -7.55 4.83 3.71
CA VAL A 28 -7.07 5.83 4.66
C VAL A 28 -7.84 7.15 4.49
N CYS A 29 -7.62 7.80 3.36
CA CYS A 29 -8.29 9.07 3.08
C CYS A 29 -9.47 8.86 2.13
N MET A 30 -10.03 7.66 2.15
CA MET A 30 -11.17 7.34 1.30
C MET A 30 -11.06 8.04 -0.04
N CYS A 31 -9.85 8.07 -0.60
CA CYS A 31 -9.61 8.73 -1.89
C CYS A 31 -8.95 7.76 -2.86
N ASP A 32 -9.22 7.96 -4.15
CA ASP A 32 -8.65 7.11 -5.19
C ASP A 32 -7.24 7.57 -5.56
N PHE A 33 -6.54 6.75 -6.33
CA PHE A 33 -5.18 7.07 -6.75
C PHE A 33 -5.18 7.65 -8.16
N GLU A 34 -4.15 8.44 -8.47
CA GLU A 34 -4.03 9.05 -9.79
C GLU A 34 -3.27 8.13 -10.75
N SER A 35 -3.09 8.59 -11.98
CA SER A 35 -2.38 7.82 -12.99
C SER A 35 -0.87 7.99 -12.85
N ARG A 36 -0.46 9.04 -12.13
CA ARG A 36 0.96 9.31 -11.93
C ARG A 36 1.23 9.65 -10.46
N GLN A 37 1.14 8.65 -9.60
CA GLN A 37 1.39 8.85 -8.17
C GLN A 37 1.91 7.57 -7.53
N LEU A 38 2.98 7.70 -6.75
CA LEU A 38 3.57 6.56 -6.08
C LEU A 38 2.63 5.99 -5.02
N LEU A 39 2.46 4.67 -5.03
CA LEU A 39 1.58 4.01 -4.07
C LEU A 39 2.28 2.82 -3.44
N ARG A 40 1.67 2.28 -2.39
CA ARG A 40 2.25 1.13 -1.69
C ARG A 40 1.20 0.02 -1.52
N VAL A 41 1.51 -1.16 -2.05
CA VAL A 41 0.59 -2.30 -1.96
C VAL A 41 0.89 -3.14 -0.72
N LEU A 42 -0.04 -3.13 0.23
CA LEU A 42 0.12 -3.89 1.46
C LEU A 42 0.28 -5.38 1.16
N PRO A 43 0.86 -6.11 2.13
CA PRO A 43 1.09 -7.55 1.99
C PRO A 43 -0.21 -8.36 2.04
N CYS A 44 -1.33 -7.64 2.06
CA CYS A 44 -2.64 -8.29 2.09
C CYS A 44 -3.40 -8.06 0.79
N ASN A 45 -2.70 -7.53 -0.21
CA ASN A 45 -3.30 -7.27 -1.50
C ASN A 45 -4.20 -6.04 -1.44
N HIS A 46 -3.64 -4.92 -0.99
CA HIS A 46 -4.39 -3.67 -0.88
C HIS A 46 -3.51 -2.48 -1.27
N GLU A 47 -4.08 -1.57 -2.05
CA GLU A 47 -3.36 -0.39 -2.49
C GLU A 47 -3.60 0.79 -1.55
N PHE A 48 -2.59 1.63 -1.39
CA PHE A 48 -2.70 2.80 -0.52
C PHE A 48 -1.81 3.94 -1.02
N HIS A 49 -1.92 5.09 -0.37
CA HIS A 49 -1.12 6.26 -0.74
C HIS A 49 0.21 6.26 0.00
N ALA A 50 1.30 6.08 -0.74
CA ALA A 50 2.63 6.07 -0.16
C ALA A 50 2.75 7.10 0.95
N LYS A 51 1.97 8.17 0.84
CA LYS A 51 1.99 9.22 1.85
C LYS A 51 1.05 8.90 3.00
N CYS A 52 -0.16 8.46 2.67
CA CYS A 52 -1.15 8.11 3.68
C CYS A 52 -0.69 6.91 4.50
N VAL A 53 -0.55 5.77 3.84
CA VAL A 53 -0.12 4.55 4.49
C VAL A 53 1.08 4.81 5.41
N ASP A 54 1.91 5.78 5.02
CA ASP A 54 3.08 6.13 5.82
C ASP A 54 2.68 6.59 7.21
N LYS A 55 1.91 7.67 7.27
CA LYS A 55 1.45 8.22 8.55
C LYS A 55 0.62 7.19 9.32
N TRP A 56 -0.30 6.54 8.62
CA TRP A 56 -1.15 5.52 9.24
C TRP A 56 -0.32 4.48 9.96
N LEU A 57 0.51 3.76 9.21
CA LEU A 57 1.35 2.72 9.78
C LEU A 57 1.98 3.19 11.09
N LYS A 58 2.55 4.39 11.07
CA LYS A 58 3.18 4.96 12.25
C LYS A 58 2.25 4.88 13.46
N ALA A 59 0.96 5.05 13.22
CA ALA A 59 -0.04 4.99 14.28
C ALA A 59 -0.49 3.55 14.53
N ASN A 60 -0.80 2.84 13.46
CA ASN A 60 -1.25 1.46 13.56
C ASN A 60 -0.48 0.57 12.59
N ARG A 61 0.25 -0.41 13.13
CA ARG A 61 1.02 -1.32 12.32
C ARG A 61 0.13 -2.40 11.70
N THR A 62 -1.00 -1.98 11.15
CA THR A 62 -1.94 -2.91 10.54
C THR A 62 -2.64 -2.27 9.34
N CYS A 63 -3.37 -3.08 8.59
CA CYS A 63 -4.08 -2.59 7.41
C CYS A 63 -5.41 -1.95 7.81
N PRO A 64 -5.61 -0.70 7.41
CA PRO A 64 -6.83 0.06 7.70
C PRO A 64 -8.04 -0.48 6.95
N ILE A 65 -7.86 -1.62 6.29
CA ILE A 65 -8.94 -2.24 5.52
C ILE A 65 -9.33 -3.59 6.11
N CYS A 66 -8.43 -4.56 6.01
CA CYS A 66 -8.67 -5.90 6.53
C CYS A 66 -7.94 -6.11 7.85
N ARG A 67 -7.64 -5.01 8.53
CA ARG A 67 -6.94 -5.08 9.82
C ARG A 67 -5.90 -6.20 9.81
N ALA A 68 -5.36 -6.49 8.63
CA ALA A 68 -4.35 -7.54 8.49
C ALA A 68 -2.97 -7.03 8.86
N ASP A 69 -2.51 -7.39 10.05
CA ASP A 69 -1.20 -6.97 10.52
C ASP A 69 -0.20 -6.88 9.37
N SER A 70 0.53 -5.77 9.31
CA SER A 70 1.52 -5.56 8.25
C SER A 70 2.87 -6.13 8.65
N GLY A 71 2.86 -7.30 9.26
CA GLY A 71 4.09 -7.94 9.68
C GLY A 71 3.87 -9.35 10.22
N PRO A 72 4.96 -9.98 10.68
CA PRO A 72 4.91 -11.34 11.23
C PRO A 72 4.18 -11.41 12.56
N SER A 73 4.02 -12.61 13.09
CA SER A 73 3.34 -12.81 14.36
C SER A 73 4.07 -12.07 15.49
N SER A 74 3.45 -12.04 16.67
CA SER A 74 4.04 -11.37 17.82
C SER A 74 4.77 -12.37 18.71
N GLY A 75 4.07 -13.42 19.13
CA GLY A 75 4.66 -14.43 19.97
C GLY A 75 3.69 -15.52 20.36
ZN ZN B . -4.79 8.62 0.47
ZN ZN C . -5.57 -5.33 3.86
N GLY A 1 2.94 -21.40 -1.66
CA GLY A 1 4.29 -21.67 -2.14
C GLY A 1 5.22 -20.48 -2.00
N SER A 2 6.04 -20.26 -3.01
CA SER A 2 6.99 -19.15 -2.99
C SER A 2 6.27 -17.83 -2.76
N SER A 3 6.86 -16.98 -1.92
CA SER A 3 6.28 -15.68 -1.60
C SER A 3 7.32 -14.76 -0.98
N GLY A 4 7.70 -13.72 -1.71
CA GLY A 4 8.68 -12.77 -1.21
C GLY A 4 8.09 -11.40 -0.97
N SER A 5 8.55 -10.42 -1.75
CA SER A 5 8.07 -9.04 -1.62
C SER A 5 8.05 -8.62 -0.17
N SER A 6 9.10 -8.97 0.57
CA SER A 6 9.20 -8.62 1.98
C SER A 6 10.08 -7.39 2.17
N GLY A 7 10.01 -6.80 3.36
CA GLY A 7 10.81 -5.62 3.65
C GLY A 7 10.50 -4.46 2.72
N GLN A 8 11.46 -4.11 1.88
CA GLN A 8 11.28 -3.01 0.94
C GLN A 8 10.20 -3.33 -0.07
N LEU A 9 8.99 -2.84 0.18
CA LEU A 9 7.86 -3.08 -0.71
C LEU A 9 8.16 -2.57 -2.11
N PRO A 10 7.52 -3.19 -3.12
CA PRO A 10 7.70 -2.82 -4.53
C PRO A 10 7.09 -1.45 -4.85
N SER A 11 7.89 -0.58 -5.46
CA SER A 11 7.43 0.75 -5.82
C SER A 11 7.06 0.84 -7.30
N TYR A 12 5.85 1.30 -7.58
CA TYR A 12 5.39 1.43 -8.96
C TYR A 12 4.33 2.51 -9.07
N ARG A 13 4.34 3.22 -10.20
CA ARG A 13 3.37 4.29 -10.44
C ARG A 13 2.12 3.75 -11.13
N PHE A 14 0.96 4.19 -10.66
CA PHE A 14 -0.31 3.75 -11.22
C PHE A 14 -0.31 3.92 -12.73
N ASN A 15 -0.98 3.01 -13.43
CA ASN A 15 -1.06 3.06 -14.89
C ASN A 15 -2.46 2.66 -15.37
N PRO A 16 -3.20 3.65 -15.89
CA PRO A 16 -4.56 3.42 -16.40
C PRO A 16 -4.57 2.59 -17.68
N ASN A 17 -3.39 2.13 -18.09
CA ASN A 17 -3.27 1.32 -19.30
C ASN A 17 -3.17 -0.16 -18.95
N ASN A 18 -2.36 -0.46 -17.94
CA ASN A 18 -2.17 -1.84 -17.50
C ASN A 18 -3.18 -2.22 -16.43
N HIS A 19 -3.30 -1.37 -15.40
CA HIS A 19 -4.24 -1.61 -14.32
C HIS A 19 -5.49 -2.32 -14.83
N GLN A 20 -5.76 -3.52 -14.31
CA GLN A 20 -6.92 -4.29 -14.71
C GLN A 20 -8.09 -4.05 -13.76
N SER A 21 -7.78 -4.02 -12.47
CA SER A 21 -8.81 -3.81 -11.46
C SER A 21 -9.21 -2.34 -11.39
N GLU A 22 -10.44 -2.08 -10.94
CA GLU A 22 -10.94 -0.71 -10.82
C GLU A 22 -11.30 -0.38 -9.38
N GLN A 23 -10.91 -1.26 -8.46
CA GLN A 23 -11.19 -1.06 -7.04
C GLN A 23 -10.09 -0.24 -6.38
N THR A 24 -9.38 0.55 -7.19
CA THR A 24 -8.30 1.39 -6.68
C THR A 24 -8.83 2.50 -5.80
N LEU A 25 -8.76 2.30 -4.49
CA LEU A 25 -9.24 3.29 -3.54
C LEU A 25 -8.36 3.32 -2.28
N CYS A 26 -8.22 4.49 -1.69
CA CYS A 26 -7.41 4.65 -0.49
C CYS A 26 -8.29 4.70 0.75
N VAL A 27 -8.40 3.57 1.45
CA VAL A 27 -9.21 3.48 2.66
C VAL A 27 -8.79 4.54 3.67
N VAL A 28 -7.52 4.95 3.60
CA VAL A 28 -6.99 5.96 4.51
C VAL A 28 -7.72 7.29 4.33
N CYS A 29 -7.53 7.92 3.18
CA CYS A 29 -8.17 9.20 2.89
C CYS A 29 -9.42 9.00 2.06
N MET A 30 -9.93 7.77 2.04
CA MET A 30 -11.14 7.46 1.28
C MET A 30 -11.12 8.14 -0.08
N CYS A 31 -9.96 8.14 -0.72
CA CYS A 31 -9.81 8.76 -2.04
C CYS A 31 -8.96 7.89 -2.96
N ASP A 32 -9.40 7.77 -4.20
CA ASP A 32 -8.69 6.96 -5.19
C ASP A 32 -7.36 7.62 -5.58
N PHE A 33 -6.33 6.80 -5.73
CA PHE A 33 -5.01 7.31 -6.10
C PHE A 33 -5.04 7.98 -7.47
N GLU A 34 -3.93 8.60 -7.84
CA GLU A 34 -3.83 9.29 -9.13
C GLU A 34 -3.42 8.32 -10.23
N SER A 35 -3.18 8.85 -11.42
CA SER A 35 -2.78 8.03 -12.57
C SER A 35 -1.26 8.01 -12.70
N ARG A 36 -0.60 9.02 -12.17
CA ARG A 36 0.85 9.12 -12.22
C ARG A 36 1.43 9.52 -10.87
N GLN A 37 1.27 8.64 -9.88
CA GLN A 37 1.77 8.90 -8.54
C GLN A 37 2.22 7.61 -7.87
N LEU A 38 3.20 7.72 -6.97
CA LEU A 38 3.72 6.56 -6.26
C LEU A 38 2.74 6.10 -5.19
N LEU A 39 2.58 4.78 -5.07
CA LEU A 39 1.68 4.21 -4.08
C LEU A 39 2.35 3.05 -3.34
N ARG A 40 1.69 2.57 -2.30
CA ARG A 40 2.22 1.46 -1.51
C ARG A 40 1.17 0.35 -1.36
N VAL A 41 1.53 -0.85 -1.80
CA VAL A 41 0.63 -2.00 -1.72
C VAL A 41 0.95 -2.86 -0.50
N LEU A 42 0.02 -2.90 0.43
CA LEU A 42 0.19 -3.70 1.65
C LEU A 42 0.38 -5.17 1.32
N PRO A 43 0.99 -5.91 2.26
CA PRO A 43 1.24 -7.35 2.08
C PRO A 43 -0.05 -8.18 2.13
N CYS A 44 -1.18 -7.48 2.22
CA CYS A 44 -2.48 -8.15 2.27
C CYS A 44 -3.22 -7.99 0.95
N ASN A 45 -2.51 -7.52 -0.07
CA ASN A 45 -3.10 -7.31 -1.39
C ASN A 45 -4.02 -6.10 -1.39
N HIS A 46 -3.56 -5.03 -0.75
CA HIS A 46 -4.33 -3.79 -0.69
C HIS A 46 -3.49 -2.60 -1.13
N GLU A 47 -4.08 -1.73 -1.94
CA GLU A 47 -3.38 -0.54 -2.44
C GLU A 47 -3.59 0.64 -1.49
N PHE A 48 -2.56 1.46 -1.34
CA PHE A 48 -2.63 2.63 -0.47
C PHE A 48 -1.70 3.74 -0.97
N HIS A 49 -1.86 4.92 -0.40
CA HIS A 49 -1.03 6.06 -0.79
C HIS A 49 0.33 6.02 -0.09
N ALA A 50 1.39 6.23 -0.85
CA ALA A 50 2.74 6.22 -0.31
C ALA A 50 2.87 7.16 0.88
N LYS A 51 2.02 8.18 0.92
CA LYS A 51 2.04 9.15 2.00
C LYS A 51 1.09 8.74 3.12
N CYS A 52 -0.15 8.40 2.75
CA CYS A 52 -1.16 7.99 3.72
C CYS A 52 -0.67 6.79 4.52
N VAL A 53 -0.54 5.64 3.85
CA VAL A 53 -0.09 4.42 4.50
C VAL A 53 1.09 4.70 5.44
N ASP A 54 1.99 5.56 4.98
CA ASP A 54 3.18 5.91 5.77
C ASP A 54 2.76 6.43 7.15
N LYS A 55 1.98 7.50 7.18
CA LYS A 55 1.52 8.09 8.42
C LYS A 55 0.69 7.09 9.22
N TRP A 56 -0.16 6.35 8.53
CA TRP A 56 -1.01 5.35 9.17
C TRP A 56 -0.17 4.32 9.93
N LEU A 57 0.69 3.63 9.20
CA LEU A 57 1.55 2.62 9.80
C LEU A 57 2.16 3.13 11.10
N LYS A 58 2.52 4.40 11.12
CA LYS A 58 3.13 5.02 12.30
C LYS A 58 2.16 4.95 13.49
N ALA A 59 0.87 5.09 13.20
CA ALA A 59 -0.15 5.05 14.24
C ALA A 59 -0.57 3.61 14.54
N ASN A 60 -0.83 2.85 13.48
CA ASN A 60 -1.25 1.46 13.64
C ASN A 60 -0.43 0.55 12.72
N ARG A 61 0.13 -0.51 13.30
CA ARG A 61 0.93 -1.46 12.54
C ARG A 61 0.05 -2.50 11.85
N THR A 62 -1.15 -2.07 11.45
CA THR A 62 -2.09 -2.96 10.79
C THR A 62 -2.75 -2.27 9.60
N CYS A 63 -3.37 -3.07 8.73
CA CYS A 63 -4.04 -2.54 7.56
C CYS A 63 -5.37 -1.89 7.93
N PRO A 64 -5.58 -0.65 7.48
CA PRO A 64 -6.80 0.10 7.76
C PRO A 64 -8.01 -0.45 7.01
N ILE A 65 -7.83 -1.63 6.41
CA ILE A 65 -8.90 -2.28 5.68
C ILE A 65 -9.24 -3.64 6.27
N CYS A 66 -8.25 -4.51 6.34
CA CYS A 66 -8.44 -5.85 6.89
C CYS A 66 -7.67 -6.01 8.20
N ARG A 67 -7.35 -4.89 8.83
CA ARG A 67 -6.61 -4.91 10.09
C ARG A 67 -5.57 -6.03 10.10
N ALA A 68 -5.06 -6.35 8.92
CA ALA A 68 -4.05 -7.40 8.79
C ALA A 68 -2.66 -6.85 9.02
N ASP A 69 -2.04 -7.25 10.13
CA ASP A 69 -0.70 -6.78 10.47
C ASP A 69 0.19 -6.74 9.22
N SER A 70 0.82 -5.59 9.00
CA SER A 70 1.69 -5.42 7.84
C SER A 70 3.10 -5.92 8.15
N GLY A 71 3.42 -6.02 9.43
CA GLY A 71 4.73 -6.49 9.83
C GLY A 71 5.26 -5.76 11.06
N PRO A 72 6.49 -6.09 11.46
CA PRO A 72 7.13 -5.47 12.63
C PRO A 72 7.48 -4.01 12.40
N SER A 73 7.19 -3.16 13.39
CA SER A 73 7.46 -1.73 13.29
C SER A 73 8.95 -1.46 13.51
N SER A 74 9.61 -0.97 12.47
CA SER A 74 11.04 -0.67 12.54
C SER A 74 11.36 0.13 13.81
N GLY A 75 10.71 1.28 13.95
CA GLY A 75 10.93 2.11 15.11
C GLY A 75 9.93 3.26 15.21
ZN ZN B . -4.71 8.36 0.39
ZN ZN C . -5.51 -5.21 4.00
N GLY A 1 21.28 -15.95 -9.16
CA GLY A 1 20.49 -16.63 -8.15
C GLY A 1 19.06 -16.14 -8.12
N SER A 2 18.31 -16.59 -7.11
CA SER A 2 16.92 -16.20 -6.96
C SER A 2 16.80 -14.86 -6.25
N SER A 3 16.18 -13.89 -6.92
CA SER A 3 16.00 -12.55 -6.36
C SER A 3 14.53 -12.28 -6.05
N GLY A 4 14.28 -11.48 -5.01
CA GLY A 4 12.93 -11.16 -4.64
C GLY A 4 12.67 -11.36 -3.15
N SER A 5 13.43 -10.65 -2.33
CA SER A 5 13.29 -10.75 -0.88
C SER A 5 11.96 -10.16 -0.42
N SER A 6 11.68 -10.30 0.87
CA SER A 6 10.43 -9.78 1.43
C SER A 6 10.71 -8.68 2.45
N GLY A 7 11.64 -7.79 2.10
CA GLY A 7 11.99 -6.70 2.98
C GLY A 7 11.29 -5.40 2.61
N GLN A 8 11.55 -4.92 1.40
CA GLN A 8 10.95 -3.68 0.92
C GLN A 8 9.76 -3.97 0.01
N LEU A 9 8.72 -3.15 0.12
CA LEU A 9 7.53 -3.32 -0.69
C LEU A 9 7.70 -2.68 -2.07
N PRO A 10 7.09 -3.29 -3.09
CA PRO A 10 7.15 -2.80 -4.47
C PRO A 10 6.39 -1.49 -4.65
N SER A 11 7.09 -0.45 -5.07
CA SER A 11 6.49 0.86 -5.29
C SER A 11 6.35 1.16 -6.77
N TYR A 12 5.17 1.62 -7.18
CA TYR A 12 4.90 1.95 -8.57
C TYR A 12 3.75 2.93 -8.70
N ARG A 13 3.70 3.64 -9.82
CA ARG A 13 2.65 4.63 -10.06
C ARG A 13 1.43 3.97 -10.70
N PHE A 14 0.25 4.28 -10.16
CA PHE A 14 -1.00 3.72 -10.68
C PHE A 14 -1.04 3.81 -12.19
N ASN A 15 -1.77 2.87 -12.81
CA ASN A 15 -1.90 2.86 -14.26
C ASN A 15 -3.35 2.58 -14.67
N PRO A 16 -3.98 3.58 -15.31
CA PRO A 16 -5.37 3.48 -15.77
C PRO A 16 -5.52 2.49 -16.93
N ASN A 17 -4.41 1.85 -17.31
CA ASN A 17 -4.43 0.89 -18.41
C ASN A 17 -4.51 -0.53 -17.87
N ASN A 18 -3.90 -0.76 -16.71
CA ASN A 18 -3.90 -2.08 -16.10
C ASN A 18 -3.82 -1.98 -14.58
N HIS A 19 -4.46 -2.91 -13.89
CA HIS A 19 -4.46 -2.92 -12.43
C HIS A 19 -4.94 -4.26 -11.89
N GLN A 20 -4.40 -4.67 -10.75
CA GLN A 20 -4.78 -5.94 -10.13
C GLN A 20 -6.24 -5.93 -9.72
N SER A 21 -6.61 -4.95 -8.88
CA SER A 21 -7.98 -4.83 -8.40
C SER A 21 -8.67 -3.62 -9.03
N GLU A 22 -9.96 -3.78 -9.31
CA GLU A 22 -10.73 -2.70 -9.92
C GLU A 22 -11.24 -1.73 -8.86
N GLN A 23 -11.06 -2.09 -7.60
CA GLN A 23 -11.50 -1.25 -6.49
C GLN A 23 -10.30 -0.58 -5.81
N THR A 24 -9.34 -0.13 -6.63
CA THR A 24 -8.15 0.53 -6.10
C THR A 24 -8.50 1.87 -5.48
N LEU A 25 -8.58 1.90 -4.15
CA LEU A 25 -8.91 3.12 -3.43
C LEU A 25 -8.12 3.21 -2.12
N CYS A 26 -7.87 4.43 -1.67
CA CYS A 26 -7.13 4.66 -0.43
C CYS A 26 -8.07 4.69 0.77
N VAL A 27 -8.24 3.53 1.41
CA VAL A 27 -9.11 3.43 2.58
C VAL A 27 -8.77 4.49 3.62
N VAL A 28 -7.49 4.83 3.70
CA VAL A 28 -7.03 5.84 4.66
C VAL A 28 -7.78 7.16 4.47
N CYS A 29 -7.55 7.80 3.32
CA CYS A 29 -8.21 9.07 3.02
C CYS A 29 -9.37 8.87 2.07
N MET A 30 -9.93 7.65 2.07
CA MET A 30 -11.06 7.34 1.20
C MET A 30 -10.93 8.04 -0.15
N CYS A 31 -9.70 8.14 -0.65
CA CYS A 31 -9.45 8.79 -1.92
C CYS A 31 -8.79 7.83 -2.91
N ASP A 32 -9.11 7.98 -4.18
CA ASP A 32 -8.55 7.13 -5.23
C ASP A 32 -7.12 7.53 -5.55
N PHE A 33 -6.45 6.71 -6.36
CA PHE A 33 -5.07 6.98 -6.74
C PHE A 33 -5.00 7.59 -8.13
N GLU A 34 -3.89 8.26 -8.43
CA GLU A 34 -3.69 8.89 -9.73
C GLU A 34 -2.61 8.18 -10.52
N SER A 35 -2.77 8.15 -11.85
CA SER A 35 -1.81 7.49 -12.72
C SER A 35 -0.40 8.00 -12.46
N ARG A 36 -0.31 9.20 -11.88
CA ARG A 36 0.98 9.81 -11.57
C ARG A 36 1.13 10.04 -10.07
N GLN A 37 0.98 8.98 -9.29
CA GLN A 37 1.10 9.06 -7.85
C GLN A 37 1.68 7.78 -7.26
N LEU A 38 2.67 7.92 -6.39
CA LEU A 38 3.31 6.77 -5.77
C LEU A 38 2.37 6.11 -4.76
N LEU A 39 2.12 4.82 -4.95
CA LEU A 39 1.24 4.07 -4.05
C LEU A 39 2.00 2.94 -3.37
N ARG A 40 1.39 2.37 -2.34
CA ARG A 40 2.01 1.27 -1.60
C ARG A 40 1.05 0.09 -1.46
N VAL A 41 1.46 -1.07 -1.96
CA VAL A 41 0.63 -2.26 -1.88
C VAL A 41 0.94 -3.07 -0.63
N LEU A 42 0.01 -3.07 0.32
CA LEU A 42 0.18 -3.81 1.56
C LEU A 42 0.39 -5.29 1.30
N PRO A 43 0.95 -6.00 2.28
CA PRO A 43 1.21 -7.44 2.17
C PRO A 43 -0.07 -8.27 2.19
N CYS A 44 -1.21 -7.57 2.12
CA CYS A 44 -2.51 -8.24 2.14
C CYS A 44 -3.27 -7.98 0.84
N ASN A 45 -2.53 -7.60 -0.20
CA ASN A 45 -3.13 -7.32 -1.51
C ASN A 45 -4.06 -6.11 -1.43
N HIS A 46 -3.52 -4.99 -0.96
CA HIS A 46 -4.28 -3.76 -0.82
C HIS A 46 -3.45 -2.55 -1.23
N GLU A 47 -4.03 -1.68 -2.05
CA GLU A 47 -3.34 -0.49 -2.52
C GLU A 47 -3.56 0.68 -1.56
N PHE A 48 -2.55 1.52 -1.40
CA PHE A 48 -2.64 2.67 -0.51
C PHE A 48 -1.75 3.82 -1.02
N HIS A 49 -1.85 4.96 -0.36
CA HIS A 49 -1.05 6.13 -0.74
C HIS A 49 0.28 6.14 0.00
N ALA A 50 1.37 6.03 -0.76
CA ALA A 50 2.71 6.03 -0.18
C ALA A 50 2.80 7.02 0.98
N LYS A 51 2.10 8.13 0.86
CA LYS A 51 2.10 9.16 1.90
C LYS A 51 1.18 8.78 3.05
N CYS A 52 -0.05 8.42 2.72
CA CYS A 52 -1.04 8.03 3.72
C CYS A 52 -0.56 6.82 4.52
N VAL A 53 -0.44 5.68 3.83
CA VAL A 53 0.02 4.46 4.48
C VAL A 53 1.26 4.71 5.34
N ASP A 54 2.09 5.64 4.90
CA ASP A 54 3.31 5.98 5.63
C ASP A 54 2.98 6.56 6.99
N LYS A 55 2.02 7.48 7.02
CA LYS A 55 1.60 8.11 8.28
C LYS A 55 0.75 7.17 9.11
N TRP A 56 -0.14 6.44 8.43
CA TRP A 56 -1.02 5.49 9.12
C TRP A 56 -0.22 4.44 9.87
N LEU A 57 0.62 3.71 9.15
CA LEU A 57 1.45 2.67 9.75
C LEU A 57 2.08 3.16 11.04
N LYS A 58 2.31 4.48 11.12
CA LYS A 58 2.91 5.07 12.31
C LYS A 58 2.00 4.91 13.52
N ALA A 59 0.73 5.21 13.33
CA ALA A 59 -0.25 5.10 14.41
C ALA A 59 -0.75 3.66 14.56
N ASN A 60 -1.10 3.04 13.43
CA ASN A 60 -1.59 1.67 13.44
C ASN A 60 -0.69 0.77 12.60
N ARG A 61 -0.03 -0.18 13.26
CA ARG A 61 0.87 -1.10 12.57
C ARG A 61 0.08 -2.23 11.90
N THR A 62 -1.06 -1.87 11.30
CA THR A 62 -1.90 -2.85 10.63
C THR A 62 -2.65 -2.22 9.46
N CYS A 63 -3.22 -3.07 8.61
CA CYS A 63 -3.96 -2.58 7.44
C CYS A 63 -5.29 -1.97 7.86
N PRO A 64 -5.51 -0.71 7.45
CA PRO A 64 -6.74 0.02 7.77
C PRO A 64 -7.95 -0.53 7.03
N ILE A 65 -7.77 -1.67 6.37
CA ILE A 65 -8.85 -2.31 5.63
C ILE A 65 -9.21 -3.66 6.24
N CYS A 66 -8.26 -4.59 6.21
CA CYS A 66 -8.49 -5.93 6.75
C CYS A 66 -7.71 -6.12 8.06
N ARG A 67 -7.40 -5.00 8.72
CA ARG A 67 -6.67 -5.04 9.98
C ARG A 67 -5.57 -6.11 9.94
N ALA A 68 -5.11 -6.43 8.72
CA ALA A 68 -4.06 -7.42 8.55
C ALA A 68 -2.72 -6.90 9.04
N ASP A 69 -2.10 -7.64 9.97
CA ASP A 69 -0.81 -7.25 10.52
C ASP A 69 0.17 -6.89 9.42
N SER A 70 0.55 -5.62 9.36
CA SER A 70 1.49 -5.14 8.34
C SER A 70 2.92 -5.24 8.84
N GLY A 71 3.24 -6.35 9.51
CA GLY A 71 4.58 -6.54 10.03
C GLY A 71 4.58 -7.15 11.41
N PRO A 72 5.64 -7.93 11.72
CA PRO A 72 5.78 -8.59 13.01
C PRO A 72 6.06 -7.60 14.15
N SER A 73 5.93 -6.32 13.84
CA SER A 73 6.19 -5.26 14.82
C SER A 73 5.81 -5.73 16.22
N SER A 74 6.81 -5.77 17.10
CA SER A 74 6.59 -6.21 18.48
C SER A 74 7.26 -5.26 19.47
N GLY A 75 6.47 -4.34 20.02
CA GLY A 75 7.00 -3.38 20.97
C GLY A 75 7.97 -2.41 20.33
ZN ZN B . -4.70 8.51 0.53
ZN ZN C . -5.45 -5.37 3.98
N GLY A 1 21.49 -5.25 -13.04
CA GLY A 1 21.03 -5.62 -11.72
C GLY A 1 19.77 -6.45 -11.75
N SER A 2 19.89 -7.74 -11.48
CA SER A 2 18.75 -8.64 -11.49
C SER A 2 17.69 -8.18 -10.50
N SER A 3 16.48 -8.71 -10.64
CA SER A 3 15.38 -8.36 -9.76
C SER A 3 15.28 -9.32 -8.58
N GLY A 4 15.10 -8.76 -7.38
CA GLY A 4 15.00 -9.59 -6.19
C GLY A 4 14.16 -8.93 -5.11
N SER A 5 13.26 -9.72 -4.52
CA SER A 5 12.39 -9.22 -3.47
C SER A 5 13.19 -8.41 -2.44
N SER A 6 12.54 -7.40 -1.86
CA SER A 6 13.18 -6.56 -0.85
C SER A 6 12.24 -6.26 0.30
N GLY A 7 12.75 -5.58 1.32
CA GLY A 7 11.93 -5.24 2.47
C GLY A 7 10.88 -4.19 2.14
N GLN A 8 11.31 -2.95 2.05
CA GLN A 8 10.40 -1.85 1.73
C GLN A 8 9.46 -2.22 0.59
N LEU A 9 8.16 -2.15 0.85
CA LEU A 9 7.16 -2.48 -0.16
C LEU A 9 7.57 -1.94 -1.53
N PRO A 10 7.14 -2.64 -2.58
CA PRO A 10 7.44 -2.25 -3.97
C PRO A 10 6.72 -0.98 -4.39
N SER A 11 7.48 0.03 -4.78
CA SER A 11 6.91 1.31 -5.19
C SER A 11 6.73 1.34 -6.72
N TYR A 12 5.55 1.80 -7.15
CA TYR A 12 5.25 1.88 -8.57
C TYR A 12 4.20 2.95 -8.84
N ARG A 13 4.21 3.49 -10.06
CA ARG A 13 3.26 4.53 -10.44
C ARG A 13 1.97 3.92 -10.97
N PHE A 14 0.84 4.38 -10.45
CA PHE A 14 -0.46 3.88 -10.87
C PHE A 14 -0.65 4.08 -12.38
N ASN A 15 -1.30 3.11 -13.01
CA ASN A 15 -1.56 3.18 -14.45
C ASN A 15 -3.04 3.00 -14.75
N PRO A 16 -3.64 4.00 -15.42
CA PRO A 16 -5.05 3.97 -15.77
C PRO A 16 -5.35 2.95 -16.86
N ASN A 17 -4.33 2.22 -17.28
CA ASN A 17 -4.48 1.21 -18.32
C ASN A 17 -4.31 -0.19 -17.74
N ASN A 18 -3.23 -0.39 -16.99
CA ASN A 18 -2.96 -1.69 -16.39
C ASN A 18 -2.49 -1.52 -14.94
N HIS A 19 -3.33 -1.94 -14.00
CA HIS A 19 -3.01 -1.83 -12.58
C HIS A 19 -2.94 -3.21 -11.93
N GLN A 20 -2.31 -3.28 -10.76
CA GLN A 20 -2.18 -4.54 -10.05
C GLN A 20 -3.54 -5.19 -9.80
N SER A 21 -4.32 -4.58 -8.90
CA SER A 21 -5.64 -5.10 -8.57
C SER A 21 -6.72 -4.31 -9.30
N GLU A 22 -7.93 -4.88 -9.37
CA GLU A 22 -9.04 -4.23 -10.03
C GLU A 22 -9.47 -2.97 -9.29
N GLN A 23 -9.95 -3.16 -8.06
CA GLN A 23 -10.39 -2.04 -7.24
C GLN A 23 -9.21 -1.39 -6.53
N THR A 24 -9.00 -0.09 -6.80
CA THR A 24 -7.91 0.64 -6.19
C THR A 24 -8.42 1.92 -5.50
N LEU A 25 -8.53 1.86 -4.18
CA LEU A 25 -9.01 3.00 -3.41
C LEU A 25 -8.25 3.11 -2.09
N CYS A 26 -7.87 4.34 -1.73
CA CYS A 26 -7.14 4.58 -0.49
C CYS A 26 -8.10 4.69 0.69
N VAL A 27 -8.23 3.61 1.43
CA VAL A 27 -9.12 3.58 2.60
C VAL A 27 -8.77 4.70 3.58
N VAL A 28 -7.49 5.03 3.66
CA VAL A 28 -7.02 6.08 4.55
C VAL A 28 -7.76 7.38 4.29
N CYS A 29 -7.53 7.97 3.12
CA CYS A 29 -8.16 9.21 2.74
C CYS A 29 -9.23 8.98 1.68
N MET A 30 -9.81 7.78 1.68
CA MET A 30 -10.85 7.43 0.71
C MET A 30 -10.62 8.15 -0.62
N CYS A 31 -9.40 8.06 -1.13
CA CYS A 31 -9.06 8.71 -2.39
C CYS A 31 -8.74 7.66 -3.46
N ASP A 32 -9.39 7.79 -4.61
CA ASP A 32 -9.18 6.86 -5.72
C ASP A 32 -8.04 7.34 -6.62
N PHE A 33 -6.85 6.77 -6.41
CA PHE A 33 -5.68 7.13 -7.19
C PHE A 33 -6.07 7.45 -8.64
N GLU A 34 -5.30 8.33 -9.27
CA GLU A 34 -5.57 8.71 -10.66
C GLU A 34 -4.52 8.12 -11.59
N SER A 35 -3.31 8.68 -11.54
CA SER A 35 -2.22 8.22 -12.39
C SER A 35 -0.93 8.97 -12.08
N ARG A 36 0.20 8.31 -12.30
CA ARG A 36 1.50 8.92 -12.04
C ARG A 36 1.63 9.33 -10.57
N GLN A 37 1.14 8.47 -9.68
CA GLN A 37 1.20 8.74 -8.26
C GLN A 37 1.81 7.57 -7.50
N LEU A 38 2.73 7.87 -6.59
CA LEU A 38 3.39 6.83 -5.81
C LEU A 38 2.42 6.19 -4.82
N LEU A 39 2.22 4.88 -4.97
CA LEU A 39 1.31 4.15 -4.10
C LEU A 39 1.99 2.91 -3.53
N ARG A 40 1.66 2.57 -2.29
CA ARG A 40 2.23 1.40 -1.64
C ARG A 40 1.17 0.33 -1.40
N VAL A 41 1.41 -0.86 -1.95
CA VAL A 41 0.48 -1.98 -1.80
C VAL A 41 0.82 -2.82 -0.58
N LEU A 42 -0.11 -2.88 0.37
CA LEU A 42 0.09 -3.66 1.59
C LEU A 42 0.28 -5.13 1.27
N PRO A 43 0.91 -5.86 2.20
CA PRO A 43 1.17 -7.30 2.05
C PRO A 43 -0.11 -8.13 2.11
N CYS A 44 -1.24 -7.45 2.23
CA CYS A 44 -2.53 -8.12 2.31
C CYS A 44 -3.32 -7.92 1.03
N ASN A 45 -2.65 -7.47 -0.01
CA ASN A 45 -3.30 -7.24 -1.30
C ASN A 45 -4.21 -6.02 -1.25
N HIS A 46 -3.65 -4.89 -0.83
CA HIS A 46 -4.41 -3.64 -0.72
C HIS A 46 -3.57 -2.46 -1.17
N GLU A 47 -4.19 -1.55 -1.92
CA GLU A 47 -3.50 -0.37 -2.41
C GLU A 47 -3.68 0.81 -1.45
N PHE A 48 -2.62 1.62 -1.33
CA PHE A 48 -2.65 2.77 -0.45
C PHE A 48 -1.76 3.89 -0.97
N HIS A 49 -1.75 5.01 -0.26
CA HIS A 49 -0.93 6.15 -0.66
C HIS A 49 0.42 6.15 0.07
N ALA A 50 1.50 6.13 -0.70
CA ALA A 50 2.84 6.12 -0.13
C ALA A 50 2.94 7.10 1.03
N LYS A 51 2.11 8.14 1.01
CA LYS A 51 2.11 9.14 2.06
C LYS A 51 1.15 8.77 3.19
N CYS A 52 -0.08 8.44 2.81
CA CYS A 52 -1.09 8.06 3.80
C CYS A 52 -0.63 6.86 4.62
N VAL A 53 -0.54 5.71 3.98
CA VAL A 53 -0.10 4.48 4.66
C VAL A 53 1.14 4.74 5.50
N ASP A 54 2.06 5.52 4.95
CA ASP A 54 3.30 5.85 5.65
C ASP A 54 3.01 6.42 7.04
N LYS A 55 2.04 7.32 7.11
CA LYS A 55 1.66 7.95 8.37
C LYS A 55 0.84 7.00 9.22
N TRP A 56 -0.11 6.31 8.60
CA TRP A 56 -0.96 5.37 9.31
C TRP A 56 -0.12 4.33 10.04
N LEU A 57 0.75 3.64 9.31
CA LEU A 57 1.61 2.62 9.90
C LEU A 57 2.23 3.12 11.20
N LYS A 58 2.53 4.41 11.25
CA LYS A 58 3.13 5.01 12.43
C LYS A 58 2.20 4.89 13.63
N ALA A 59 0.91 5.10 13.41
CA ALA A 59 -0.09 5.01 14.46
C ALA A 59 -0.48 3.56 14.73
N ASN A 60 -0.75 2.83 13.66
CA ASN A 60 -1.14 1.42 13.77
C ASN A 60 -0.34 0.56 12.80
N ARG A 61 0.32 -0.47 13.34
CA ARG A 61 1.12 -1.37 12.54
C ARG A 61 0.24 -2.43 11.87
N THR A 62 -0.95 -2.03 11.44
CA THR A 62 -1.88 -2.95 10.79
C THR A 62 -2.57 -2.28 9.61
N CYS A 63 -3.37 -3.06 8.88
CA CYS A 63 -4.09 -2.54 7.73
C CYS A 63 -5.43 -1.95 8.15
N PRO A 64 -5.65 -0.68 7.80
CA PRO A 64 -6.89 0.03 8.13
C PRO A 64 -8.09 -0.49 7.34
N ILE A 65 -7.87 -1.57 6.59
CA ILE A 65 -8.93 -2.17 5.80
C ILE A 65 -9.33 -3.53 6.34
N CYS A 66 -8.41 -4.49 6.26
CA CYS A 66 -8.66 -5.84 6.76
C CYS A 66 -7.97 -6.07 8.10
N ARG A 67 -7.68 -4.97 8.80
CA ARG A 67 -7.04 -5.05 10.10
C ARG A 67 -5.92 -6.10 10.09
N ALA A 68 -5.38 -6.35 8.90
CA ALA A 68 -4.30 -7.33 8.75
C ALA A 68 -3.00 -6.81 9.36
N ASP A 69 -1.94 -7.60 9.24
CA ASP A 69 -0.65 -7.22 9.78
C ASP A 69 0.36 -6.97 8.66
N SER A 70 0.85 -5.73 8.59
CA SER A 70 1.82 -5.35 7.56
C SER A 70 3.24 -5.73 7.98
N GLY A 71 3.57 -5.48 9.24
CA GLY A 71 4.89 -5.81 9.75
C GLY A 71 5.11 -5.30 11.15
N PRO A 72 6.39 -5.19 11.55
CA PRO A 72 6.77 -4.71 12.88
C PRO A 72 6.50 -3.22 13.06
N SER A 73 6.92 -2.43 12.08
CA SER A 73 6.72 -0.98 12.12
C SER A 73 6.93 -0.46 13.54
N SER A 74 8.07 -0.80 14.13
CA SER A 74 8.40 -0.38 15.48
C SER A 74 9.59 0.58 15.47
N GLY A 75 9.31 1.88 15.47
CA GLY A 75 10.36 2.87 15.47
C GLY A 75 9.83 4.29 15.41
ZN ZN B . -4.64 8.47 0.47
ZN ZN C . -5.54 -5.17 4.08
N GLY A 1 12.99 -11.98 9.48
CA GLY A 1 11.59 -12.12 9.15
C GLY A 1 11.12 -13.57 9.22
N SER A 2 9.81 -13.77 9.11
CA SER A 2 9.23 -15.10 9.17
C SER A 2 9.49 -15.86 7.87
N SER A 3 9.00 -15.31 6.76
CA SER A 3 9.17 -15.94 5.46
C SER A 3 10.42 -15.41 4.76
N GLY A 4 10.60 -14.09 4.79
CA GLY A 4 11.75 -13.49 4.16
C GLY A 4 11.66 -11.97 4.10
N SER A 5 11.98 -11.41 2.94
CA SER A 5 11.92 -9.96 2.77
C SER A 5 10.48 -9.45 2.85
N SER A 6 10.07 -9.05 4.04
CA SER A 6 8.73 -8.55 4.25
C SER A 6 8.61 -7.09 3.81
N GLY A 7 9.53 -6.26 4.29
CA GLY A 7 9.52 -4.86 3.94
C GLY A 7 9.97 -4.60 2.51
N GLN A 8 10.67 -3.51 2.30
CA GLN A 8 11.16 -3.16 0.97
C GLN A 8 10.10 -3.44 -0.09
N LEU A 9 8.85 -3.09 0.21
CA LEU A 9 7.75 -3.31 -0.71
C LEU A 9 8.07 -2.74 -2.09
N PRO A 10 7.48 -3.35 -3.13
CA PRO A 10 7.69 -2.91 -4.52
C PRO A 10 7.03 -1.57 -4.81
N SER A 11 7.84 -0.59 -5.24
CA SER A 11 7.34 0.73 -5.54
C SER A 11 7.13 0.90 -7.04
N TYR A 12 5.97 1.46 -7.41
CA TYR A 12 5.64 1.68 -8.82
C TYR A 12 4.63 2.81 -8.97
N ARG A 13 4.59 3.40 -10.15
CA ARG A 13 3.67 4.50 -10.43
C ARG A 13 2.32 3.96 -10.91
N PHE A 14 1.27 4.32 -10.19
CA PHE A 14 -0.08 3.87 -10.55
C PHE A 14 -0.39 4.18 -12.01
N ASN A 15 -0.98 3.22 -12.70
CA ASN A 15 -1.33 3.39 -14.10
C ASN A 15 -2.69 2.75 -14.41
N PRO A 16 -3.59 3.55 -15.01
CA PRO A 16 -4.93 3.08 -15.37
C PRO A 16 -4.92 2.07 -16.51
N ASN A 17 -3.71 1.69 -16.93
CA ASN A 17 -3.56 0.72 -18.01
C ASN A 17 -2.65 -0.43 -17.58
N ASN A 18 -2.45 -0.57 -16.29
CA ASN A 18 -1.60 -1.63 -15.75
C ASN A 18 -2.31 -2.36 -14.61
N HIS A 19 -2.55 -1.66 -13.51
CA HIS A 19 -3.22 -2.25 -12.36
C HIS A 19 -4.23 -3.31 -12.80
N GLN A 20 -4.25 -4.43 -12.09
CA GLN A 20 -5.17 -5.52 -12.40
C GLN A 20 -6.49 -5.35 -11.67
N SER A 21 -6.42 -4.95 -10.41
CA SER A 21 -7.61 -4.75 -9.60
C SER A 21 -8.38 -3.50 -10.05
N GLU A 22 -9.59 -3.34 -9.53
CA GLU A 22 -10.42 -2.19 -9.88
C GLU A 22 -10.88 -1.45 -8.62
N GLN A 23 -10.85 -2.13 -7.50
CA GLN A 23 -11.26 -1.54 -6.23
C GLN A 23 -10.11 -0.81 -5.56
N THR A 24 -9.16 -0.36 -6.37
CA THR A 24 -7.99 0.36 -5.86
C THR A 24 -8.39 1.70 -5.26
N LEU A 25 -8.48 1.75 -3.93
CA LEU A 25 -8.85 2.98 -3.23
C LEU A 25 -8.08 3.11 -1.92
N CYS A 26 -7.84 4.35 -1.50
CA CYS A 26 -7.12 4.61 -0.27
C CYS A 26 -8.08 4.67 0.92
N VAL A 27 -8.24 3.53 1.59
CA VAL A 27 -9.13 3.46 2.75
C VAL A 27 -8.76 4.51 3.80
N VAL A 28 -7.54 5.02 3.71
CA VAL A 28 -7.07 6.03 4.65
C VAL A 28 -7.80 7.36 4.45
N CYS A 29 -7.62 7.95 3.28
CA CYS A 29 -8.27 9.22 2.96
C CYS A 29 -9.48 9.00 2.06
N MET A 30 -10.01 7.79 2.08
CA MET A 30 -11.18 7.44 1.26
C MET A 30 -11.13 8.18 -0.08
N CYS A 31 -10.04 8.01 -0.80
CA CYS A 31 -9.87 8.65 -2.10
C CYS A 31 -9.24 7.70 -3.10
N ASP A 32 -9.50 7.94 -4.38
CA ASP A 32 -8.95 7.10 -5.45
C ASP A 32 -7.57 7.60 -5.86
N PHE A 33 -6.61 6.67 -5.93
CA PHE A 33 -5.25 7.01 -6.33
C PHE A 33 -5.22 7.63 -7.72
N GLU A 34 -4.50 8.74 -7.86
CA GLU A 34 -4.39 9.43 -9.15
C GLU A 34 -3.31 8.77 -10.02
N SER A 35 -3.52 8.81 -11.32
CA SER A 35 -2.57 8.24 -12.27
C SER A 35 -1.20 8.90 -12.15
N ARG A 36 -0.15 8.13 -12.39
CA ARG A 36 1.20 8.65 -12.31
C ARG A 36 1.52 9.11 -10.89
N GLN A 37 1.30 8.23 -9.92
CA GLN A 37 1.57 8.55 -8.52
C GLN A 37 2.10 7.33 -7.78
N LEU A 38 3.12 7.55 -6.96
CA LEU A 38 3.72 6.46 -6.19
C LEU A 38 2.76 5.97 -5.10
N LEU A 39 2.50 4.67 -5.10
CA LEU A 39 1.61 4.08 -4.12
C LEU A 39 2.27 2.89 -3.42
N ARG A 40 1.63 2.39 -2.37
CA ARG A 40 2.16 1.26 -1.61
C ARG A 40 1.12 0.14 -1.50
N VAL A 41 1.46 -1.04 -1.99
CA VAL A 41 0.56 -2.18 -1.93
C VAL A 41 0.83 -3.05 -0.70
N LEU A 42 -0.08 -3.00 0.26
CA LEU A 42 0.06 -3.79 1.48
C LEU A 42 0.23 -5.27 1.17
N PRO A 43 0.80 -6.02 2.12
CA PRO A 43 1.01 -7.46 1.98
C PRO A 43 -0.29 -8.25 1.99
N CYS A 44 -1.41 -7.54 1.94
CA CYS A 44 -2.72 -8.18 1.95
C CYS A 44 -3.48 -7.86 0.66
N ASN A 45 -2.74 -7.50 -0.37
CA ASN A 45 -3.34 -7.18 -1.66
C ASN A 45 -4.22 -5.93 -1.56
N HIS A 46 -3.66 -4.86 -1.02
CA HIS A 46 -4.39 -3.60 -0.86
C HIS A 46 -3.52 -2.41 -1.23
N GLU A 47 -4.07 -1.52 -2.05
CA GLU A 47 -3.35 -0.34 -2.49
C GLU A 47 -3.55 0.82 -1.53
N PHE A 48 -2.52 1.66 -1.38
CA PHE A 48 -2.59 2.80 -0.49
C PHE A 48 -1.69 3.93 -0.99
N HIS A 49 -1.78 5.08 -0.32
CA HIS A 49 -0.97 6.24 -0.70
C HIS A 49 0.37 6.24 0.03
N ALA A 50 1.45 6.19 -0.74
CA ALA A 50 2.79 6.18 -0.17
C ALA A 50 2.90 7.18 0.98
N LYS A 51 2.12 8.25 0.90
CA LYS A 51 2.13 9.29 1.92
C LYS A 51 1.20 8.93 3.08
N CYS A 52 -0.02 8.52 2.75
CA CYS A 52 -1.00 8.14 3.75
C CYS A 52 -0.51 6.95 4.57
N VAL A 53 -0.46 5.78 3.92
CA VAL A 53 -0.01 4.56 4.57
C VAL A 53 1.18 4.83 5.50
N ASP A 54 2.07 5.71 5.04
CA ASP A 54 3.25 6.06 5.83
C ASP A 54 2.86 6.59 7.20
N LYS A 55 1.95 7.55 7.23
CA LYS A 55 1.48 8.14 8.48
C LYS A 55 0.67 7.13 9.29
N TRP A 56 -0.25 6.45 8.61
CA TRP A 56 -1.10 5.45 9.27
C TRP A 56 -0.25 4.39 9.95
N LEU A 57 0.61 3.73 9.18
CA LEU A 57 1.49 2.69 9.72
C LEU A 57 2.11 3.13 11.04
N LYS A 58 2.42 4.42 11.14
CA LYS A 58 3.02 4.97 12.35
C LYS A 58 2.10 4.79 13.54
N ALA A 59 0.82 5.07 13.34
CA ALA A 59 -0.17 4.94 14.41
C ALA A 59 -0.56 3.48 14.62
N ASN A 60 -0.85 2.77 13.52
CA ASN A 60 -1.23 1.37 13.59
C ASN A 60 -0.41 0.54 12.60
N ARG A 61 0.23 -0.51 13.12
CA ARG A 61 1.06 -1.39 12.29
C ARG A 61 0.20 -2.44 11.61
N THR A 62 -1.05 -2.09 11.32
CA THR A 62 -1.98 -3.01 10.66
C THR A 62 -2.69 -2.34 9.49
N CYS A 63 -3.30 -3.16 8.64
CA CYS A 63 -4.02 -2.65 7.48
C CYS A 63 -5.35 -2.02 7.89
N PRO A 64 -5.55 -0.75 7.50
CA PRO A 64 -6.77 -0.01 7.82
C PRO A 64 -7.98 -0.53 7.06
N ILE A 65 -7.81 -1.67 6.39
CA ILE A 65 -8.89 -2.28 5.64
C ILE A 65 -9.27 -3.64 6.21
N CYS A 66 -8.34 -4.58 6.16
CA CYS A 66 -8.57 -5.93 6.68
C CYS A 66 -7.77 -6.16 7.96
N ARG A 67 -7.41 -5.07 8.64
CA ARG A 67 -6.64 -5.16 9.87
C ARG A 67 -5.60 -6.27 9.79
N ALA A 68 -5.18 -6.58 8.56
CA ALA A 68 -4.18 -7.62 8.35
C ALA A 68 -2.78 -7.14 8.73
N ASP A 69 -2.36 -7.48 9.94
CA ASP A 69 -1.05 -7.08 10.44
C ASP A 69 -0.02 -7.08 9.31
N SER A 70 0.47 -5.90 8.96
CA SER A 70 1.45 -5.76 7.89
C SER A 70 2.69 -6.61 8.17
N GLY A 71 3.23 -6.47 9.38
CA GLY A 71 4.41 -7.23 9.76
C GLY A 71 4.92 -6.87 11.14
N PRO A 72 4.84 -7.83 12.07
CA PRO A 72 5.29 -7.63 13.46
C PRO A 72 6.80 -7.50 13.55
N SER A 73 7.48 -7.55 12.41
CA SER A 73 8.93 -7.45 12.37
C SER A 73 9.41 -6.29 13.23
N SER A 74 10.70 -6.32 13.59
CA SER A 74 11.28 -5.27 14.41
C SER A 74 11.60 -4.03 13.58
N GLY A 75 10.68 -3.07 13.59
CA GLY A 75 10.87 -1.85 12.83
C GLY A 75 9.69 -0.91 12.92
ZN ZN B . -4.67 8.48 0.61
ZN ZN C . -5.57 -5.33 3.92
N GLY A 1 7.63 -22.03 -0.58
CA GLY A 1 6.66 -21.71 0.44
C GLY A 1 7.28 -21.52 1.81
N SER A 2 7.87 -20.36 2.04
CA SER A 2 8.52 -20.06 3.31
C SER A 2 8.52 -18.56 3.58
N SER A 3 8.38 -18.20 4.85
CA SER A 3 8.37 -16.79 5.25
C SER A 3 9.67 -16.10 4.86
N GLY A 4 9.57 -14.84 4.46
CA GLY A 4 10.75 -14.09 4.08
C GLY A 4 10.44 -12.63 3.81
N SER A 5 9.82 -11.97 4.79
CA SER A 5 9.48 -10.56 4.66
C SER A 5 10.73 -9.69 4.59
N SER A 6 10.97 -9.09 3.43
CA SER A 6 12.13 -8.24 3.25
C SER A 6 12.13 -7.07 4.24
N GLY A 7 11.05 -6.30 4.21
CA GLY A 7 10.93 -5.16 5.11
C GLY A 7 10.45 -3.91 4.39
N GLN A 8 10.97 -3.67 3.20
CA GLN A 8 10.60 -2.51 2.42
C GLN A 8 9.46 -2.83 1.46
N LEU A 9 8.42 -2.01 1.49
CA LEU A 9 7.26 -2.21 0.62
C LEU A 9 7.59 -1.85 -0.82
N PRO A 10 6.87 -2.47 -1.77
CA PRO A 10 7.07 -2.23 -3.20
C PRO A 10 6.59 -0.85 -3.62
N SER A 11 7.38 -0.20 -4.48
CA SER A 11 7.03 1.14 -4.96
C SER A 11 6.81 1.13 -6.47
N TYR A 12 5.63 1.58 -6.90
CA TYR A 12 5.29 1.62 -8.31
C TYR A 12 4.15 2.60 -8.56
N ARG A 13 4.19 3.26 -9.72
CA ARG A 13 3.17 4.23 -10.09
C ARG A 13 1.99 3.54 -10.77
N PHE A 14 0.78 3.88 -10.35
CA PHE A 14 -0.42 3.30 -10.93
C PHE A 14 -0.39 3.38 -12.45
N ASN A 15 -1.09 2.44 -13.08
CA ASN A 15 -1.15 2.40 -14.54
C ASN A 15 -2.59 2.36 -15.04
N PRO A 16 -3.06 3.50 -15.57
CA PRO A 16 -4.42 3.63 -16.09
C PRO A 16 -4.63 2.84 -17.36
N ASN A 17 -3.56 2.67 -18.13
CA ASN A 17 -3.64 1.93 -19.39
C ASN A 17 -4.17 0.52 -19.16
N ASN A 18 -3.62 -0.17 -18.15
CA ASN A 18 -4.04 -1.52 -17.83
C ASN A 18 -3.41 -1.99 -16.52
N HIS A 19 -4.25 -2.18 -15.51
CA HIS A 19 -3.76 -2.63 -14.20
C HIS A 19 -4.35 -3.99 -13.85
N GLN A 20 -3.82 -4.60 -12.78
CA GLN A 20 -4.30 -5.91 -12.34
C GLN A 20 -5.72 -5.82 -11.83
N SER A 21 -5.94 -5.01 -10.79
CA SER A 21 -7.26 -4.85 -10.20
C SER A 21 -7.73 -3.41 -10.31
N GLU A 22 -9.01 -3.22 -10.61
CA GLU A 22 -9.58 -1.90 -10.75
C GLU A 22 -10.14 -1.40 -9.42
N GLN A 23 -9.77 -2.09 -8.35
CA GLN A 23 -10.23 -1.72 -7.00
C GLN A 23 -9.17 -0.91 -6.27
N THR A 24 -8.61 0.08 -6.97
CA THR A 24 -7.57 0.93 -6.38
C THR A 24 -8.20 2.08 -5.59
N LEU A 25 -8.22 1.94 -4.27
CA LEU A 25 -8.79 2.96 -3.40
C LEU A 25 -7.99 3.08 -2.12
N CYS A 26 -7.92 4.30 -1.58
CA CYS A 26 -7.19 4.55 -0.35
C CYS A 26 -8.13 4.64 0.84
N VAL A 27 -8.24 3.56 1.59
CA VAL A 27 -9.11 3.51 2.76
C VAL A 27 -8.72 4.58 3.78
N VAL A 28 -7.46 5.03 3.71
CA VAL A 28 -6.97 6.04 4.62
C VAL A 28 -7.68 7.37 4.40
N CYS A 29 -7.47 7.97 3.24
CA CYS A 29 -8.10 9.25 2.91
C CYS A 29 -9.34 9.04 2.06
N MET A 30 -9.84 7.81 2.04
CA MET A 30 -11.03 7.47 1.26
C MET A 30 -11.03 8.21 -0.08
N CYS A 31 -9.91 8.10 -0.80
CA CYS A 31 -9.79 8.76 -2.09
C CYS A 31 -9.06 7.86 -3.09
N ASP A 32 -9.47 7.93 -4.35
CA ASP A 32 -8.87 7.11 -5.39
C ASP A 32 -7.52 7.70 -5.82
N PHE A 33 -6.47 6.87 -5.74
CA PHE A 33 -5.12 7.31 -6.10
C PHE A 33 -5.13 7.98 -7.47
N GLU A 34 -4.02 8.60 -7.83
CA GLU A 34 -3.88 9.28 -9.11
C GLU A 34 -3.45 8.31 -10.20
N SER A 35 -3.38 8.81 -11.43
CA SER A 35 -2.97 7.99 -12.57
C SER A 35 -1.46 7.88 -12.65
N ARG A 36 -0.77 8.90 -12.15
CA ARG A 36 0.69 8.93 -12.17
C ARG A 36 1.24 9.36 -10.81
N GLN A 37 1.10 8.50 -9.82
CA GLN A 37 1.58 8.80 -8.47
C GLN A 37 2.09 7.53 -7.78
N LEU A 38 3.04 7.71 -6.86
CA LEU A 38 3.61 6.58 -6.13
C LEU A 38 2.61 6.03 -5.12
N LEU A 39 2.29 4.74 -5.25
CA LEU A 39 1.35 4.09 -4.36
C LEU A 39 1.95 2.83 -3.76
N ARG A 40 1.69 2.59 -2.48
CA ARG A 40 2.22 1.42 -1.80
C ARG A 40 1.12 0.38 -1.60
N VAL A 41 1.42 -0.86 -1.96
CA VAL A 41 0.47 -1.97 -1.83
C VAL A 41 0.80 -2.85 -0.64
N LEU A 42 -0.11 -2.91 0.33
CA LEU A 42 0.09 -3.72 1.53
C LEU A 42 0.26 -5.19 1.16
N PRO A 43 0.90 -5.96 2.05
CA PRO A 43 1.14 -7.39 1.85
C PRO A 43 -0.15 -8.20 1.92
N CYS A 44 -1.28 -7.51 2.07
CA CYS A 44 -2.57 -8.17 2.15
C CYS A 44 -3.35 -8.01 0.85
N ASN A 45 -2.67 -7.53 -0.19
CA ASN A 45 -3.29 -7.33 -1.49
C ASN A 45 -4.18 -6.09 -1.47
N HIS A 46 -3.67 -5.01 -0.89
CA HIS A 46 -4.43 -3.76 -0.82
C HIS A 46 -3.56 -2.58 -1.25
N GLU A 47 -4.17 -1.66 -1.99
CA GLU A 47 -3.45 -0.48 -2.48
C GLU A 47 -3.61 0.68 -1.51
N PHE A 48 -2.55 1.48 -1.36
CA PHE A 48 -2.57 2.62 -0.47
C PHE A 48 -1.65 3.73 -0.98
N HIS A 49 -1.73 4.91 -0.35
CA HIS A 49 -0.90 6.04 -0.73
C HIS A 49 0.45 5.99 -0.04
N ALA A 50 1.52 6.05 -0.81
CA ALA A 50 2.87 6.02 -0.26
C ALA A 50 3.00 6.97 0.92
N LYS A 51 2.21 8.04 0.92
CA LYS A 51 2.24 9.01 2.00
C LYS A 51 1.28 8.61 3.12
N CYS A 52 0.02 8.42 2.76
CA CYS A 52 -1.00 8.03 3.75
C CYS A 52 -0.53 6.84 4.57
N VAL A 53 -0.40 5.69 3.91
CA VAL A 53 0.03 4.46 4.59
C VAL A 53 1.23 4.74 5.50
N ASP A 54 2.07 5.69 5.08
CA ASP A 54 3.26 6.05 5.85
C ASP A 54 2.87 6.55 7.24
N LYS A 55 2.02 7.58 7.28
CA LYS A 55 1.58 8.16 8.54
C LYS A 55 0.75 7.15 9.33
N TRP A 56 -0.12 6.43 8.63
CA TRP A 56 -0.97 5.43 9.27
C TRP A 56 -0.14 4.40 10.03
N LEU A 57 0.67 3.65 9.29
CA LEU A 57 1.52 2.63 9.88
C LEU A 57 2.16 3.14 11.17
N LYS A 58 2.38 4.45 11.25
CA LYS A 58 2.97 5.06 12.44
C LYS A 58 2.05 4.92 13.64
N ALA A 59 0.76 5.15 13.42
CA ALA A 59 -0.24 5.05 14.49
C ALA A 59 -0.67 3.60 14.70
N ASN A 60 -0.97 2.91 13.60
CA ASN A 60 -1.41 1.53 13.66
C ASN A 60 -0.57 0.65 12.72
N ARG A 61 0.10 -0.34 13.30
CA ARG A 61 0.94 -1.24 12.51
C ARG A 61 0.09 -2.33 11.85
N THR A 62 -1.08 -1.93 11.36
CA THR A 62 -1.98 -2.87 10.71
C THR A 62 -2.69 -2.22 9.53
N CYS A 63 -3.32 -3.04 8.69
CA CYS A 63 -4.04 -2.54 7.52
C CYS A 63 -5.36 -1.90 7.93
N PRO A 64 -5.55 -0.64 7.52
CA PRO A 64 -6.78 0.11 7.84
C PRO A 64 -7.99 -0.42 7.09
N ILE A 65 -7.83 -1.59 6.47
CA ILE A 65 -8.93 -2.21 5.72
C ILE A 65 -9.28 -3.57 6.31
N CYS A 66 -8.34 -4.52 6.18
CA CYS A 66 -8.55 -5.87 6.69
C CYS A 66 -7.74 -6.10 7.97
N ARG A 67 -7.36 -5.01 8.62
CA ARG A 67 -6.58 -5.09 9.85
C ARG A 67 -5.64 -6.29 9.82
N ALA A 68 -5.14 -6.61 8.63
CA ALA A 68 -4.22 -7.73 8.46
C ALA A 68 -2.79 -7.30 8.73
N ASP A 69 -2.20 -7.87 9.79
CA ASP A 69 -0.83 -7.55 10.15
C ASP A 69 0.04 -7.37 8.91
N SER A 70 0.68 -6.20 8.81
CA SER A 70 1.54 -5.89 7.67
C SER A 70 2.93 -6.47 7.87
N GLY A 71 3.48 -6.27 9.07
CA GLY A 71 4.81 -6.77 9.38
C GLY A 71 5.40 -6.10 10.60
N PRO A 72 6.16 -6.88 11.39
CA PRO A 72 6.79 -6.38 12.61
C PRO A 72 7.95 -5.42 12.31
N SER A 73 7.74 -4.15 12.64
CA SER A 73 8.76 -3.13 12.40
C SER A 73 8.59 -1.95 13.35
N SER A 74 9.53 -1.02 13.30
CA SER A 74 9.49 0.16 14.17
C SER A 74 9.02 1.39 13.40
N GLY A 75 9.77 1.73 12.35
CA GLY A 75 9.42 2.89 11.53
C GLY A 75 8.02 2.81 10.98
ZN ZN B . -4.60 8.35 0.46
ZN ZN C . -5.57 -5.22 3.93
N GLY A 1 21.14 -8.94 -15.15
CA GLY A 1 19.74 -9.30 -14.98
C GLY A 1 19.19 -8.87 -13.64
N SER A 2 18.56 -7.71 -13.60
CA SER A 2 18.00 -7.19 -12.35
C SER A 2 17.32 -8.31 -11.56
N SER A 3 17.78 -8.52 -10.34
CA SER A 3 17.23 -9.55 -9.47
C SER A 3 16.24 -8.96 -8.47
N GLY A 4 15.23 -9.74 -8.12
CA GLY A 4 14.23 -9.28 -7.17
C GLY A 4 14.77 -9.18 -5.76
N SER A 5 14.52 -8.05 -5.11
CA SER A 5 15.00 -7.84 -3.74
C SER A 5 13.89 -8.12 -2.74
N SER A 6 14.27 -8.32 -1.47
CA SER A 6 13.31 -8.59 -0.42
C SER A 6 13.59 -7.72 0.80
N GLY A 7 12.75 -6.72 1.01
CA GLY A 7 12.92 -5.82 2.15
C GLY A 7 11.91 -4.69 2.15
N GLN A 8 11.65 -4.13 0.97
CA GLN A 8 10.70 -3.03 0.84
C GLN A 8 9.61 -3.36 -0.18
N LEU A 9 8.44 -2.78 0.01
CA LEU A 9 7.31 -3.01 -0.90
C LEU A 9 7.62 -2.46 -2.29
N PRO A 10 7.00 -3.07 -3.32
CA PRO A 10 7.18 -2.65 -4.70
C PRO A 10 6.56 -1.30 -5.00
N SER A 11 7.30 -0.45 -5.71
CA SER A 11 6.82 0.89 -6.05
C SER A 11 6.36 0.93 -7.50
N TYR A 12 5.15 1.42 -7.72
CA TYR A 12 4.59 1.53 -9.06
C TYR A 12 3.69 2.75 -9.18
N ARG A 13 3.61 3.30 -10.39
CA ARG A 13 2.78 4.48 -10.64
C ARG A 13 1.39 4.07 -11.09
N PHE A 14 0.37 4.72 -10.53
CA PHE A 14 -1.01 4.42 -10.87
C PHE A 14 -1.24 4.53 -12.38
N ASN A 15 -1.62 3.42 -12.99
CA ASN A 15 -1.87 3.38 -14.43
C ASN A 15 -3.37 3.39 -14.72
N PRO A 16 -3.87 4.53 -15.19
CA PRO A 16 -5.29 4.69 -15.54
C PRO A 16 -5.69 3.89 -16.77
N ASN A 17 -4.74 3.12 -17.30
CA ASN A 17 -4.99 2.31 -18.48
C ASN A 17 -5.10 0.83 -18.11
N ASN A 18 -4.29 0.41 -17.14
CA ASN A 18 -4.29 -0.98 -16.69
C ASN A 18 -3.71 -1.10 -15.29
N HIS A 19 -4.53 -1.55 -14.34
CA HIS A 19 -4.09 -1.72 -12.97
C HIS A 19 -4.20 -3.18 -12.53
N GLN A 20 -3.43 -3.54 -11.51
CA GLN A 20 -3.44 -4.91 -11.00
C GLN A 20 -4.83 -5.29 -10.51
N SER A 21 -5.49 -4.38 -9.81
CA SER A 21 -6.83 -4.63 -9.29
C SER A 21 -7.76 -3.47 -9.62
N GLU A 22 -8.87 -3.79 -10.30
CA GLU A 22 -9.84 -2.77 -10.68
C GLU A 22 -10.26 -1.94 -9.47
N GLN A 23 -10.06 -2.49 -8.28
CA GLN A 23 -10.42 -1.81 -7.05
C GLN A 23 -9.24 -1.02 -6.50
N THR A 24 -9.18 0.27 -6.84
CA THR A 24 -8.10 1.13 -6.38
C THR A 24 -8.64 2.30 -5.57
N LEU A 25 -8.57 2.18 -4.25
CA LEU A 25 -9.06 3.23 -3.36
C LEU A 25 -8.19 3.32 -2.10
N CYS A 26 -8.10 4.52 -1.55
CA CYS A 26 -7.29 4.75 -0.34
C CYS A 26 -8.19 4.83 0.89
N VAL A 27 -8.33 3.71 1.58
CA VAL A 27 -9.16 3.65 2.78
C VAL A 27 -8.80 4.77 3.76
N VAL A 28 -7.51 5.07 3.85
CA VAL A 28 -7.03 6.12 4.73
C VAL A 28 -7.77 7.44 4.47
N CYS A 29 -7.48 8.05 3.33
CA CYS A 29 -8.11 9.31 2.96
C CYS A 29 -9.30 9.07 2.03
N MET A 30 -9.84 7.86 2.07
CA MET A 30 -10.97 7.50 1.23
C MET A 30 -10.91 8.24 -0.12
N CYS A 31 -9.79 8.11 -0.81
CA CYS A 31 -9.61 8.76 -2.09
C CYS A 31 -8.87 7.84 -3.06
N ASP A 32 -9.34 7.81 -4.31
CA ASP A 32 -8.72 6.97 -5.32
C ASP A 32 -7.44 7.61 -5.86
N PHE A 33 -6.30 6.98 -5.57
CA PHE A 33 -5.01 7.48 -6.02
C PHE A 33 -5.12 8.13 -7.39
N GLU A 34 -4.28 9.14 -7.63
CA GLU A 34 -4.29 9.84 -8.91
C GLU A 34 -3.33 9.20 -9.90
N SER A 35 -3.23 9.77 -11.09
CA SER A 35 -2.36 9.24 -12.13
C SER A 35 -0.94 9.78 -11.96
N ARG A 36 0.04 8.98 -12.38
CA ARG A 36 1.44 9.37 -12.28
C ARG A 36 1.81 9.71 -10.83
N GLN A 37 1.47 8.80 -9.91
CA GLN A 37 1.77 9.01 -8.49
C GLN A 37 2.25 7.71 -7.85
N LEU A 38 3.16 7.84 -6.89
CA LEU A 38 3.70 6.68 -6.19
C LEU A 38 2.69 6.12 -5.20
N LEU A 39 2.64 4.80 -5.10
CA LEU A 39 1.71 4.13 -4.19
C LEU A 39 2.38 2.93 -3.52
N ARG A 40 1.79 2.47 -2.42
CA ARG A 40 2.31 1.32 -1.69
C ARG A 40 1.23 0.29 -1.43
N VAL A 41 1.45 -0.93 -1.90
CA VAL A 41 0.49 -2.01 -1.70
C VAL A 41 0.86 -2.88 -0.51
N LEU A 42 -0.07 -2.98 0.44
CA LEU A 42 0.16 -3.78 1.64
C LEU A 42 0.34 -5.26 1.29
N PRO A 43 0.98 -6.02 2.20
CA PRO A 43 1.22 -7.44 2.00
C PRO A 43 -0.07 -8.27 2.08
N CYS A 44 -1.19 -7.58 2.20
CA CYS A 44 -2.49 -8.24 2.28
C CYS A 44 -3.29 -8.04 1.00
N ASN A 45 -2.62 -7.53 -0.04
CA ASN A 45 -3.28 -7.28 -1.31
C ASN A 45 -4.18 -6.05 -1.24
N HIS A 46 -3.61 -4.95 -0.75
CA HIS A 46 -4.37 -3.70 -0.63
C HIS A 46 -3.53 -2.52 -1.08
N GLU A 47 -4.13 -1.65 -1.90
CA GLU A 47 -3.44 -0.47 -2.41
C GLU A 47 -3.63 0.73 -1.48
N PHE A 48 -2.60 1.56 -1.37
CA PHE A 48 -2.66 2.73 -0.50
C PHE A 48 -1.76 3.85 -1.06
N HIS A 49 -1.83 5.01 -0.42
CA HIS A 49 -1.03 6.15 -0.84
C HIS A 49 0.36 6.11 -0.20
N ALA A 50 1.39 6.12 -1.03
CA ALA A 50 2.76 6.08 -0.55
C ALA A 50 2.94 6.97 0.68
N LYS A 51 2.12 8.01 0.76
CA LYS A 51 2.18 8.94 1.88
C LYS A 51 1.24 8.51 3.00
N CYS A 52 -0.04 8.35 2.66
CA CYS A 52 -1.03 7.95 3.64
C CYS A 52 -0.57 6.72 4.42
N VAL A 53 -0.45 5.59 3.71
CA VAL A 53 -0.01 4.34 4.34
C VAL A 53 1.13 4.60 5.33
N ASP A 54 1.90 5.65 5.08
CA ASP A 54 3.01 5.99 5.96
C ASP A 54 2.50 6.61 7.26
N LYS A 55 1.49 7.45 7.16
CA LYS A 55 0.91 8.10 8.32
C LYS A 55 0.20 7.09 9.22
N TRP A 56 -0.45 6.10 8.59
CA TRP A 56 -1.16 5.07 9.34
C TRP A 56 -0.19 4.15 10.07
N LEU A 57 0.66 3.48 9.31
CA LEU A 57 1.64 2.56 9.89
C LEU A 57 2.29 3.17 11.13
N LYS A 58 2.57 4.47 11.07
CA LYS A 58 3.18 5.18 12.18
C LYS A 58 2.34 5.03 13.45
N ALA A 59 1.03 5.20 13.31
CA ALA A 59 0.12 5.07 14.44
C ALA A 59 -0.13 3.61 14.79
N ASN A 60 -0.40 2.80 13.77
CA ASN A 60 -0.66 1.38 13.98
C ASN A 60 0.03 0.54 12.91
N ARG A 61 0.86 -0.40 13.35
CA ARG A 61 1.58 -1.28 12.42
C ARG A 61 0.66 -2.34 11.84
N THR A 62 -0.50 -1.91 11.34
CA THR A 62 -1.47 -2.82 10.75
C THR A 62 -2.15 -2.20 9.54
N CYS A 63 -3.02 -2.96 8.89
CA CYS A 63 -3.73 -2.48 7.72
C CYS A 63 -5.05 -1.83 8.12
N PRO A 64 -5.25 -0.57 7.70
CA PRO A 64 -6.46 0.19 8.00
C PRO A 64 -7.68 -0.35 7.28
N ILE A 65 -7.53 -1.50 6.64
CA ILE A 65 -8.62 -2.13 5.91
C ILE A 65 -9.00 -3.47 6.53
N CYS A 66 -8.06 -4.40 6.52
CA CYS A 66 -8.29 -5.73 7.07
C CYS A 66 -7.50 -5.92 8.37
N ARG A 67 -7.13 -4.80 9.00
CA ARG A 67 -6.37 -4.85 10.24
C ARG A 67 -5.34 -5.97 10.21
N ALA A 68 -4.90 -6.33 9.01
CA ALA A 68 -3.92 -7.39 8.84
C ALA A 68 -2.50 -6.86 9.06
N ASP A 69 -1.88 -7.25 10.16
CA ASP A 69 -0.53 -6.81 10.48
C ASP A 69 0.34 -6.80 9.24
N SER A 70 1.05 -5.69 9.03
CA SER A 70 1.92 -5.55 7.86
C SER A 70 3.19 -6.37 8.03
N GLY A 71 3.74 -6.35 9.24
CA GLY A 71 4.96 -7.10 9.51
C GLY A 71 5.36 -7.03 10.97
N PRO A 72 6.50 -7.67 11.30
CA PRO A 72 7.02 -7.69 12.67
C PRO A 72 7.54 -6.32 13.12
N SER A 73 7.39 -6.04 14.41
CA SER A 73 7.84 -4.76 14.96
C SER A 73 9.34 -4.73 15.12
N SER A 74 10.03 -4.32 14.06
CA SER A 74 11.49 -4.25 14.07
C SER A 74 11.97 -3.01 14.83
N GLY A 75 11.59 -1.83 14.31
CA GLY A 75 11.99 -0.59 14.95
C GLY A 75 11.73 -0.59 16.45
ZN ZN B . -4.66 8.53 0.40
ZN ZN C . -5.32 -5.24 4.24
N GLY A 1 14.91 4.27 10.93
CA GLY A 1 16.24 4.29 10.35
C GLY A 1 16.60 2.98 9.68
N SER A 2 16.69 1.92 10.47
CA SER A 2 17.04 0.61 9.96
C SER A 2 15.89 -0.38 10.15
N SER A 3 15.38 -0.45 11.38
CA SER A 3 14.28 -1.36 11.70
C SER A 3 14.54 -2.74 11.13
N GLY A 4 15.79 -3.21 11.24
CA GLY A 4 16.13 -4.52 10.72
C GLY A 4 16.02 -4.60 9.21
N SER A 5 16.75 -5.54 8.61
CA SER A 5 16.73 -5.72 7.17
C SER A 5 15.36 -6.23 6.70
N SER A 6 14.71 -5.45 5.84
CA SER A 6 13.40 -5.82 5.32
C SER A 6 13.32 -5.53 3.82
N GLY A 7 12.32 -6.13 3.17
CA GLY A 7 12.15 -5.93 1.75
C GLY A 7 11.16 -4.82 1.44
N GLN A 8 11.66 -3.59 1.39
CA GLN A 8 10.81 -2.45 1.10
C GLN A 8 9.78 -2.77 0.02
N LEU A 9 8.51 -2.58 0.34
CA LEU A 9 7.43 -2.85 -0.61
C LEU A 9 7.77 -2.29 -1.99
N PRO A 10 7.19 -2.91 -3.04
CA PRO A 10 7.41 -2.49 -4.42
C PRO A 10 6.75 -1.15 -4.72
N SER A 11 7.56 -0.17 -5.10
CA SER A 11 7.06 1.16 -5.41
C SER A 11 6.77 1.29 -6.91
N TYR A 12 5.57 1.75 -7.23
CA TYR A 12 5.17 1.93 -8.62
C TYR A 12 4.00 2.90 -8.73
N ARG A 13 3.93 3.62 -9.86
CA ARG A 13 2.87 4.58 -10.09
C ARG A 13 1.65 3.90 -10.72
N PHE A 14 0.48 4.15 -10.16
CA PHE A 14 -0.75 3.57 -10.66
C PHE A 14 -0.85 3.75 -12.17
N ASN A 15 -1.66 2.90 -12.81
CA ASN A 15 -1.84 2.97 -14.26
C ASN A 15 -3.32 2.77 -14.62
N PRO A 16 -3.90 3.77 -15.31
CA PRO A 16 -5.30 3.72 -15.74
C PRO A 16 -5.54 2.70 -16.83
N ASN A 17 -4.45 2.18 -17.40
CA ASN A 17 -4.54 1.19 -18.47
C ASN A 17 -4.73 -0.21 -17.89
N ASN A 18 -4.15 -0.45 -16.72
CA ASN A 18 -4.25 -1.75 -16.07
C ASN A 18 -3.75 -1.68 -14.63
N HIS A 19 -4.31 -2.51 -13.76
CA HIS A 19 -3.93 -2.54 -12.36
C HIS A 19 -4.17 -3.93 -11.76
N GLN A 20 -3.58 -4.17 -10.59
CA GLN A 20 -3.73 -5.44 -9.91
C GLN A 20 -5.15 -5.61 -9.38
N SER A 21 -5.58 -4.68 -8.55
CA SER A 21 -6.92 -4.73 -7.96
C SER A 21 -7.82 -3.67 -8.59
N GLU A 22 -8.94 -4.11 -9.15
CA GLU A 22 -9.89 -3.20 -9.78
C GLU A 22 -10.43 -2.20 -8.76
N GLN A 23 -10.62 -2.66 -7.52
CA GLN A 23 -11.14 -1.80 -6.46
C GLN A 23 -10.01 -1.05 -5.77
N THR A 24 -9.02 -0.61 -6.56
CA THR A 24 -7.89 0.12 -6.02
C THR A 24 -8.32 1.47 -5.46
N LEU A 25 -8.47 1.55 -4.14
CA LEU A 25 -8.87 2.79 -3.50
C LEU A 25 -8.18 2.94 -2.15
N CYS A 26 -7.82 4.18 -1.81
CA CYS A 26 -7.15 4.47 -0.54
C CYS A 26 -8.16 4.58 0.59
N VAL A 27 -8.13 3.62 1.50
CA VAL A 27 -9.05 3.61 2.64
C VAL A 27 -8.66 4.68 3.65
N VAL A 28 -7.42 5.15 3.57
CA VAL A 28 -6.92 6.17 4.49
C VAL A 28 -7.62 7.51 4.24
N CYS A 29 -7.39 8.08 3.07
CA CYS A 29 -7.99 9.36 2.71
C CYS A 29 -9.30 9.15 1.96
N MET A 30 -9.68 7.89 1.77
CA MET A 30 -10.91 7.55 1.06
C MET A 30 -11.00 8.30 -0.26
N CYS A 31 -9.89 8.32 -0.99
CA CYS A 31 -9.85 9.00 -2.29
C CYS A 31 -9.07 8.18 -3.31
N ASP A 32 -9.62 8.07 -4.52
CA ASP A 32 -8.97 7.32 -5.58
C ASP A 32 -7.50 7.69 -5.70
N PHE A 33 -6.72 6.80 -6.30
CA PHE A 33 -5.29 7.04 -6.47
C PHE A 33 -5.02 7.82 -7.75
N GLU A 34 -3.74 8.00 -8.07
CA GLU A 34 -3.35 8.74 -9.27
C GLU A 34 -2.29 7.98 -10.06
N SER A 35 -2.38 8.04 -11.38
CA SER A 35 -1.43 7.35 -12.25
C SER A 35 -0.04 7.98 -12.13
N ARG A 36 -0.01 9.25 -11.72
CA ARG A 36 1.25 9.97 -11.57
C ARG A 36 1.59 10.17 -10.10
N GLN A 37 1.33 9.14 -9.29
CA GLN A 37 1.61 9.20 -7.86
C GLN A 37 2.07 7.85 -7.34
N LEU A 38 3.14 7.86 -6.54
CA LEU A 38 3.68 6.63 -5.97
C LEU A 38 2.73 6.05 -4.92
N LEU A 39 2.37 4.78 -5.09
CA LEU A 39 1.48 4.11 -4.16
C LEU A 39 2.14 2.89 -3.55
N ARG A 40 1.73 2.54 -2.34
CA ARG A 40 2.28 1.39 -1.64
C ARG A 40 1.21 0.33 -1.38
N VAL A 41 1.44 -0.87 -1.90
CA VAL A 41 0.50 -1.98 -1.73
C VAL A 41 0.84 -2.81 -0.49
N LEU A 42 -0.10 -2.88 0.44
CA LEU A 42 0.10 -3.64 1.67
C LEU A 42 0.27 -5.13 1.37
N PRO A 43 0.88 -5.86 2.31
CA PRO A 43 1.12 -7.29 2.16
C PRO A 43 -0.17 -8.11 2.24
N CYS A 44 -1.30 -7.40 2.29
CA CYS A 44 -2.60 -8.06 2.35
C CYS A 44 -3.40 -7.82 1.08
N ASN A 45 -2.70 -7.52 -0.01
CA ASN A 45 -3.34 -7.27 -1.30
C ASN A 45 -4.24 -6.05 -1.22
N HIS A 46 -3.67 -4.93 -0.78
CA HIS A 46 -4.43 -3.69 -0.66
C HIS A 46 -3.60 -2.50 -1.14
N GLU A 47 -4.23 -1.60 -1.90
CA GLU A 47 -3.54 -0.43 -2.41
C GLU A 47 -3.68 0.75 -1.45
N PHE A 48 -2.62 1.55 -1.35
CA PHE A 48 -2.62 2.71 -0.46
C PHE A 48 -1.71 3.81 -1.00
N HIS A 49 -1.73 4.96 -0.34
CA HIS A 49 -0.91 6.09 -0.76
C HIS A 49 0.43 6.09 -0.01
N ALA A 50 1.51 6.25 -0.76
CA ALA A 50 2.85 6.28 -0.17
C ALA A 50 2.91 7.24 1.00
N LYS A 51 2.03 8.24 1.00
CA LYS A 51 1.99 9.23 2.06
C LYS A 51 1.02 8.79 3.17
N CYS A 52 -0.18 8.37 2.77
CA CYS A 52 -1.19 7.94 3.73
C CYS A 52 -0.67 6.77 4.56
N VAL A 53 -0.50 5.62 3.92
CA VAL A 53 -0.02 4.43 4.61
C VAL A 53 1.15 4.76 5.53
N ASP A 54 2.03 5.65 5.06
CA ASP A 54 3.19 6.05 5.85
C ASP A 54 2.76 6.58 7.21
N LYS A 55 1.81 7.52 7.21
CA LYS A 55 1.32 8.10 8.44
C LYS A 55 0.55 7.08 9.27
N TRP A 56 -0.21 6.24 8.60
CA TRP A 56 -0.99 5.20 9.27
C TRP A 56 -0.08 4.21 9.99
N LEU A 57 0.74 3.51 9.22
CA LEU A 57 1.66 2.53 9.78
C LEU A 57 2.33 3.07 11.02
N LYS A 58 2.55 4.37 11.06
CA LYS A 58 3.18 5.03 12.20
C LYS A 58 2.29 4.93 13.44
N ALA A 59 0.99 5.16 13.25
CA ALA A 59 0.04 5.09 14.36
C ALA A 59 -0.36 3.65 14.66
N ASN A 60 -0.67 2.89 13.61
CA ASN A 60 -1.07 1.50 13.77
C ASN A 60 -0.28 0.60 12.82
N ARG A 61 0.31 -0.45 13.36
CA ARG A 61 1.09 -1.40 12.56
C ARG A 61 0.19 -2.42 11.90
N THR A 62 -1.00 -1.99 11.50
CA THR A 62 -1.96 -2.87 10.85
C THR A 62 -2.59 -2.20 9.63
N CYS A 63 -3.43 -2.95 8.92
CA CYS A 63 -4.09 -2.43 7.73
C CYS A 63 -5.42 -1.79 8.09
N PRO A 64 -5.61 -0.53 7.64
CA PRO A 64 -6.84 0.23 7.90
C PRO A 64 -8.03 -0.33 7.14
N ILE A 65 -7.85 -1.49 6.52
CA ILE A 65 -8.92 -2.13 5.76
C ILE A 65 -9.29 -3.48 6.37
N CYS A 66 -8.33 -4.41 6.38
CA CYS A 66 -8.57 -5.73 6.93
C CYS A 66 -7.83 -5.91 8.26
N ARG A 67 -7.54 -4.79 8.92
CA ARG A 67 -6.85 -4.82 10.19
C ARG A 67 -5.76 -5.88 10.20
N ALA A 68 -5.25 -6.21 9.02
CA ALA A 68 -4.21 -7.22 8.88
C ALA A 68 -2.85 -6.67 9.34
N ASP A 69 -2.18 -7.43 10.19
CA ASP A 69 -0.87 -7.03 10.70
C ASP A 69 0.12 -6.84 9.57
N SER A 70 0.63 -5.62 9.43
CA SER A 70 1.59 -5.30 8.38
C SER A 70 3.00 -5.72 8.79
N GLY A 71 3.11 -6.90 9.37
CA GLY A 71 4.40 -7.40 9.80
C GLY A 71 4.51 -8.91 9.72
N PRO A 72 5.52 -9.40 8.98
CA PRO A 72 5.75 -10.84 8.81
C PRO A 72 6.23 -11.50 10.10
N SER A 73 6.71 -10.69 11.03
CA SER A 73 7.21 -11.21 12.31
C SER A 73 6.55 -10.48 13.48
N SER A 74 6.89 -10.90 14.69
CA SER A 74 6.33 -10.30 15.89
C SER A 74 7.39 -9.48 16.63
N GLY A 75 6.96 -8.36 17.20
CA GLY A 75 7.89 -7.50 17.93
C GLY A 75 7.17 -6.50 18.81
ZN ZN B . -4.67 8.32 0.34
ZN ZN C . -5.53 -5.13 4.19
#